data_6FUU
# 
_entry.id   6FUU 
# 
_audit_conform.dict_name       mmcif_pdbx.dic 
_audit_conform.dict_version    5.383 
_audit_conform.dict_location   http://mmcif.pdb.org/dictionaries/ascii/mmcif_pdbx.dic 
# 
loop_
_database_2.database_id 
_database_2.database_code 
_database_2.pdbx_database_accession 
_database_2.pdbx_DOI 
PDB   6FUU         pdb_00006fuu 10.2210/pdb6fuu/pdb 
WWPDB D_1200008920 ?            ?                   
# 
loop_
_pdbx_audit_revision_history.ordinal 
_pdbx_audit_revision_history.data_content_type 
_pdbx_audit_revision_history.major_revision 
_pdbx_audit_revision_history.minor_revision 
_pdbx_audit_revision_history.revision_date 
1 'Structure model' 1 0 2018-05-16 
2 'Structure model' 1 1 2018-06-27 
3 'Structure model' 1 2 2024-01-17 
# 
_pdbx_audit_revision_details.ordinal             1 
_pdbx_audit_revision_details.revision_ordinal    1 
_pdbx_audit_revision_details.data_content_type   'Structure model' 
_pdbx_audit_revision_details.provider            repository 
_pdbx_audit_revision_details.type                'Initial release' 
_pdbx_audit_revision_details.description         ? 
_pdbx_audit_revision_details.details             ? 
# 
loop_
_pdbx_audit_revision_group.ordinal 
_pdbx_audit_revision_group.revision_ordinal 
_pdbx_audit_revision_group.data_content_type 
_pdbx_audit_revision_group.group 
1 2 'Structure model' 'Data collection'        
2 2 'Structure model' 'Database references'    
3 2 'Structure model' 'Derived calculations'   
4 3 'Structure model' 'Data collection'        
5 3 'Structure model' 'Database references'    
6 3 'Structure model' 'Refinement description' 
# 
loop_
_pdbx_audit_revision_category.ordinal 
_pdbx_audit_revision_category.revision_ordinal 
_pdbx_audit_revision_category.data_content_type 
_pdbx_audit_revision_category.category 
1 2 'Structure model' citation                      
2 2 'Structure model' citation_author               
3 2 'Structure model' pdbx_struct_special_symmetry  
4 3 'Structure model' chem_comp_atom                
5 3 'Structure model' chem_comp_bond                
6 3 'Structure model' database_2                    
7 3 'Structure model' pdbx_initial_refinement_model 
# 
loop_
_pdbx_audit_revision_item.ordinal 
_pdbx_audit_revision_item.revision_ordinal 
_pdbx_audit_revision_item.data_content_type 
_pdbx_audit_revision_item.item 
1 2 'Structure model' '_citation.journal_volume'            
2 2 'Structure model' '_citation.page_first'                
3 2 'Structure model' '_citation.page_last'                 
4 2 'Structure model' '_citation_author.name'               
5 3 'Structure model' '_database_2.pdbx_DOI'                
6 3 'Structure model' '_database_2.pdbx_database_accession' 
# 
_pdbx_database_status.status_code                     REL 
_pdbx_database_status.status_code_sf                  REL 
_pdbx_database_status.status_code_mr                  ? 
_pdbx_database_status.entry_id                        6FUU 
_pdbx_database_status.recvd_initial_deposition_date   2018-02-27 
_pdbx_database_status.SG_entry                        N 
_pdbx_database_status.deposit_site                    PDBE 
_pdbx_database_status.process_site                    PDBE 
_pdbx_database_status.status_code_cs                  ? 
_pdbx_database_status.methods_development_category    ? 
_pdbx_database_status.pdb_format_compatible           Y 
_pdbx_database_status.status_code_nmr_data            ? 
# 
loop_
_audit_author.name 
_audit_author.pdbx_ordinal 
_audit_author.identifier_ORCID 
'Reddem, E.R.'         1 ? 
'Thunnissen, A.M.W.H.' 2 ? 
# 
_citation.abstract                  ? 
_citation.abstract_id_CAS           ? 
_citation.book_id_ISBN              ? 
_citation.book_publisher            ? 
_citation.book_publisher_city       ? 
_citation.book_title                ? 
_citation.coordinate_linkage        ? 
_citation.country                   GE 
_citation.database_id_Medline       ? 
_citation.details                   ? 
_citation.id                        primary 
_citation.journal_abbrev            'Angew. Chem. Int. Ed. Engl.' 
_citation.journal_id_ASTM           ACIEAY 
_citation.journal_id_CSD            0179 
_citation.journal_id_ISSN           1521-3773 
_citation.journal_full              ? 
_citation.journal_issue             ? 
_citation.journal_volume            57 
_citation.language                  ? 
_citation.page_first                7785 
_citation.page_last                 7789 
_citation.title                     'An Artificial Heme Enzyme for Cyclopropanation Reactions.' 
_citation.year                      2018 
_citation.database_id_CSD           ? 
_citation.pdbx_database_id_DOI      10.1002/anie.201802946 
_citation.pdbx_database_id_PubMed   29719099 
_citation.unpublished_flag          ? 
# 
loop_
_citation_author.citation_id 
_citation_author.name 
_citation_author.ordinal 
_citation_author.identifier_ORCID 
primary 'Villarino, L.'          1 ? 
primary 'Splan, K.E.'            2 ? 
primary 'Reddem, E.'             3 ? 
primary 'Alonso-Cotchico, L.'    4 ? 
primary 'Gutierrez de Souza, C.' 5 ? 
primary 'Lledos, A.'             6 ? 
primary 'Marechal, J.D.'         7 ? 
primary 'Thunnissen, A.W.H.'     8 ? 
primary 'Roelfes, G.'            9 ? 
# 
loop_
_entity.id 
_entity.type 
_entity.src_method 
_entity.pdbx_description 
_entity.formula_weight 
_entity.pdbx_number_of_molecules 
_entity.pdbx_ec 
_entity.pdbx_mutation 
_entity.pdbx_fragment 
_entity.details 
1 polymer     man 'Transcriptional regulator PadR family' 14764.789 1  ? ? ? 
'Residues 1-4, 70-73 and 109-126 are not included in the model due to weak/absent electron density' 
2 non-polymer syn 'PROTOPORPHYRIN IX CONTAINING FE'       616.487   1  ? ? ? ? 
3 water       nat water                                   18.015    49 ? ? ? ? 
# 
_entity_name_com.entity_id   1 
_entity_name_com.name        'Transcriptional regulator,Acidobacterial,PadR-family' 
# 
_entity_poly.entity_id                      1 
_entity_poly.type                           'polypeptide(L)' 
_entity_poly.nstd_linkage                   no 
_entity_poly.nstd_monomer                   no 
_entity_poly.pdbx_seq_one_letter_code       
;MAEIPKEMLRAQTNVILLNVLKQGDNYVYGIIKQVKEASNGEMELNEATLYTIFKRLEKDGIISSYWGDESQGGRRKYYR
LTEIGHENMRLAFESWSRVDKIIENLEANKKSEAIKSRWSHPQFEK
;
_entity_poly.pdbx_seq_one_letter_code_can   
;MAEIPKEMLRAQTNVILLNVLKQGDNYVYGIIKQVKEASNGEMELNEATLYTIFKRLEKDGIISSYWGDESQGGRRKYYR
LTEIGHENMRLAFESWSRVDKIIENLEANKKSEAIKSRWSHPQFEK
;
_entity_poly.pdbx_strand_id                 A 
_entity_poly.pdbx_target_identifier         ? 
# 
loop_
_pdbx_entity_nonpoly.entity_id 
_pdbx_entity_nonpoly.name 
_pdbx_entity_nonpoly.comp_id 
2 'PROTOPORPHYRIN IX CONTAINING FE' HEM 
3 water                             HOH 
# 
loop_
_entity_poly_seq.entity_id 
_entity_poly_seq.num 
_entity_poly_seq.mon_id 
_entity_poly_seq.hetero 
1 1   MET n 
1 2   ALA n 
1 3   GLU n 
1 4   ILE n 
1 5   PRO n 
1 6   LYS n 
1 7   GLU n 
1 8   MET n 
1 9   LEU n 
1 10  ARG n 
1 11  ALA n 
1 12  GLN n 
1 13  THR n 
1 14  ASN n 
1 15  VAL n 
1 16  ILE n 
1 17  LEU n 
1 18  LEU n 
1 19  ASN n 
1 20  VAL n 
1 21  LEU n 
1 22  LYS n 
1 23  GLN n 
1 24  GLY n 
1 25  ASP n 
1 26  ASN n 
1 27  TYR n 
1 28  VAL n 
1 29  TYR n 
1 30  GLY n 
1 31  ILE n 
1 32  ILE n 
1 33  LYS n 
1 34  GLN n 
1 35  VAL n 
1 36  LYS n 
1 37  GLU n 
1 38  ALA n 
1 39  SER n 
1 40  ASN n 
1 41  GLY n 
1 42  GLU n 
1 43  MET n 
1 44  GLU n 
1 45  LEU n 
1 46  ASN n 
1 47  GLU n 
1 48  ALA n 
1 49  THR n 
1 50  LEU n 
1 51  TYR n 
1 52  THR n 
1 53  ILE n 
1 54  PHE n 
1 55  LYS n 
1 56  ARG n 
1 57  LEU n 
1 58  GLU n 
1 59  LYS n 
1 60  ASP n 
1 61  GLY n 
1 62  ILE n 
1 63  ILE n 
1 64  SER n 
1 65  SER n 
1 66  TYR n 
1 67  TRP n 
1 68  GLY n 
1 69  ASP n 
1 70  GLU n 
1 71  SER n 
1 72  GLN n 
1 73  GLY n 
1 74  GLY n 
1 75  ARG n 
1 76  ARG n 
1 77  LYS n 
1 78  TYR n 
1 79  TYR n 
1 80  ARG n 
1 81  LEU n 
1 82  THR n 
1 83  GLU n 
1 84  ILE n 
1 85  GLY n 
1 86  HIS n 
1 87  GLU n 
1 88  ASN n 
1 89  MET n 
1 90  ARG n 
1 91  LEU n 
1 92  ALA n 
1 93  PHE n 
1 94  GLU n 
1 95  SER n 
1 96  TRP n 
1 97  SER n 
1 98  ARG n 
1 99  VAL n 
1 100 ASP n 
1 101 LYS n 
1 102 ILE n 
1 103 ILE n 
1 104 GLU n 
1 105 ASN n 
1 106 LEU n 
1 107 GLU n 
1 108 ALA n 
1 109 ASN n 
1 110 LYS n 
1 111 LYS n 
1 112 SER n 
1 113 GLU n 
1 114 ALA n 
1 115 ILE n 
1 116 LYS n 
1 117 SER n 
1 118 ARG n 
1 119 TRP n 
1 120 SER n 
1 121 HIS n 
1 122 PRO n 
1 123 GLN n 
1 124 PHE n 
1 125 GLU n 
1 126 LYS n 
# 
_entity_src_gen.entity_id                          1 
_entity_src_gen.pdbx_src_id                        1 
_entity_src_gen.pdbx_alt_source_flag               sample 
_entity_src_gen.pdbx_seq_type                      'Biological sequence' 
_entity_src_gen.pdbx_beg_seq_num                   1 
_entity_src_gen.pdbx_end_seq_num                   126 
_entity_src_gen.gene_src_common_name               'Streptococcus cremoris' 
_entity_src_gen.gene_src_genus                     ? 
_entity_src_gen.pdbx_gene_src_gene                 'NCDO763_1045, VN96_2738' 
_entity_src_gen.gene_src_species                   ? 
_entity_src_gen.gene_src_strain                    ? 
_entity_src_gen.gene_src_tissue                    ? 
_entity_src_gen.gene_src_tissue_fraction           ? 
_entity_src_gen.gene_src_details                   ? 
_entity_src_gen.pdbx_gene_src_fragment             ? 
_entity_src_gen.pdbx_gene_src_scientific_name      'Lactococcus lactis subsp. cremoris' 
_entity_src_gen.pdbx_gene_src_ncbi_taxonomy_id     1359 
_entity_src_gen.pdbx_gene_src_variant              ? 
_entity_src_gen.pdbx_gene_src_cell_line            ? 
_entity_src_gen.pdbx_gene_src_atcc                 ? 
_entity_src_gen.pdbx_gene_src_organ                ? 
_entity_src_gen.pdbx_gene_src_organelle            ? 
_entity_src_gen.pdbx_gene_src_cell                 ? 
_entity_src_gen.pdbx_gene_src_cellular_location    ? 
_entity_src_gen.host_org_common_name               ? 
_entity_src_gen.pdbx_host_org_scientific_name      'Escherichia coli' 
_entity_src_gen.pdbx_host_org_ncbi_taxonomy_id     562 
_entity_src_gen.host_org_genus                     ? 
_entity_src_gen.pdbx_host_org_gene                 ? 
_entity_src_gen.pdbx_host_org_organ                ? 
_entity_src_gen.host_org_species                   ? 
_entity_src_gen.pdbx_host_org_tissue               ? 
_entity_src_gen.pdbx_host_org_tissue_fraction      ? 
_entity_src_gen.pdbx_host_org_strain               ? 
_entity_src_gen.pdbx_host_org_variant              ? 
_entity_src_gen.pdbx_host_org_cell_line            ? 
_entity_src_gen.pdbx_host_org_atcc                 ? 
_entity_src_gen.pdbx_host_org_culture_collection   ? 
_entity_src_gen.pdbx_host_org_cell                 ? 
_entity_src_gen.pdbx_host_org_organelle            ? 
_entity_src_gen.pdbx_host_org_cellular_location    ? 
_entity_src_gen.pdbx_host_org_vector_type          ? 
_entity_src_gen.pdbx_host_org_vector               ? 
_entity_src_gen.host_org_details                   ? 
_entity_src_gen.expression_system_id               ? 
_entity_src_gen.plasmid_name                       ? 
_entity_src_gen.plasmid_details                    ? 
_entity_src_gen.pdbx_description                   ? 
# 
loop_
_chem_comp.id 
_chem_comp.type 
_chem_comp.mon_nstd_flag 
_chem_comp.name 
_chem_comp.pdbx_synonyms 
_chem_comp.formula 
_chem_comp.formula_weight 
ALA 'L-peptide linking' y ALANINE                           ?    'C3 H7 N O2'       89.093  
ARG 'L-peptide linking' y ARGININE                          ?    'C6 H15 N4 O2 1'   175.209 
ASN 'L-peptide linking' y ASPARAGINE                        ?    'C4 H8 N2 O3'      132.118 
ASP 'L-peptide linking' y 'ASPARTIC ACID'                   ?    'C4 H7 N O4'       133.103 
GLN 'L-peptide linking' y GLUTAMINE                         ?    'C5 H10 N2 O3'     146.144 
GLU 'L-peptide linking' y 'GLUTAMIC ACID'                   ?    'C5 H9 N O4'       147.129 
GLY 'peptide linking'   y GLYCINE                           ?    'C2 H5 N O2'       75.067  
HEM non-polymer         . 'PROTOPORPHYRIN IX CONTAINING FE' HEME 'C34 H32 Fe N4 O4' 616.487 
HIS 'L-peptide linking' y HISTIDINE                         ?    'C6 H10 N3 O2 1'   156.162 
HOH non-polymer         . WATER                             ?    'H2 O'             18.015  
ILE 'L-peptide linking' y ISOLEUCINE                        ?    'C6 H13 N O2'      131.173 
LEU 'L-peptide linking' y LEUCINE                           ?    'C6 H13 N O2'      131.173 
LYS 'L-peptide linking' y LYSINE                            ?    'C6 H15 N2 O2 1'   147.195 
MET 'L-peptide linking' y METHIONINE                        ?    'C5 H11 N O2 S'    149.211 
PHE 'L-peptide linking' y PHENYLALANINE                     ?    'C9 H11 N O2'      165.189 
PRO 'L-peptide linking' y PROLINE                           ?    'C5 H9 N O2'       115.130 
SER 'L-peptide linking' y SERINE                            ?    'C3 H7 N O3'       105.093 
THR 'L-peptide linking' y THREONINE                         ?    'C4 H9 N O3'       119.119 
TRP 'L-peptide linking' y TRYPTOPHAN                        ?    'C11 H12 N2 O2'    204.225 
TYR 'L-peptide linking' y TYROSINE                          ?    'C9 H11 N O3'      181.189 
VAL 'L-peptide linking' y VALINE                            ?    'C5 H11 N O2'      117.146 
# 
loop_
_pdbx_poly_seq_scheme.asym_id 
_pdbx_poly_seq_scheme.entity_id 
_pdbx_poly_seq_scheme.seq_id 
_pdbx_poly_seq_scheme.mon_id 
_pdbx_poly_seq_scheme.ndb_seq_num 
_pdbx_poly_seq_scheme.pdb_seq_num 
_pdbx_poly_seq_scheme.auth_seq_num 
_pdbx_poly_seq_scheme.pdb_mon_id 
_pdbx_poly_seq_scheme.auth_mon_id 
_pdbx_poly_seq_scheme.pdb_strand_id 
_pdbx_poly_seq_scheme.pdb_ins_code 
_pdbx_poly_seq_scheme.hetero 
A 1 1   MET 1   1   ?   ?   ?   A . n 
A 1 2   ALA 2   2   ?   ?   ?   A . n 
A 1 3   GLU 3   3   ?   ?   ?   A . n 
A 1 4   ILE 4   4   ?   ?   ?   A . n 
A 1 5   PRO 5   5   5   PRO PRO A . n 
A 1 6   LYS 6   6   6   LYS LYS A . n 
A 1 7   GLU 7   7   7   GLU GLU A . n 
A 1 8   MET 8   8   8   MET MET A . n 
A 1 9   LEU 9   9   9   LEU LEU A . n 
A 1 10  ARG 10  10  10  ARG ARG A . n 
A 1 11  ALA 11  11  11  ALA ALA A . n 
A 1 12  GLN 12  12  12  GLN GLN A . n 
A 1 13  THR 13  13  13  THR THR A . n 
A 1 14  ASN 14  14  14  ASN ASN A . n 
A 1 15  VAL 15  15  15  VAL VAL A . n 
A 1 16  ILE 16  16  16  ILE ILE A . n 
A 1 17  LEU 17  17  17  LEU LEU A . n 
A 1 18  LEU 18  18  18  LEU LEU A . n 
A 1 19  ASN 19  19  19  ASN ASN A . n 
A 1 20  VAL 20  20  20  VAL VAL A . n 
A 1 21  LEU 21  21  21  LEU LEU A . n 
A 1 22  LYS 22  22  22  LYS LYS A . n 
A 1 23  GLN 23  23  23  GLN GLN A . n 
A 1 24  GLY 24  24  24  GLY GLY A . n 
A 1 25  ASP 25  25  25  ASP ASP A . n 
A 1 26  ASN 26  26  26  ASN ASN A . n 
A 1 27  TYR 27  27  27  TYR TYR A . n 
A 1 28  VAL 28  28  28  VAL VAL A . n 
A 1 29  TYR 29  29  29  TYR TYR A . n 
A 1 30  GLY 30  30  30  GLY GLY A . n 
A 1 31  ILE 31  31  31  ILE ILE A . n 
A 1 32  ILE 32  32  32  ILE ILE A . n 
A 1 33  LYS 33  33  33  LYS LYS A . n 
A 1 34  GLN 34  34  34  GLN GLN A . n 
A 1 35  VAL 35  35  35  VAL VAL A . n 
A 1 36  LYS 36  36  36  LYS LYS A . n 
A 1 37  GLU 37  37  37  GLU GLU A . n 
A 1 38  ALA 38  38  38  ALA ALA A . n 
A 1 39  SER 39  39  39  SER SER A . n 
A 1 40  ASN 40  40  40  ASN ASN A . n 
A 1 41  GLY 41  41  41  GLY GLY A . n 
A 1 42  GLU 42  42  42  GLU GLU A . n 
A 1 43  MET 43  43  43  MET MET A . n 
A 1 44  GLU 44  44  44  GLU GLU A . n 
A 1 45  LEU 45  45  45  LEU LEU A . n 
A 1 46  ASN 46  46  46  ASN ASN A . n 
A 1 47  GLU 47  47  47  GLU GLU A . n 
A 1 48  ALA 48  48  48  ALA ALA A . n 
A 1 49  THR 49  49  49  THR THR A . n 
A 1 50  LEU 50  50  50  LEU LEU A . n 
A 1 51  TYR 51  51  51  TYR TYR A . n 
A 1 52  THR 52  52  52  THR THR A . n 
A 1 53  ILE 53  53  53  ILE ILE A . n 
A 1 54  PHE 54  54  54  PHE PHE A . n 
A 1 55  LYS 55  55  55  LYS LYS A . n 
A 1 56  ARG 56  56  56  ARG ARG A . n 
A 1 57  LEU 57  57  57  LEU LEU A . n 
A 1 58  GLU 58  58  58  GLU GLU A . n 
A 1 59  LYS 59  59  59  LYS LYS A . n 
A 1 60  ASP 60  60  60  ASP ASP A . n 
A 1 61  GLY 61  61  61  GLY GLY A . n 
A 1 62  ILE 62  62  62  ILE ILE A . n 
A 1 63  ILE 63  63  63  ILE ILE A . n 
A 1 64  SER 64  64  64  SER SER A . n 
A 1 65  SER 65  65  65  SER SER A . n 
A 1 66  TYR 66  66  66  TYR TYR A . n 
A 1 67  TRP 67  67  67  TRP TRP A . n 
A 1 68  GLY 68  68  68  GLY GLY A . n 
A 1 69  ASP 69  69  69  ASP ASP A . n 
A 1 70  GLU 70  70  ?   ?   ?   A . n 
A 1 71  SER 71  71  ?   ?   ?   A . n 
A 1 72  GLN 72  72  ?   ?   ?   A . n 
A 1 73  GLY 73  73  ?   ?   ?   A . n 
A 1 74  GLY 74  74  74  GLY GLY A . n 
A 1 75  ARG 75  75  75  ARG ARG A . n 
A 1 76  ARG 76  76  76  ARG ARG A . n 
A 1 77  LYS 77  77  77  LYS LYS A . n 
A 1 78  TYR 78  78  78  TYR TYR A . n 
A 1 79  TYR 79  79  79  TYR TYR A . n 
A 1 80  ARG 80  80  80  ARG ARG A . n 
A 1 81  LEU 81  81  81  LEU LEU A . n 
A 1 82  THR 82  82  82  THR THR A . n 
A 1 83  GLU 83  83  83  GLU GLU A . n 
A 1 84  ILE 84  84  84  ILE ILE A . n 
A 1 85  GLY 85  85  85  GLY GLY A . n 
A 1 86  HIS 86  86  86  HIS HIS A . n 
A 1 87  GLU 87  87  87  GLU GLU A . n 
A 1 88  ASN 88  88  88  ASN ASN A . n 
A 1 89  MET 89  89  89  MET MET A . n 
A 1 90  ARG 90  90  90  ARG ARG A . n 
A 1 91  LEU 91  91  91  LEU LEU A . n 
A 1 92  ALA 92  92  92  ALA ALA A . n 
A 1 93  PHE 93  93  93  PHE PHE A . n 
A 1 94  GLU 94  94  94  GLU GLU A . n 
A 1 95  SER 95  95  95  SER SER A . n 
A 1 96  TRP 96  96  96  TRP TRP A . n 
A 1 97  SER 97  97  97  SER SER A . n 
A 1 98  ARG 98  98  98  ARG ARG A . n 
A 1 99  VAL 99  99  99  VAL VAL A . n 
A 1 100 ASP 100 100 100 ASP ASP A . n 
A 1 101 LYS 101 101 101 LYS LYS A . n 
A 1 102 ILE 102 102 102 ILE ILE A . n 
A 1 103 ILE 103 103 103 ILE ILE A . n 
A 1 104 GLU 104 104 104 GLU GLU A . n 
A 1 105 ASN 105 105 105 ASN ASN A . n 
A 1 106 LEU 106 106 106 LEU LEU A . n 
A 1 107 GLU 107 107 107 GLU GLU A . n 
A 1 108 ALA 108 108 108 ALA ALA A . n 
A 1 109 ASN 109 109 ?   ?   ?   A . n 
A 1 110 LYS 110 110 ?   ?   ?   A . n 
A 1 111 LYS 111 111 ?   ?   ?   A . n 
A 1 112 SER 112 112 ?   ?   ?   A . n 
A 1 113 GLU 113 113 ?   ?   ?   A . n 
A 1 114 ALA 114 114 ?   ?   ?   A . n 
A 1 115 ILE 115 115 ?   ?   ?   A . n 
A 1 116 LYS 116 116 ?   ?   ?   A . n 
A 1 117 SER 117 117 ?   ?   ?   A . n 
A 1 118 ARG 118 118 ?   ?   ?   A . n 
A 1 119 TRP 119 119 ?   ?   ?   A . n 
A 1 120 SER 120 120 ?   ?   ?   A . n 
A 1 121 HIS 121 121 ?   ?   ?   A . n 
A 1 122 PRO 122 122 ?   ?   ?   A . n 
A 1 123 GLN 123 123 ?   ?   ?   A . n 
A 1 124 PHE 124 124 ?   ?   ?   A . n 
A 1 125 GLU 125 125 ?   ?   ?   A . n 
A 1 126 LYS 126 126 ?   ?   ?   A . n 
# 
loop_
_pdbx_nonpoly_scheme.asym_id 
_pdbx_nonpoly_scheme.entity_id 
_pdbx_nonpoly_scheme.mon_id 
_pdbx_nonpoly_scheme.ndb_seq_num 
_pdbx_nonpoly_scheme.pdb_seq_num 
_pdbx_nonpoly_scheme.auth_seq_num 
_pdbx_nonpoly_scheme.pdb_mon_id 
_pdbx_nonpoly_scheme.auth_mon_id 
_pdbx_nonpoly_scheme.pdb_strand_id 
_pdbx_nonpoly_scheme.pdb_ins_code 
B 2 HEM 1  201 1  HEM HEM A . 
C 3 HOH 1  301 24 HOH HOH A . 
C 3 HOH 2  302 10 HOH HOH A . 
C 3 HOH 3  303 42 HOH HOH A . 
C 3 HOH 4  304 48 HOH HOH A . 
C 3 HOH 5  305 58 HOH HOH A . 
C 3 HOH 6  306 12 HOH HOH A . 
C 3 HOH 7  307 43 HOH HOH A . 
C 3 HOH 8  308 26 HOH HOH A . 
C 3 HOH 9  309 11 HOH HOH A . 
C 3 HOH 10 310 9  HOH HOH A . 
C 3 HOH 11 311 27 HOH HOH A . 
C 3 HOH 12 312 31 HOH HOH A . 
C 3 HOH 13 313 45 HOH HOH A . 
C 3 HOH 14 314 1  HOH HOH A . 
C 3 HOH 15 315 2  HOH HOH A . 
C 3 HOH 16 316 5  HOH HOH A . 
C 3 HOH 17 317 35 HOH HOH A . 
C 3 HOH 18 318 14 HOH HOH A . 
C 3 HOH 19 319 15 HOH HOH A . 
C 3 HOH 20 320 22 HOH HOH A . 
C 3 HOH 21 321 40 HOH HOH A . 
C 3 HOH 22 322 17 HOH HOH A . 
C 3 HOH 23 323 39 HOH HOH A . 
C 3 HOH 24 324 36 HOH HOH A . 
C 3 HOH 25 325 4  HOH HOH A . 
C 3 HOH 26 326 6  HOH HOH A . 
C 3 HOH 27 327 32 HOH HOH A . 
C 3 HOH 28 328 20 HOH HOH A . 
C 3 HOH 29 329 7  HOH HOH A . 
C 3 HOH 30 330 46 HOH HOH A . 
C 3 HOH 31 331 19 HOH HOH A . 
C 3 HOH 32 332 13 HOH HOH A . 
C 3 HOH 33 333 34 HOH HOH A . 
C 3 HOH 34 334 33 HOH HOH A . 
C 3 HOH 35 335 16 HOH HOH A . 
C 3 HOH 36 336 54 HOH HOH A . 
C 3 HOH 37 337 25 HOH HOH A . 
C 3 HOH 38 338 57 HOH HOH A . 
C 3 HOH 39 339 3  HOH HOH A . 
C 3 HOH 40 340 23 HOH HOH A . 
C 3 HOH 41 341 21 HOH HOH A . 
C 3 HOH 42 342 28 HOH HOH A . 
C 3 HOH 43 343 30 HOH HOH A . 
C 3 HOH 44 344 38 HOH HOH A . 
C 3 HOH 45 345 29 HOH HOH A . 
C 3 HOH 46 346 56 HOH HOH A . 
C 3 HOH 47 347 41 HOH HOH A . 
C 3 HOH 48 348 49 HOH HOH A . 
C 3 HOH 49 349 44 HOH HOH A . 
# 
loop_
_software.citation_id 
_software.classification 
_software.compiler_name 
_software.compiler_version 
_software.contact_author 
_software.contact_author_email 
_software.date 
_software.description 
_software.dependencies 
_software.hardware 
_software.language 
_software.location 
_software.mods 
_software.name 
_software.os 
_software.os_version 
_software.type 
_software.version 
_software.pdbx_ordinal 
? refinement        ? ? ? ? ? ? ? ? ? ? ? PHENIX      ? ? ? 1.11.1_2575 1 
? 'data reduction'  ? ? ? ? ? ? ? ? ? ? ? XDS         ? ? ? .           2 
? 'data scaling'    ? ? ? ? ? ? ? ? ? ? ? Aimless     ? ? ? 0.5.32      3 
? 'data extraction' ? ? ? ? ? ? ? ? ? ? ? PDB_EXTRACT ? ? ? 3.24        4 
? phasing           ? ? ? ? ? ? ? ? ? ? ? PHASER      ? ? ? .           5 
# 
_cell.length_a           35.145 
_cell.length_b           35.145 
_cell.length_c           180.668 
_cell.angle_alpha        90.000 
_cell.angle_beta         90.000 
_cell.angle_gamma        90.000 
_cell.entry_id           6FUU 
_cell.Z_PDB              8 
_cell.pdbx_unique_axis   ? 
# 
_symmetry.space_group_name_H-M             'P 43 21 2' 
_symmetry.entry_id                         6FUU 
_symmetry.Int_Tables_number                96 
_symmetry.pdbx_full_space_group_name_H-M   ? 
_symmetry.cell_setting                     ? 
# 
_exptl.absorpt_coefficient_mu     ? 
_exptl.absorpt_correction_T_max   ? 
_exptl.absorpt_correction_T_min   ? 
_exptl.absorpt_correction_type    ? 
_exptl.absorpt_process_details    ? 
_exptl.entry_id                   6FUU 
_exptl.crystals_number            1 
_exptl.details                    ? 
_exptl.method                     'X-RAY DIFFRACTION' 
_exptl.method_details             ? 
# 
_exptl_crystal.colour                      ? 
_exptl_crystal.density_diffrn              ? 
_exptl_crystal.density_Matthews            1.89 
_exptl_crystal.density_method              ? 
_exptl_crystal.density_percent_sol         34.90 
_exptl_crystal.description                 ? 
_exptl_crystal.F_000                       ? 
_exptl_crystal.id                          1 
_exptl_crystal.preparation                 ? 
_exptl_crystal.size_max                    ? 
_exptl_crystal.size_mid                    ? 
_exptl_crystal.size_min                    ? 
_exptl_crystal.size_rad                    ? 
_exptl_crystal.colour_lustre               ? 
_exptl_crystal.colour_modifier             ? 
_exptl_crystal.colour_primary              ? 
_exptl_crystal.density_meas                ? 
_exptl_crystal.density_meas_esd            ? 
_exptl_crystal.density_meas_gt             ? 
_exptl_crystal.density_meas_lt             ? 
_exptl_crystal.density_meas_temp           ? 
_exptl_crystal.density_meas_temp_esd       ? 
_exptl_crystal.density_meas_temp_gt        ? 
_exptl_crystal.density_meas_temp_lt        ? 
_exptl_crystal.pdbx_crystal_image_url      ? 
_exptl_crystal.pdbx_crystal_image_format   ? 
_exptl_crystal.pdbx_mosaicity              ? 
_exptl_crystal.pdbx_mosaicity_esd          ? 
# 
_exptl_crystal_grow.apparatus       ? 
_exptl_crystal_grow.atmosphere      ? 
_exptl_crystal_grow.crystal_id      1 
_exptl_crystal_grow.details         ? 
_exptl_crystal_grow.method          'VAPOR DIFFUSION, HANGING DROP' 
_exptl_crystal_grow.method_ref      ? 
_exptl_crystal_grow.pH              6.5 
_exptl_crystal_grow.pressure        ? 
_exptl_crystal_grow.pressure_esd    ? 
_exptl_crystal_grow.seeding         ? 
_exptl_crystal_grow.seeding_ref     ? 
_exptl_crystal_grow.temp            291 
_exptl_crystal_grow.temp_details    ? 
_exptl_crystal_grow.temp_esd        ? 
_exptl_crystal_grow.time            ? 
_exptl_crystal_grow.pdbx_details    '100 mM cacodylate, 300 mM sodium acetate, 25% PEG 200 MME, 200 uM hemin' 
_exptl_crystal_grow.pdbx_pH_range   ? 
# 
_diffrn.ambient_environment    ? 
_diffrn.ambient_temp           100 
_diffrn.ambient_temp_details   ? 
_diffrn.ambient_temp_esd       ? 
_diffrn.crystal_id             1 
_diffrn.crystal_support        ? 
_diffrn.crystal_treatment      ? 
_diffrn.details                ? 
_diffrn.id                     1 
_diffrn.ambient_pressure       ? 
_diffrn.ambient_pressure_esd   ? 
_diffrn.ambient_pressure_gt    ? 
_diffrn.ambient_pressure_lt    ? 
_diffrn.ambient_temp_gt        ? 
_diffrn.ambient_temp_lt        ? 
# 
_diffrn_detector.details                      ? 
_diffrn_detector.detector                     PIXEL 
_diffrn_detector.diffrn_id                    1 
_diffrn_detector.type                         'DECTRIS EIGER X 4M' 
_diffrn_detector.area_resol_mean              ? 
_diffrn_detector.dtime                        ? 
_diffrn_detector.pdbx_frames_total            ? 
_diffrn_detector.pdbx_collection_time_total   ? 
_diffrn_detector.pdbx_collection_date         2017-05-21 
# 
_diffrn_radiation.collimation                      ? 
_diffrn_radiation.diffrn_id                        1 
_diffrn_radiation.filter_edge                      ? 
_diffrn_radiation.inhomogeneity                    ? 
_diffrn_radiation.monochromator                    ? 
_diffrn_radiation.polarisn_norm                    ? 
_diffrn_radiation.polarisn_ratio                   ? 
_diffrn_radiation.probe                            ? 
_diffrn_radiation.type                             ? 
_diffrn_radiation.xray_symbol                      ? 
_diffrn_radiation.wavelength_id                    1 
_diffrn_radiation.pdbx_monochromatic_or_laue_m_l   M 
_diffrn_radiation.pdbx_wavelength_list             ? 
_diffrn_radiation.pdbx_wavelength                  ? 
_diffrn_radiation.pdbx_diffrn_protocol             'SINGLE WAVELENGTH' 
_diffrn_radiation.pdbx_analyzer                    ? 
_diffrn_radiation.pdbx_scattering_type             x-ray 
# 
_diffrn_radiation_wavelength.id           1 
_diffrn_radiation_wavelength.wavelength   0.9677 
_diffrn_radiation_wavelength.wt           1.0 
# 
_diffrn_source.current                     ? 
_diffrn_source.details                     ? 
_diffrn_source.diffrn_id                   1 
_diffrn_source.power                       ? 
_diffrn_source.size                        ? 
_diffrn_source.source                      SYNCHROTRON 
_diffrn_source.target                      ? 
_diffrn_source.type                        'ESRF BEAMLINE MASSIF-3' 
_diffrn_source.voltage                     ? 
_diffrn_source.take-off_angle              ? 
_diffrn_source.pdbx_wavelength_list        0.9677 
_diffrn_source.pdbx_wavelength             ? 
_diffrn_source.pdbx_synchrotron_beamline   MASSIF-3 
_diffrn_source.pdbx_synchrotron_site       ESRF 
# 
_reflns.entry_id                     6FUU 
_reflns.pdbx_diffrn_id               1 
_reflns.pdbx_ordinal                 1 
_reflns.observed_criterion_sigma_I   ? 
_reflns.observed_criterion_sigma_F   ? 
_reflns.d_resolution_low             45.170 
_reflns.d_resolution_high            1.750 
_reflns.number_obs                   12313 
_reflns.number_all                   ? 
_reflns.percent_possible_obs         99.600 
_reflns.pdbx_Rmerge_I_obs            0.074 
_reflns.pdbx_Rsym_value              ? 
_reflns.pdbx_netI_over_sigmaI        16.300 
_reflns.B_iso_Wilson_estimate        29.870 
_reflns.pdbx_redundancy              9.100 
_reflns.pdbx_Rrim_I_all              0.078 
_reflns.pdbx_Rpim_I_all              0.025 
_reflns.pdbx_CC_half                 0.997 
_reflns.pdbx_netI_over_av_sigmaI     ? 
_reflns.pdbx_number_measured_all     112667 
_reflns.pdbx_scaling_rejects         1 
_reflns.pdbx_chi_squared             ? 
_reflns.Rmerge_F_all                 ? 
_reflns.Rmerge_F_obs                 ? 
_reflns.observed_criterion_F_max     ? 
_reflns.observed_criterion_F_min     ? 
_reflns.observed_criterion_I_max     ? 
_reflns.observed_criterion_I_min     ? 
_reflns.pdbx_d_res_high_opt          ? 
_reflns.pdbx_d_res_low_opt           ? 
_reflns.details                      ? 
# 
loop_
_reflns_shell.pdbx_diffrn_id 
_reflns_shell.pdbx_ordinal 
_reflns_shell.d_res_high 
_reflns_shell.d_res_low 
_reflns_shell.number_measured_obs 
_reflns_shell.number_measured_all 
_reflns_shell.number_unique_obs 
_reflns_shell.pdbx_rejects 
_reflns_shell.Rmerge_I_obs 
_reflns_shell.meanI_over_sigI_obs 
_reflns_shell.pdbx_Rsym_value 
_reflns_shell.pdbx_chi_squared 
_reflns_shell.pdbx_redundancy 
_reflns_shell.percent_possible_obs 
_reflns_shell.pdbx_netI_over_sigmaI_obs 
_reflns_shell.number_possible 
_reflns_shell.number_unique_all 
_reflns_shell.Rmerge_F_all 
_reflns_shell.Rmerge_F_obs 
_reflns_shell.Rmerge_I_all 
_reflns_shell.meanI_over_sigI_all 
_reflns_shell.percent_possible_all 
_reflns_shell.pdbx_Rrim_I_all 
_reflns_shell.pdbx_Rpim_I_all 
_reflns_shell.pdbx_CC_half 
1 1 1.750 1.780  ? 5393 631 ? 0.644 ? ? ? 8.500 ? 3.100  ? ? ? ? ? ? 97.800 0.684 0.225 0.879 
1 2 9.090 45.170 ? 911  134 ? 0.068 ? ? ? 6.800 ? 24.800 ? ? ? ? ? ? 99.000 0.074 0.026 0.993 
# 
_refine.entry_id                                 6FUU 
_refine.pdbx_refine_id                           'X-RAY DIFFRACTION' 
_refine.ls_d_res_high                            1.7500 
_refine.ls_d_res_low                             34.4980 
_refine.pdbx_ls_sigma_F                          1.360 
_refine.pdbx_data_cutoff_high_absF               ? 
_refine.pdbx_data_cutoff_low_absF                ? 
_refine.ls_percent_reflns_obs                    99.3500 
_refine.ls_number_reflns_obs                     12233 
_refine.ls_number_reflns_all                     ? 
_refine.pdbx_ls_cross_valid_method               THROUGHOUT 
_refine.ls_matrix_type                           ? 
_refine.pdbx_R_Free_selection_details            ? 
_refine.details                                  ? 
_refine.ls_R_factor_all                          ? 
_refine.ls_R_factor_obs                          0.2137 
_refine.ls_R_factor_R_work                       0.2124 
_refine.ls_wR_factor_R_work                      ? 
_refine.ls_R_factor_R_free                       0.2366 
_refine.ls_wR_factor_R_free                      ? 
_refine.ls_percent_reflns_R_free                 4.8200 
_refine.ls_number_reflns_R_free                  589 
_refine.ls_number_reflns_R_work                  11643 
_refine.ls_R_factor_R_free_error                 ? 
_refine.B_iso_mean                               39.2471 
_refine.solvent_model_param_bsol                 ? 
_refine.solvent_model_param_ksol                 ? 
_refine.pdbx_isotropic_thermal_model             ? 
_refine.aniso_B[1][1]                            ? 
_refine.aniso_B[2][2]                            ? 
_refine.aniso_B[3][3]                            ? 
_refine.aniso_B[1][2]                            ? 
_refine.aniso_B[1][3]                            ? 
_refine.aniso_B[2][3]                            ? 
_refine.correlation_coeff_Fo_to_Fc               ? 
_refine.correlation_coeff_Fo_to_Fc_free          ? 
_refine.overall_SU_R_Cruickshank_DPI             ? 
_refine.pdbx_overall_SU_R_free_Cruickshank_DPI   ? 
_refine.pdbx_overall_SU_R_Blow_DPI               ? 
_refine.pdbx_overall_SU_R_free_Blow_DPI          ? 
_refine.overall_SU_R_free                        ? 
_refine.pdbx_overall_ESU_R                       ? 
_refine.pdbx_overall_ESU_R_Free                  ? 
_refine.overall_SU_ML                            0.2500 
_refine.overall_SU_B                             ? 
_refine.solvent_model_details                    'FLAT BULK SOLVENT MODEL' 
_refine.pdbx_solvent_vdw_probe_radii             1.1100 
_refine.pdbx_solvent_ion_probe_radii             ? 
_refine.pdbx_solvent_shrinkage_radii             0.9000 
_refine.ls_number_parameters                     ? 
_refine.ls_number_restraints                     ? 
_refine.pdbx_starting_model                      'PDB entry 3F8C' 
_refine.pdbx_method_to_determine_struct          'MOLECULAR REPLACEMENT' 
_refine.pdbx_stereochemistry_target_values       ML 
_refine.pdbx_stereochem_target_val_spec_case     ? 
_refine.overall_FOM_work_R_set                   ? 
_refine.B_iso_max                                92.130 
_refine.B_iso_min                                17.090 
_refine.pdbx_overall_phase_error                 27.8800 
_refine.occupancy_max                            ? 
_refine.occupancy_min                            ? 
_refine.pdbx_diffrn_id                           1 
_refine.pdbx_TLS_residual_ADP_flag               ? 
_refine.pdbx_ls_sigma_I                          ? 
_refine.pdbx_data_cutoff_high_rms_absF           ? 
_refine.ls_R_factor_R_free_error_details         ? 
# 
_refine_hist.cycle_id                         final 
_refine_hist.pdbx_refine_id                   'X-RAY DIFFRACTION' 
_refine_hist.d_res_high                       1.7500 
_refine_hist.d_res_low                        34.4980 
_refine_hist.pdbx_number_atoms_ligand         86 
_refine_hist.number_atoms_solvent             49 
_refine_hist.number_atoms_total               959 
_refine_hist.pdbx_number_residues_total       100 
_refine_hist.pdbx_B_iso_mean_ligand           53.05 
_refine_hist.pdbx_B_iso_mean_solvent          40.77 
_refine_hist.pdbx_number_atoms_protein        824 
_refine_hist.pdbx_number_atoms_nucleic_acid   0 
# 
loop_
_refine_ls_restr.pdbx_refine_id 
_refine_ls_restr.type 
_refine_ls_restr.number 
_refine_ls_restr.dev_ideal 
_refine_ls_restr.dev_ideal_target 
_refine_ls_restr.weight 
_refine_ls_restr.pdbx_restraint_function 
'X-RAY DIFFRACTION' f_bond_d           956  0.006  ? ? ? 
'X-RAY DIFFRACTION' f_angle_d          1314 0.976  ? ? ? 
'X-RAY DIFFRACTION' f_chiral_restr     127  0.061  ? ? ? 
'X-RAY DIFFRACTION' f_plane_restr      157  0.003  ? ? ? 
'X-RAY DIFFRACTION' f_dihedral_angle_d 565  11.355 ? ? ? 
# 
loop_
_refine_ls_shell.d_res_high 
_refine_ls_shell.d_res_low 
_refine_ls_shell.pdbx_total_number_of_bins_used 
_refine_ls_shell.percent_reflns_obs 
_refine_ls_shell.number_reflns_R_work 
_refine_ls_shell.R_factor_all 
_refine_ls_shell.R_factor_R_work 
_refine_ls_shell.R_factor_R_free 
_refine_ls_shell.percent_reflns_R_free 
_refine_ls_shell.number_reflns_R_free 
_refine_ls_shell.R_factor_R_free_error 
_refine_ls_shell.number_reflns_all 
_refine_ls_shell.number_reflns_obs 
_refine_ls_shell.pdbx_refine_id 
_refine_ls_shell.R_factor_obs 
1.7502 1.9263  4 99.0000  2779 . 0.2423 0.3137 . 143 0.0000 2922 . 'X-RAY DIFFRACTION' . 
1.9263 2.2050  4 99.0000  2844 . 0.2035 0.2551 . 152 0.0000 2996 . 'X-RAY DIFFRACTION' . 
2.2050 2.7779  4 99.0000  2907 . 0.2296 0.2248 . 128 0.0000 3035 . 'X-RAY DIFFRACTION' . 
2.7779 34.5050 4 100.0000 3113 . 0.2047 0.2287 . 166 0.0000 3279 . 'X-RAY DIFFRACTION' . 
# 
_struct.entry_id                     6FUU 
_struct.title                        'Transcriptional regulator LmrR with bound heme' 
_struct.pdbx_model_details           ? 
_struct.pdbx_formula_weight          ? 
_struct.pdbx_formula_weight_method   ? 
_struct.pdbx_model_type_details      ? 
_struct.pdbx_CASP_flag               N 
# 
_struct_keywords.entry_id        6FUU 
_struct_keywords.text            
'Artificial enzyme, Complex, Heme-based catalysis, Transcriptional regulator, Multi-drug resistance, DNA BINDING PROTEIN' 
_struct_keywords.pdbx_keywords   'DNA BINDING PROTEIN' 
# 
loop_
_struct_asym.id 
_struct_asym.pdbx_blank_PDB_chainid_flag 
_struct_asym.pdbx_modified 
_struct_asym.entity_id 
_struct_asym.details 
A N N 1 ? 
B N N 2 ? 
C N N 3 ? 
# 
_struct_ref.id                         1 
_struct_ref.db_name                    UNP 
_struct_ref.db_code                    A0A0M2ZSQ6_LACLC 
_struct_ref.pdbx_db_accession          A0A0M2ZSQ6 
_struct_ref.pdbx_db_isoform            ? 
_struct_ref.entity_id                  1 
_struct_ref.pdbx_seq_one_letter_code   
;MAEIPKEMLRAQTNVILLNVLKQGDNYVYGIIKQVKEASNGEMELNEATLYTIFKRLEKDGIISSYWGDESQGGRRKYYR
LTEIGHENMRLAFESWSRVDKIIENLEANKKSEAIK
;
_struct_ref.pdbx_align_begin           1 
# 
_struct_ref_seq.align_id                      1 
_struct_ref_seq.ref_id                        1 
_struct_ref_seq.pdbx_PDB_id_code              6FUU 
_struct_ref_seq.pdbx_strand_id                A 
_struct_ref_seq.seq_align_beg                 1 
_struct_ref_seq.pdbx_seq_align_beg_ins_code   ? 
_struct_ref_seq.seq_align_end                 116 
_struct_ref_seq.pdbx_seq_align_end_ins_code   ? 
_struct_ref_seq.pdbx_db_accession             A0A0M2ZSQ6 
_struct_ref_seq.db_align_beg                  1 
_struct_ref_seq.pdbx_db_align_beg_ins_code    ? 
_struct_ref_seq.db_align_end                  116 
_struct_ref_seq.pdbx_db_align_end_ins_code    ? 
_struct_ref_seq.pdbx_auth_seq_align_beg       1 
_struct_ref_seq.pdbx_auth_seq_align_end       116 
# 
loop_
_struct_ref_seq_dif.align_id 
_struct_ref_seq_dif.pdbx_pdb_id_code 
_struct_ref_seq_dif.mon_id 
_struct_ref_seq_dif.pdbx_pdb_strand_id 
_struct_ref_seq_dif.seq_num 
_struct_ref_seq_dif.pdbx_pdb_ins_code 
_struct_ref_seq_dif.pdbx_seq_db_name 
_struct_ref_seq_dif.pdbx_seq_db_accession_code 
_struct_ref_seq_dif.db_mon_id 
_struct_ref_seq_dif.pdbx_seq_db_seq_num 
_struct_ref_seq_dif.details 
_struct_ref_seq_dif.pdbx_auth_seq_num 
_struct_ref_seq_dif.pdbx_ordinal 
1 6FUU SER A 117 ? UNP A0A0M2ZSQ6 ? ? 'expression tag' 117 1  
1 6FUU ARG A 118 ? UNP A0A0M2ZSQ6 ? ? 'expression tag' 118 2  
1 6FUU TRP A 119 ? UNP A0A0M2ZSQ6 ? ? 'expression tag' 119 3  
1 6FUU SER A 120 ? UNP A0A0M2ZSQ6 ? ? 'expression tag' 120 4  
1 6FUU HIS A 121 ? UNP A0A0M2ZSQ6 ? ? 'expression tag' 121 5  
1 6FUU PRO A 122 ? UNP A0A0M2ZSQ6 ? ? 'expression tag' 122 6  
1 6FUU GLN A 123 ? UNP A0A0M2ZSQ6 ? ? 'expression tag' 123 7  
1 6FUU PHE A 124 ? UNP A0A0M2ZSQ6 ? ? 'expression tag' 124 8  
1 6FUU GLU A 125 ? UNP A0A0M2ZSQ6 ? ? 'expression tag' 125 9  
1 6FUU LYS A 126 ? UNP A0A0M2ZSQ6 ? ? 'expression tag' 126 10 
# 
_pdbx_struct_assembly.id                   1 
_pdbx_struct_assembly.details              author_and_software_defined_assembly 
_pdbx_struct_assembly.method_details       PISA 
_pdbx_struct_assembly.oligomeric_details   dimeric 
_pdbx_struct_assembly.oligomeric_count     2 
# 
loop_
_pdbx_struct_assembly_prop.biol_id 
_pdbx_struct_assembly_prop.type 
_pdbx_struct_assembly_prop.value 
_pdbx_struct_assembly_prop.details 
1 'ABSA (A^2)' 4580  ? 
1 MORE         -63   ? 
1 'SSA (A^2)'  11880 ? 
# 
_pdbx_struct_assembly_gen.assembly_id       1 
_pdbx_struct_assembly_gen.oper_expression   1,2 
_pdbx_struct_assembly_gen.asym_id_list      A,B,C 
# 
_pdbx_struct_assembly_auth_evidence.id                     1 
_pdbx_struct_assembly_auth_evidence.assembly_id            1 
_pdbx_struct_assembly_auth_evidence.experimental_support   'gel filtration' 
_pdbx_struct_assembly_auth_evidence.details                ? 
# 
loop_
_pdbx_struct_oper_list.id 
_pdbx_struct_oper_list.type 
_pdbx_struct_oper_list.name 
_pdbx_struct_oper_list.symmetry_operation 
_pdbx_struct_oper_list.matrix[1][1] 
_pdbx_struct_oper_list.matrix[1][2] 
_pdbx_struct_oper_list.matrix[1][3] 
_pdbx_struct_oper_list.vector[1] 
_pdbx_struct_oper_list.matrix[2][1] 
_pdbx_struct_oper_list.matrix[2][2] 
_pdbx_struct_oper_list.matrix[2][3] 
_pdbx_struct_oper_list.vector[2] 
_pdbx_struct_oper_list.matrix[3][1] 
_pdbx_struct_oper_list.matrix[3][2] 
_pdbx_struct_oper_list.matrix[3][3] 
_pdbx_struct_oper_list.vector[3] 
1 'identity operation'         1_555 x,y,z            1.0000000000  0.0000000000 0.0000000000 0.0000000000  0.0000000000 1.0000000000 0.0000000000 0.0000000000  0.0000000000 0.0000000000 1.0000000000  0.0000000000   
2 'crystal symmetry operation' 8_666 -y+1,-x+1,-z+3/2 -0.6804589468 0.7264375916 0.0962499204 15.9185567909 0.7264375916 0.6514672192 0.2188124489 -4.5322139350 0.0962499204 0.2188124489 -0.9710082724 -18.6416967306 
# 
loop_
_struct_conf.conf_type_id 
_struct_conf.id 
_struct_conf.pdbx_PDB_helix_id 
_struct_conf.beg_label_comp_id 
_struct_conf.beg_label_asym_id 
_struct_conf.beg_label_seq_id 
_struct_conf.pdbx_beg_PDB_ins_code 
_struct_conf.end_label_comp_id 
_struct_conf.end_label_asym_id 
_struct_conf.end_label_seq_id 
_struct_conf.pdbx_end_PDB_ins_code 
_struct_conf.beg_auth_comp_id 
_struct_conf.beg_auth_asym_id 
_struct_conf.beg_auth_seq_id 
_struct_conf.end_auth_comp_id 
_struct_conf.end_auth_asym_id 
_struct_conf.end_auth_seq_id 
_struct_conf.pdbx_PDB_helix_class 
_struct_conf.details 
_struct_conf.pdbx_PDB_helix_length 
HELX_P HELX_P1 AA1 PRO A 5  ? GLY A 24  ? PRO A 5  GLY A 24  1 ? 20 
HELX_P HELX_P2 AA2 VAL A 28 ? SER A 39  ? VAL A 28 SER A 39  1 ? 12 
HELX_P HELX_P3 AA3 ASN A 46 ? ASP A 60  ? ASN A 46 ASP A 60  1 ? 15 
HELX_P HELX_P4 AA4 THR A 82 ? ALA A 108 ? THR A 82 ALA A 108 1 ? 27 
# 
_struct_conf_type.id          HELX_P 
_struct_conf_type.criteria    ? 
_struct_conf_type.reference   ? 
# 
_struct_sheet.id               AA1 
_struct_sheet.type             ? 
_struct_sheet.number_strands   3 
_struct_sheet.details          ? 
# 
loop_
_struct_sheet_order.sheet_id 
_struct_sheet_order.range_id_1 
_struct_sheet_order.range_id_2 
_struct_sheet_order.offset 
_struct_sheet_order.sense 
AA1 1 2 ? anti-parallel 
AA1 2 3 ? anti-parallel 
# 
loop_
_struct_sheet_range.sheet_id 
_struct_sheet_range.id 
_struct_sheet_range.beg_label_comp_id 
_struct_sheet_range.beg_label_asym_id 
_struct_sheet_range.beg_label_seq_id 
_struct_sheet_range.pdbx_beg_PDB_ins_code 
_struct_sheet_range.end_label_comp_id 
_struct_sheet_range.end_label_asym_id 
_struct_sheet_range.end_label_seq_id 
_struct_sheet_range.pdbx_end_PDB_ins_code 
_struct_sheet_range.beg_auth_comp_id 
_struct_sheet_range.beg_auth_asym_id 
_struct_sheet_range.beg_auth_seq_id 
_struct_sheet_range.end_auth_comp_id 
_struct_sheet_range.end_auth_asym_id 
_struct_sheet_range.end_auth_seq_id 
AA1 1 ASN A 26 ? TYR A 27 ? ASN A 26 TYR A 27 
AA1 2 LYS A 77 ? LEU A 81 ? LYS A 77 LEU A 81 
AA1 3 ILE A 63 ? TRP A 67 ? ILE A 63 TRP A 67 
# 
loop_
_pdbx_struct_sheet_hbond.sheet_id 
_pdbx_struct_sheet_hbond.range_id_1 
_pdbx_struct_sheet_hbond.range_id_2 
_pdbx_struct_sheet_hbond.range_1_label_atom_id 
_pdbx_struct_sheet_hbond.range_1_label_comp_id 
_pdbx_struct_sheet_hbond.range_1_label_asym_id 
_pdbx_struct_sheet_hbond.range_1_label_seq_id 
_pdbx_struct_sheet_hbond.range_1_PDB_ins_code 
_pdbx_struct_sheet_hbond.range_1_auth_atom_id 
_pdbx_struct_sheet_hbond.range_1_auth_comp_id 
_pdbx_struct_sheet_hbond.range_1_auth_asym_id 
_pdbx_struct_sheet_hbond.range_1_auth_seq_id 
_pdbx_struct_sheet_hbond.range_2_label_atom_id 
_pdbx_struct_sheet_hbond.range_2_label_comp_id 
_pdbx_struct_sheet_hbond.range_2_label_asym_id 
_pdbx_struct_sheet_hbond.range_2_label_seq_id 
_pdbx_struct_sheet_hbond.range_2_PDB_ins_code 
_pdbx_struct_sheet_hbond.range_2_auth_atom_id 
_pdbx_struct_sheet_hbond.range_2_auth_comp_id 
_pdbx_struct_sheet_hbond.range_2_auth_asym_id 
_pdbx_struct_sheet_hbond.range_2_auth_seq_id 
AA1 1 2 N ASN A 26 ? N ASN A 26 O TYR A 79 ? O TYR A 79 
AA1 2 3 O TYR A 78 ? O TYR A 78 N TYR A 66 ? N TYR A 66 
# 
_struct_site.id                   AC1 
_struct_site.pdbx_evidence_code   Software 
_struct_site.pdbx_auth_asym_id    A 
_struct_site.pdbx_auth_comp_id    HEM 
_struct_site.pdbx_auth_seq_id     201 
_struct_site.pdbx_auth_ins_code   ? 
_struct_site.pdbx_num_residues    13 
_struct_site.details              'binding site for residue HEM A 201' 
# 
loop_
_struct_site_gen.id 
_struct_site_gen.site_id 
_struct_site_gen.pdbx_num_res 
_struct_site_gen.label_comp_id 
_struct_site_gen.label_asym_id 
_struct_site_gen.label_seq_id 
_struct_site_gen.pdbx_auth_ins_code 
_struct_site_gen.auth_comp_id 
_struct_site_gen.auth_asym_id 
_struct_site_gen.auth_seq_id 
_struct_site_gen.label_atom_id 
_struct_site_gen.label_alt_id 
_struct_site_gen.symmetry 
_struct_site_gen.details 
1  AC1 13 MET A 8   ? MET A 8   . ? 1_555 ? 
2  AC1 13 ALA A 11  ? ALA A 11  . ? 8_666 ? 
3  AC1 13 ALA A 11  ? ALA A 11  . ? 1_555 ? 
4  AC1 13 VAL A 15  ? VAL A 15  . ? 8_666 ? 
5  AC1 13 VAL A 15  ? VAL A 15  . ? 1_555 ? 
6  AC1 13 LEU A 18  ? LEU A 18  . ? 8_666 ? 
7  AC1 13 ASN A 19  ? ASN A 19  . ? 8_666 ? 
8  AC1 13 MET A 89  ? MET A 89  . ? 8_666 ? 
9  AC1 13 TRP A 96  ? TRP A 96  . ? 8_666 ? 
10 AC1 13 TRP A 96  ? TRP A 96  . ? 1_555 ? 
11 AC1 13 ASP A 100 ? ASP A 100 . ? 8_666 ? 
12 AC1 13 ASP A 100 ? ASP A 100 . ? 1_555 ? 
13 AC1 13 HOH C .   ? HOH A 307 . ? 1_555 ? 
# 
_pdbx_validate_torsion.id              1 
_pdbx_validate_torsion.PDB_model_num   1 
_pdbx_validate_torsion.auth_comp_id    GLU 
_pdbx_validate_torsion.auth_asym_id    A 
_pdbx_validate_torsion.auth_seq_id     107 
_pdbx_validate_torsion.PDB_ins_code    ? 
_pdbx_validate_torsion.label_alt_id    ? 
_pdbx_validate_torsion.phi             -80.55 
_pdbx_validate_torsion.psi             -74.70 
# 
loop_
_pdbx_struct_special_symmetry.id 
_pdbx_struct_special_symmetry.PDB_model_num 
_pdbx_struct_special_symmetry.auth_asym_id 
_pdbx_struct_special_symmetry.auth_comp_id 
_pdbx_struct_special_symmetry.auth_seq_id 
_pdbx_struct_special_symmetry.PDB_ins_code 
_pdbx_struct_special_symmetry.label_asym_id 
_pdbx_struct_special_symmetry.label_comp_id 
_pdbx_struct_special_symmetry.label_seq_id 
1 1 A HEM 201 ? B HEM . 
2 1 A HEM 201 ? B HEM . 
3 1 A HEM 201 ? B HEM . 
# 
_pdbx_refine_tls.pdbx_refine_id   'X-RAY DIFFRACTION' 
_pdbx_refine_tls.id               1 
_pdbx_refine_tls.details          ? 
_pdbx_refine_tls.method           refined 
_pdbx_refine_tls.origin_x         -0.2748 
_pdbx_refine_tls.origin_y         -0.1280 
_pdbx_refine_tls.origin_z         0.2576 
_pdbx_refine_tls.T[1][1]          0.2462 
_pdbx_refine_tls.T[2][2]          0.1680 
_pdbx_refine_tls.T[3][3]          0.1463 
_pdbx_refine_tls.T[1][2]          -0.0371 
_pdbx_refine_tls.T[1][3]          0.0185 
_pdbx_refine_tls.T[2][3]          -0.0205 
_pdbx_refine_tls.L[1][1]          3.3172 
_pdbx_refine_tls.L[2][2]          1.5227 
_pdbx_refine_tls.L[3][3]          3.0683 
_pdbx_refine_tls.L[1][2]          1.1791 
_pdbx_refine_tls.L[1][3]          -1.8017 
_pdbx_refine_tls.L[2][3]          -0.8057 
_pdbx_refine_tls.S[1][1]          -0.0096 
_pdbx_refine_tls.S[2][2]          0.1444 
_pdbx_refine_tls.S[3][3]          -0.1518 
_pdbx_refine_tls.S[1][2]          -0.0039 
_pdbx_refine_tls.S[1][3]          -0.0210 
_pdbx_refine_tls.S[2][3]          -0.0118 
_pdbx_refine_tls.S[2][1]          -0.1942 
_pdbx_refine_tls.S[3][1]          -0.0370 
_pdbx_refine_tls.S[3][2]          0.0169 
# 
_pdbx_refine_tls_group.pdbx_refine_id      'X-RAY DIFFRACTION' 
_pdbx_refine_tls_group.id                  1 
_pdbx_refine_tls_group.refine_tls_id       1 
_pdbx_refine_tls_group.beg_auth_asym_id    A 
_pdbx_refine_tls_group.beg_auth_seq_id     5 
_pdbx_refine_tls_group.end_auth_asym_id    A 
_pdbx_refine_tls_group.end_auth_seq_id     108 
_pdbx_refine_tls_group.selection_details   
;chain 'A' and (resid 5 through 108 )
;
_pdbx_refine_tls_group.beg_label_asym_id   ? 
_pdbx_refine_tls_group.beg_label_seq_id    ? 
_pdbx_refine_tls_group.end_label_asym_id   ? 
_pdbx_refine_tls_group.end_label_seq_id    ? 
_pdbx_refine_tls_group.selection           ? 
# 
loop_
_pdbx_unobs_or_zero_occ_residues.id 
_pdbx_unobs_or_zero_occ_residues.PDB_model_num 
_pdbx_unobs_or_zero_occ_residues.polymer_flag 
_pdbx_unobs_or_zero_occ_residues.occupancy_flag 
_pdbx_unobs_or_zero_occ_residues.auth_asym_id 
_pdbx_unobs_or_zero_occ_residues.auth_comp_id 
_pdbx_unobs_or_zero_occ_residues.auth_seq_id 
_pdbx_unobs_or_zero_occ_residues.PDB_ins_code 
_pdbx_unobs_or_zero_occ_residues.label_asym_id 
_pdbx_unobs_or_zero_occ_residues.label_comp_id 
_pdbx_unobs_or_zero_occ_residues.label_seq_id 
1  1 Y 1 A MET 1   ? A MET 1   
2  1 Y 1 A ALA 2   ? A ALA 2   
3  1 Y 1 A GLU 3   ? A GLU 3   
4  1 Y 1 A ILE 4   ? A ILE 4   
5  1 Y 1 A GLU 70  ? A GLU 70  
6  1 Y 1 A SER 71  ? A SER 71  
7  1 Y 1 A GLN 72  ? A GLN 72  
8  1 Y 1 A GLY 73  ? A GLY 73  
9  1 Y 1 A ASN 109 ? A ASN 109 
10 1 Y 1 A LYS 110 ? A LYS 110 
11 1 Y 1 A LYS 111 ? A LYS 111 
12 1 Y 1 A SER 112 ? A SER 112 
13 1 Y 1 A GLU 113 ? A GLU 113 
14 1 Y 1 A ALA 114 ? A ALA 114 
15 1 Y 1 A ILE 115 ? A ILE 115 
16 1 Y 1 A LYS 116 ? A LYS 116 
17 1 Y 1 A SER 117 ? A SER 117 
18 1 Y 1 A ARG 118 ? A ARG 118 
19 1 Y 1 A TRP 119 ? A TRP 119 
20 1 Y 1 A SER 120 ? A SER 120 
21 1 Y 1 A HIS 121 ? A HIS 121 
22 1 Y 1 A PRO 122 ? A PRO 122 
23 1 Y 1 A GLN 123 ? A GLN 123 
24 1 Y 1 A PHE 124 ? A PHE 124 
25 1 Y 1 A GLU 125 ? A GLU 125 
26 1 Y 1 A LYS 126 ? A LYS 126 
# 
loop_
_chem_comp_atom.comp_id 
_chem_comp_atom.atom_id 
_chem_comp_atom.type_symbol 
_chem_comp_atom.pdbx_aromatic_flag 
_chem_comp_atom.pdbx_stereo_config 
_chem_comp_atom.pdbx_ordinal 
ALA N    N  N N 1   
ALA CA   C  N S 2   
ALA C    C  N N 3   
ALA O    O  N N 4   
ALA CB   C  N N 5   
ALA OXT  O  N N 6   
ALA H    H  N N 7   
ALA H2   H  N N 8   
ALA HA   H  N N 9   
ALA HB1  H  N N 10  
ALA HB2  H  N N 11  
ALA HB3  H  N N 12  
ALA HXT  H  N N 13  
ARG N    N  N N 14  
ARG CA   C  N S 15  
ARG C    C  N N 16  
ARG O    O  N N 17  
ARG CB   C  N N 18  
ARG CG   C  N N 19  
ARG CD   C  N N 20  
ARG NE   N  N N 21  
ARG CZ   C  N N 22  
ARG NH1  N  N N 23  
ARG NH2  N  N N 24  
ARG OXT  O  N N 25  
ARG H    H  N N 26  
ARG H2   H  N N 27  
ARG HA   H  N N 28  
ARG HB2  H  N N 29  
ARG HB3  H  N N 30  
ARG HG2  H  N N 31  
ARG HG3  H  N N 32  
ARG HD2  H  N N 33  
ARG HD3  H  N N 34  
ARG HE   H  N N 35  
ARG HH11 H  N N 36  
ARG HH12 H  N N 37  
ARG HH21 H  N N 38  
ARG HH22 H  N N 39  
ARG HXT  H  N N 40  
ASN N    N  N N 41  
ASN CA   C  N S 42  
ASN C    C  N N 43  
ASN O    O  N N 44  
ASN CB   C  N N 45  
ASN CG   C  N N 46  
ASN OD1  O  N N 47  
ASN ND2  N  N N 48  
ASN OXT  O  N N 49  
ASN H    H  N N 50  
ASN H2   H  N N 51  
ASN HA   H  N N 52  
ASN HB2  H  N N 53  
ASN HB3  H  N N 54  
ASN HD21 H  N N 55  
ASN HD22 H  N N 56  
ASN HXT  H  N N 57  
ASP N    N  N N 58  
ASP CA   C  N S 59  
ASP C    C  N N 60  
ASP O    O  N N 61  
ASP CB   C  N N 62  
ASP CG   C  N N 63  
ASP OD1  O  N N 64  
ASP OD2  O  N N 65  
ASP OXT  O  N N 66  
ASP H    H  N N 67  
ASP H2   H  N N 68  
ASP HA   H  N N 69  
ASP HB2  H  N N 70  
ASP HB3  H  N N 71  
ASP HD2  H  N N 72  
ASP HXT  H  N N 73  
GLN N    N  N N 74  
GLN CA   C  N S 75  
GLN C    C  N N 76  
GLN O    O  N N 77  
GLN CB   C  N N 78  
GLN CG   C  N N 79  
GLN CD   C  N N 80  
GLN OE1  O  N N 81  
GLN NE2  N  N N 82  
GLN OXT  O  N N 83  
GLN H    H  N N 84  
GLN H2   H  N N 85  
GLN HA   H  N N 86  
GLN HB2  H  N N 87  
GLN HB3  H  N N 88  
GLN HG2  H  N N 89  
GLN HG3  H  N N 90  
GLN HE21 H  N N 91  
GLN HE22 H  N N 92  
GLN HXT  H  N N 93  
GLU N    N  N N 94  
GLU CA   C  N S 95  
GLU C    C  N N 96  
GLU O    O  N N 97  
GLU CB   C  N N 98  
GLU CG   C  N N 99  
GLU CD   C  N N 100 
GLU OE1  O  N N 101 
GLU OE2  O  N N 102 
GLU OXT  O  N N 103 
GLU H    H  N N 104 
GLU H2   H  N N 105 
GLU HA   H  N N 106 
GLU HB2  H  N N 107 
GLU HB3  H  N N 108 
GLU HG2  H  N N 109 
GLU HG3  H  N N 110 
GLU HE2  H  N N 111 
GLU HXT  H  N N 112 
GLY N    N  N N 113 
GLY CA   C  N N 114 
GLY C    C  N N 115 
GLY O    O  N N 116 
GLY OXT  O  N N 117 
GLY H    H  N N 118 
GLY H2   H  N N 119 
GLY HA2  H  N N 120 
GLY HA3  H  N N 121 
GLY HXT  H  N N 122 
HEM CHA  C  N N 123 
HEM CHB  C  N N 124 
HEM CHC  C  N N 125 
HEM CHD  C  N N 126 
HEM C1A  C  Y N 127 
HEM C2A  C  Y N 128 
HEM C3A  C  Y N 129 
HEM C4A  C  Y N 130 
HEM CMA  C  N N 131 
HEM CAA  C  N N 132 
HEM CBA  C  N N 133 
HEM CGA  C  N N 134 
HEM O1A  O  N N 135 
HEM O2A  O  N N 136 
HEM C1B  C  N N 137 
HEM C2B  C  N N 138 
HEM C3B  C  N N 139 
HEM C4B  C  N N 140 
HEM CMB  C  N N 141 
HEM CAB  C  N N 142 
HEM CBB  C  N N 143 
HEM C1C  C  Y N 144 
HEM C2C  C  Y N 145 
HEM C3C  C  Y N 146 
HEM C4C  C  Y N 147 
HEM CMC  C  N N 148 
HEM CAC  C  N N 149 
HEM CBC  C  N N 150 
HEM C1D  C  N N 151 
HEM C2D  C  N N 152 
HEM C3D  C  N N 153 
HEM C4D  C  N N 154 
HEM CMD  C  N N 155 
HEM CAD  C  N N 156 
HEM CBD  C  N N 157 
HEM CGD  C  N N 158 
HEM O1D  O  N N 159 
HEM O2D  O  N N 160 
HEM NA   N  Y N 161 
HEM NB   N  N N 162 
HEM NC   N  Y N 163 
HEM ND   N  N N 164 
HEM FE   FE N N 165 
HEM HHB  H  N N 166 
HEM HHC  H  N N 167 
HEM HHD  H  N N 168 
HEM HMA  H  N N 169 
HEM HMAA H  N N 170 
HEM HMAB H  N N 171 
HEM HAA  H  N N 172 
HEM HAAA H  N N 173 
HEM HBA  H  N N 174 
HEM HBAA H  N N 175 
HEM HMB  H  N N 176 
HEM HMBA H  N N 177 
HEM HMBB H  N N 178 
HEM HAB  H  N N 179 
HEM HBB  H  N N 180 
HEM HBBA H  N N 181 
HEM HMC  H  N N 182 
HEM HMCA H  N N 183 
HEM HMCB H  N N 184 
HEM HAC  H  N N 185 
HEM HBC  H  N N 186 
HEM HBCA H  N N 187 
HEM HMD  H  N N 188 
HEM HMDA H  N N 189 
HEM HMDB H  N N 190 
HEM HAD  H  N N 191 
HEM HADA H  N N 192 
HEM HBD  H  N N 193 
HEM HBDA H  N N 194 
HEM H2A  H  N N 195 
HEM H2D  H  N N 196 
HEM HHA  H  N N 197 
HIS N    N  N N 198 
HIS CA   C  N S 199 
HIS C    C  N N 200 
HIS O    O  N N 201 
HIS CB   C  N N 202 
HIS CG   C  Y N 203 
HIS ND1  N  Y N 204 
HIS CD2  C  Y N 205 
HIS CE1  C  Y N 206 
HIS NE2  N  Y N 207 
HIS OXT  O  N N 208 
HIS H    H  N N 209 
HIS H2   H  N N 210 
HIS HA   H  N N 211 
HIS HB2  H  N N 212 
HIS HB3  H  N N 213 
HIS HD1  H  N N 214 
HIS HD2  H  N N 215 
HIS HE1  H  N N 216 
HIS HE2  H  N N 217 
HIS HXT  H  N N 218 
HOH O    O  N N 219 
HOH H1   H  N N 220 
HOH H2   H  N N 221 
ILE N    N  N N 222 
ILE CA   C  N S 223 
ILE C    C  N N 224 
ILE O    O  N N 225 
ILE CB   C  N S 226 
ILE CG1  C  N N 227 
ILE CG2  C  N N 228 
ILE CD1  C  N N 229 
ILE OXT  O  N N 230 
ILE H    H  N N 231 
ILE H2   H  N N 232 
ILE HA   H  N N 233 
ILE HB   H  N N 234 
ILE HG12 H  N N 235 
ILE HG13 H  N N 236 
ILE HG21 H  N N 237 
ILE HG22 H  N N 238 
ILE HG23 H  N N 239 
ILE HD11 H  N N 240 
ILE HD12 H  N N 241 
ILE HD13 H  N N 242 
ILE HXT  H  N N 243 
LEU N    N  N N 244 
LEU CA   C  N S 245 
LEU C    C  N N 246 
LEU O    O  N N 247 
LEU CB   C  N N 248 
LEU CG   C  N N 249 
LEU CD1  C  N N 250 
LEU CD2  C  N N 251 
LEU OXT  O  N N 252 
LEU H    H  N N 253 
LEU H2   H  N N 254 
LEU HA   H  N N 255 
LEU HB2  H  N N 256 
LEU HB3  H  N N 257 
LEU HG   H  N N 258 
LEU HD11 H  N N 259 
LEU HD12 H  N N 260 
LEU HD13 H  N N 261 
LEU HD21 H  N N 262 
LEU HD22 H  N N 263 
LEU HD23 H  N N 264 
LEU HXT  H  N N 265 
LYS N    N  N N 266 
LYS CA   C  N S 267 
LYS C    C  N N 268 
LYS O    O  N N 269 
LYS CB   C  N N 270 
LYS CG   C  N N 271 
LYS CD   C  N N 272 
LYS CE   C  N N 273 
LYS NZ   N  N N 274 
LYS OXT  O  N N 275 
LYS H    H  N N 276 
LYS H2   H  N N 277 
LYS HA   H  N N 278 
LYS HB2  H  N N 279 
LYS HB3  H  N N 280 
LYS HG2  H  N N 281 
LYS HG3  H  N N 282 
LYS HD2  H  N N 283 
LYS HD3  H  N N 284 
LYS HE2  H  N N 285 
LYS HE3  H  N N 286 
LYS HZ1  H  N N 287 
LYS HZ2  H  N N 288 
LYS HZ3  H  N N 289 
LYS HXT  H  N N 290 
MET N    N  N N 291 
MET CA   C  N S 292 
MET C    C  N N 293 
MET O    O  N N 294 
MET CB   C  N N 295 
MET CG   C  N N 296 
MET SD   S  N N 297 
MET CE   C  N N 298 
MET OXT  O  N N 299 
MET H    H  N N 300 
MET H2   H  N N 301 
MET HA   H  N N 302 
MET HB2  H  N N 303 
MET HB3  H  N N 304 
MET HG2  H  N N 305 
MET HG3  H  N N 306 
MET HE1  H  N N 307 
MET HE2  H  N N 308 
MET HE3  H  N N 309 
MET HXT  H  N N 310 
PHE N    N  N N 311 
PHE CA   C  N S 312 
PHE C    C  N N 313 
PHE O    O  N N 314 
PHE CB   C  N N 315 
PHE CG   C  Y N 316 
PHE CD1  C  Y N 317 
PHE CD2  C  Y N 318 
PHE CE1  C  Y N 319 
PHE CE2  C  Y N 320 
PHE CZ   C  Y N 321 
PHE OXT  O  N N 322 
PHE H    H  N N 323 
PHE H2   H  N N 324 
PHE HA   H  N N 325 
PHE HB2  H  N N 326 
PHE HB3  H  N N 327 
PHE HD1  H  N N 328 
PHE HD2  H  N N 329 
PHE HE1  H  N N 330 
PHE HE2  H  N N 331 
PHE HZ   H  N N 332 
PHE HXT  H  N N 333 
PRO N    N  N N 334 
PRO CA   C  N S 335 
PRO C    C  N N 336 
PRO O    O  N N 337 
PRO CB   C  N N 338 
PRO CG   C  N N 339 
PRO CD   C  N N 340 
PRO OXT  O  N N 341 
PRO H    H  N N 342 
PRO HA   H  N N 343 
PRO HB2  H  N N 344 
PRO HB3  H  N N 345 
PRO HG2  H  N N 346 
PRO HG3  H  N N 347 
PRO HD2  H  N N 348 
PRO HD3  H  N N 349 
PRO HXT  H  N N 350 
SER N    N  N N 351 
SER CA   C  N S 352 
SER C    C  N N 353 
SER O    O  N N 354 
SER CB   C  N N 355 
SER OG   O  N N 356 
SER OXT  O  N N 357 
SER H    H  N N 358 
SER H2   H  N N 359 
SER HA   H  N N 360 
SER HB2  H  N N 361 
SER HB3  H  N N 362 
SER HG   H  N N 363 
SER HXT  H  N N 364 
THR N    N  N N 365 
THR CA   C  N S 366 
THR C    C  N N 367 
THR O    O  N N 368 
THR CB   C  N R 369 
THR OG1  O  N N 370 
THR CG2  C  N N 371 
THR OXT  O  N N 372 
THR H    H  N N 373 
THR H2   H  N N 374 
THR HA   H  N N 375 
THR HB   H  N N 376 
THR HG1  H  N N 377 
THR HG21 H  N N 378 
THR HG22 H  N N 379 
THR HG23 H  N N 380 
THR HXT  H  N N 381 
TRP N    N  N N 382 
TRP CA   C  N S 383 
TRP C    C  N N 384 
TRP O    O  N N 385 
TRP CB   C  N N 386 
TRP CG   C  Y N 387 
TRP CD1  C  Y N 388 
TRP CD2  C  Y N 389 
TRP NE1  N  Y N 390 
TRP CE2  C  Y N 391 
TRP CE3  C  Y N 392 
TRP CZ2  C  Y N 393 
TRP CZ3  C  Y N 394 
TRP CH2  C  Y N 395 
TRP OXT  O  N N 396 
TRP H    H  N N 397 
TRP H2   H  N N 398 
TRP HA   H  N N 399 
TRP HB2  H  N N 400 
TRP HB3  H  N N 401 
TRP HD1  H  N N 402 
TRP HE1  H  N N 403 
TRP HE3  H  N N 404 
TRP HZ2  H  N N 405 
TRP HZ3  H  N N 406 
TRP HH2  H  N N 407 
TRP HXT  H  N N 408 
TYR N    N  N N 409 
TYR CA   C  N S 410 
TYR C    C  N N 411 
TYR O    O  N N 412 
TYR CB   C  N N 413 
TYR CG   C  Y N 414 
TYR CD1  C  Y N 415 
TYR CD2  C  Y N 416 
TYR CE1  C  Y N 417 
TYR CE2  C  Y N 418 
TYR CZ   C  Y N 419 
TYR OH   O  N N 420 
TYR OXT  O  N N 421 
TYR H    H  N N 422 
TYR H2   H  N N 423 
TYR HA   H  N N 424 
TYR HB2  H  N N 425 
TYR HB3  H  N N 426 
TYR HD1  H  N N 427 
TYR HD2  H  N N 428 
TYR HE1  H  N N 429 
TYR HE2  H  N N 430 
TYR HH   H  N N 431 
TYR HXT  H  N N 432 
VAL N    N  N N 433 
VAL CA   C  N S 434 
VAL C    C  N N 435 
VAL O    O  N N 436 
VAL CB   C  N N 437 
VAL CG1  C  N N 438 
VAL CG2  C  N N 439 
VAL OXT  O  N N 440 
VAL H    H  N N 441 
VAL H2   H  N N 442 
VAL HA   H  N N 443 
VAL HB   H  N N 444 
VAL HG11 H  N N 445 
VAL HG12 H  N N 446 
VAL HG13 H  N N 447 
VAL HG21 H  N N 448 
VAL HG22 H  N N 449 
VAL HG23 H  N N 450 
VAL HXT  H  N N 451 
# 
loop_
_chem_comp_bond.comp_id 
_chem_comp_bond.atom_id_1 
_chem_comp_bond.atom_id_2 
_chem_comp_bond.value_order 
_chem_comp_bond.pdbx_aromatic_flag 
_chem_comp_bond.pdbx_stereo_config 
_chem_comp_bond.pdbx_ordinal 
ALA N   CA   sing N N 1   
ALA N   H    sing N N 2   
ALA N   H2   sing N N 3   
ALA CA  C    sing N N 4   
ALA CA  CB   sing N N 5   
ALA CA  HA   sing N N 6   
ALA C   O    doub N N 7   
ALA C   OXT  sing N N 8   
ALA CB  HB1  sing N N 9   
ALA CB  HB2  sing N N 10  
ALA CB  HB3  sing N N 11  
ALA OXT HXT  sing N N 12  
ARG N   CA   sing N N 13  
ARG N   H    sing N N 14  
ARG N   H2   sing N N 15  
ARG CA  C    sing N N 16  
ARG CA  CB   sing N N 17  
ARG CA  HA   sing N N 18  
ARG C   O    doub N N 19  
ARG C   OXT  sing N N 20  
ARG CB  CG   sing N N 21  
ARG CB  HB2  sing N N 22  
ARG CB  HB3  sing N N 23  
ARG CG  CD   sing N N 24  
ARG CG  HG2  sing N N 25  
ARG CG  HG3  sing N N 26  
ARG CD  NE   sing N N 27  
ARG CD  HD2  sing N N 28  
ARG CD  HD3  sing N N 29  
ARG NE  CZ   sing N N 30  
ARG NE  HE   sing N N 31  
ARG CZ  NH1  sing N N 32  
ARG CZ  NH2  doub N N 33  
ARG NH1 HH11 sing N N 34  
ARG NH1 HH12 sing N N 35  
ARG NH2 HH21 sing N N 36  
ARG NH2 HH22 sing N N 37  
ARG OXT HXT  sing N N 38  
ASN N   CA   sing N N 39  
ASN N   H    sing N N 40  
ASN N   H2   sing N N 41  
ASN CA  C    sing N N 42  
ASN CA  CB   sing N N 43  
ASN CA  HA   sing N N 44  
ASN C   O    doub N N 45  
ASN C   OXT  sing N N 46  
ASN CB  CG   sing N N 47  
ASN CB  HB2  sing N N 48  
ASN CB  HB3  sing N N 49  
ASN CG  OD1  doub N N 50  
ASN CG  ND2  sing N N 51  
ASN ND2 HD21 sing N N 52  
ASN ND2 HD22 sing N N 53  
ASN OXT HXT  sing N N 54  
ASP N   CA   sing N N 55  
ASP N   H    sing N N 56  
ASP N   H2   sing N N 57  
ASP CA  C    sing N N 58  
ASP CA  CB   sing N N 59  
ASP CA  HA   sing N N 60  
ASP C   O    doub N N 61  
ASP C   OXT  sing N N 62  
ASP CB  CG   sing N N 63  
ASP CB  HB2  sing N N 64  
ASP CB  HB3  sing N N 65  
ASP CG  OD1  doub N N 66  
ASP CG  OD2  sing N N 67  
ASP OD2 HD2  sing N N 68  
ASP OXT HXT  sing N N 69  
GLN N   CA   sing N N 70  
GLN N   H    sing N N 71  
GLN N   H2   sing N N 72  
GLN CA  C    sing N N 73  
GLN CA  CB   sing N N 74  
GLN CA  HA   sing N N 75  
GLN C   O    doub N N 76  
GLN C   OXT  sing N N 77  
GLN CB  CG   sing N N 78  
GLN CB  HB2  sing N N 79  
GLN CB  HB3  sing N N 80  
GLN CG  CD   sing N N 81  
GLN CG  HG2  sing N N 82  
GLN CG  HG3  sing N N 83  
GLN CD  OE1  doub N N 84  
GLN CD  NE2  sing N N 85  
GLN NE2 HE21 sing N N 86  
GLN NE2 HE22 sing N N 87  
GLN OXT HXT  sing N N 88  
GLU N   CA   sing N N 89  
GLU N   H    sing N N 90  
GLU N   H2   sing N N 91  
GLU CA  C    sing N N 92  
GLU CA  CB   sing N N 93  
GLU CA  HA   sing N N 94  
GLU C   O    doub N N 95  
GLU C   OXT  sing N N 96  
GLU CB  CG   sing N N 97  
GLU CB  HB2  sing N N 98  
GLU CB  HB3  sing N N 99  
GLU CG  CD   sing N N 100 
GLU CG  HG2  sing N N 101 
GLU CG  HG3  sing N N 102 
GLU CD  OE1  doub N N 103 
GLU CD  OE2  sing N N 104 
GLU OE2 HE2  sing N N 105 
GLU OXT HXT  sing N N 106 
GLY N   CA   sing N N 107 
GLY N   H    sing N N 108 
GLY N   H2   sing N N 109 
GLY CA  C    sing N N 110 
GLY CA  HA2  sing N N 111 
GLY CA  HA3  sing N N 112 
GLY C   O    doub N N 113 
GLY C   OXT  sing N N 114 
GLY OXT HXT  sing N N 115 
HEM CHA C1A  sing N N 116 
HEM CHA C4D  doub N N 117 
HEM CHA HHA  sing N N 118 
HEM CHB C4A  sing N N 119 
HEM CHB C1B  doub N N 120 
HEM CHB HHB  sing N N 121 
HEM CHC C4B  sing N N 122 
HEM CHC C1C  doub N N 123 
HEM CHC HHC  sing N N 124 
HEM CHD C4C  doub N N 125 
HEM CHD C1D  sing N N 126 
HEM CHD HHD  sing N N 127 
HEM C1A C2A  doub Y N 128 
HEM C1A NA   sing Y N 129 
HEM C2A C3A  sing Y N 130 
HEM C2A CAA  sing N N 131 
HEM C3A C4A  doub Y N 132 
HEM C3A CMA  sing N N 133 
HEM C4A NA   sing Y N 134 
HEM CMA HMA  sing N N 135 
HEM CMA HMAA sing N N 136 
HEM CMA HMAB sing N N 137 
HEM CAA CBA  sing N N 138 
HEM CAA HAA  sing N N 139 
HEM CAA HAAA sing N N 140 
HEM CBA CGA  sing N N 141 
HEM CBA HBA  sing N N 142 
HEM CBA HBAA sing N N 143 
HEM CGA O1A  doub N N 144 
HEM CGA O2A  sing N N 145 
HEM C1B C2B  sing N N 146 
HEM C1B NB   sing N N 147 
HEM C2B C3B  doub N N 148 
HEM C2B CMB  sing N N 149 
HEM C3B C4B  sing N N 150 
HEM C3B CAB  sing N N 151 
HEM C4B NB   doub N N 152 
HEM CMB HMB  sing N N 153 
HEM CMB HMBA sing N N 154 
HEM CMB HMBB sing N N 155 
HEM CAB CBB  doub N N 156 
HEM CAB HAB  sing N N 157 
HEM CBB HBB  sing N N 158 
HEM CBB HBBA sing N N 159 
HEM C1C C2C  sing Y N 160 
HEM C1C NC   sing Y N 161 
HEM C2C C3C  doub Y N 162 
HEM C2C CMC  sing N N 163 
HEM C3C C4C  sing Y N 164 
HEM C3C CAC  sing N N 165 
HEM C4C NC   sing Y N 166 
HEM CMC HMC  sing N N 167 
HEM CMC HMCA sing N N 168 
HEM CMC HMCB sing N N 169 
HEM CAC CBC  doub N N 170 
HEM CAC HAC  sing N N 171 
HEM CBC HBC  sing N N 172 
HEM CBC HBCA sing N N 173 
HEM C1D C2D  sing N N 174 
HEM C1D ND   doub N N 175 
HEM C2D C3D  doub N N 176 
HEM C2D CMD  sing N N 177 
HEM C3D C4D  sing N N 178 
HEM C3D CAD  sing N N 179 
HEM C4D ND   sing N N 180 
HEM CMD HMD  sing N N 181 
HEM CMD HMDA sing N N 182 
HEM CMD HMDB sing N N 183 
HEM CAD CBD  sing N N 184 
HEM CAD HAD  sing N N 185 
HEM CAD HADA sing N N 186 
HEM CBD CGD  sing N N 187 
HEM CBD HBD  sing N N 188 
HEM CBD HBDA sing N N 189 
HEM CGD O1D  doub N N 190 
HEM CGD O2D  sing N N 191 
HEM O2A H2A  sing N N 192 
HEM O2D H2D  sing N N 193 
HEM FE  NA   sing N N 194 
HEM FE  NB   sing N N 195 
HEM FE  NC   sing N N 196 
HEM FE  ND   sing N N 197 
HIS N   CA   sing N N 198 
HIS N   H    sing N N 199 
HIS N   H2   sing N N 200 
HIS CA  C    sing N N 201 
HIS CA  CB   sing N N 202 
HIS CA  HA   sing N N 203 
HIS C   O    doub N N 204 
HIS C   OXT  sing N N 205 
HIS CB  CG   sing N N 206 
HIS CB  HB2  sing N N 207 
HIS CB  HB3  sing N N 208 
HIS CG  ND1  sing Y N 209 
HIS CG  CD2  doub Y N 210 
HIS ND1 CE1  doub Y N 211 
HIS ND1 HD1  sing N N 212 
HIS CD2 NE2  sing Y N 213 
HIS CD2 HD2  sing N N 214 
HIS CE1 NE2  sing Y N 215 
HIS CE1 HE1  sing N N 216 
HIS NE2 HE2  sing N N 217 
HIS OXT HXT  sing N N 218 
HOH O   H1   sing N N 219 
HOH O   H2   sing N N 220 
ILE N   CA   sing N N 221 
ILE N   H    sing N N 222 
ILE N   H2   sing N N 223 
ILE CA  C    sing N N 224 
ILE CA  CB   sing N N 225 
ILE CA  HA   sing N N 226 
ILE C   O    doub N N 227 
ILE C   OXT  sing N N 228 
ILE CB  CG1  sing N N 229 
ILE CB  CG2  sing N N 230 
ILE CB  HB   sing N N 231 
ILE CG1 CD1  sing N N 232 
ILE CG1 HG12 sing N N 233 
ILE CG1 HG13 sing N N 234 
ILE CG2 HG21 sing N N 235 
ILE CG2 HG22 sing N N 236 
ILE CG2 HG23 sing N N 237 
ILE CD1 HD11 sing N N 238 
ILE CD1 HD12 sing N N 239 
ILE CD1 HD13 sing N N 240 
ILE OXT HXT  sing N N 241 
LEU N   CA   sing N N 242 
LEU N   H    sing N N 243 
LEU N   H2   sing N N 244 
LEU CA  C    sing N N 245 
LEU CA  CB   sing N N 246 
LEU CA  HA   sing N N 247 
LEU C   O    doub N N 248 
LEU C   OXT  sing N N 249 
LEU CB  CG   sing N N 250 
LEU CB  HB2  sing N N 251 
LEU CB  HB3  sing N N 252 
LEU CG  CD1  sing N N 253 
LEU CG  CD2  sing N N 254 
LEU CG  HG   sing N N 255 
LEU CD1 HD11 sing N N 256 
LEU CD1 HD12 sing N N 257 
LEU CD1 HD13 sing N N 258 
LEU CD2 HD21 sing N N 259 
LEU CD2 HD22 sing N N 260 
LEU CD2 HD23 sing N N 261 
LEU OXT HXT  sing N N 262 
LYS N   CA   sing N N 263 
LYS N   H    sing N N 264 
LYS N   H2   sing N N 265 
LYS CA  C    sing N N 266 
LYS CA  CB   sing N N 267 
LYS CA  HA   sing N N 268 
LYS C   O    doub N N 269 
LYS C   OXT  sing N N 270 
LYS CB  CG   sing N N 271 
LYS CB  HB2  sing N N 272 
LYS CB  HB3  sing N N 273 
LYS CG  CD   sing N N 274 
LYS CG  HG2  sing N N 275 
LYS CG  HG3  sing N N 276 
LYS CD  CE   sing N N 277 
LYS CD  HD2  sing N N 278 
LYS CD  HD3  sing N N 279 
LYS CE  NZ   sing N N 280 
LYS CE  HE2  sing N N 281 
LYS CE  HE3  sing N N 282 
LYS NZ  HZ1  sing N N 283 
LYS NZ  HZ2  sing N N 284 
LYS NZ  HZ3  sing N N 285 
LYS OXT HXT  sing N N 286 
MET N   CA   sing N N 287 
MET N   H    sing N N 288 
MET N   H2   sing N N 289 
MET CA  C    sing N N 290 
MET CA  CB   sing N N 291 
MET CA  HA   sing N N 292 
MET C   O    doub N N 293 
MET C   OXT  sing N N 294 
MET CB  CG   sing N N 295 
MET CB  HB2  sing N N 296 
MET CB  HB3  sing N N 297 
MET CG  SD   sing N N 298 
MET CG  HG2  sing N N 299 
MET CG  HG3  sing N N 300 
MET SD  CE   sing N N 301 
MET CE  HE1  sing N N 302 
MET CE  HE2  sing N N 303 
MET CE  HE3  sing N N 304 
MET OXT HXT  sing N N 305 
PHE N   CA   sing N N 306 
PHE N   H    sing N N 307 
PHE N   H2   sing N N 308 
PHE CA  C    sing N N 309 
PHE CA  CB   sing N N 310 
PHE CA  HA   sing N N 311 
PHE C   O    doub N N 312 
PHE C   OXT  sing N N 313 
PHE CB  CG   sing N N 314 
PHE CB  HB2  sing N N 315 
PHE CB  HB3  sing N N 316 
PHE CG  CD1  doub Y N 317 
PHE CG  CD2  sing Y N 318 
PHE CD1 CE1  sing Y N 319 
PHE CD1 HD1  sing N N 320 
PHE CD2 CE2  doub Y N 321 
PHE CD2 HD2  sing N N 322 
PHE CE1 CZ   doub Y N 323 
PHE CE1 HE1  sing N N 324 
PHE CE2 CZ   sing Y N 325 
PHE CE2 HE2  sing N N 326 
PHE CZ  HZ   sing N N 327 
PHE OXT HXT  sing N N 328 
PRO N   CA   sing N N 329 
PRO N   CD   sing N N 330 
PRO N   H    sing N N 331 
PRO CA  C    sing N N 332 
PRO CA  CB   sing N N 333 
PRO CA  HA   sing N N 334 
PRO C   O    doub N N 335 
PRO C   OXT  sing N N 336 
PRO CB  CG   sing N N 337 
PRO CB  HB2  sing N N 338 
PRO CB  HB3  sing N N 339 
PRO CG  CD   sing N N 340 
PRO CG  HG2  sing N N 341 
PRO CG  HG3  sing N N 342 
PRO CD  HD2  sing N N 343 
PRO CD  HD3  sing N N 344 
PRO OXT HXT  sing N N 345 
SER N   CA   sing N N 346 
SER N   H    sing N N 347 
SER N   H2   sing N N 348 
SER CA  C    sing N N 349 
SER CA  CB   sing N N 350 
SER CA  HA   sing N N 351 
SER C   O    doub N N 352 
SER C   OXT  sing N N 353 
SER CB  OG   sing N N 354 
SER CB  HB2  sing N N 355 
SER CB  HB3  sing N N 356 
SER OG  HG   sing N N 357 
SER OXT HXT  sing N N 358 
THR N   CA   sing N N 359 
THR N   H    sing N N 360 
THR N   H2   sing N N 361 
THR CA  C    sing N N 362 
THR CA  CB   sing N N 363 
THR CA  HA   sing N N 364 
THR C   O    doub N N 365 
THR C   OXT  sing N N 366 
THR CB  OG1  sing N N 367 
THR CB  CG2  sing N N 368 
THR CB  HB   sing N N 369 
THR OG1 HG1  sing N N 370 
THR CG2 HG21 sing N N 371 
THR CG2 HG22 sing N N 372 
THR CG2 HG23 sing N N 373 
THR OXT HXT  sing N N 374 
TRP N   CA   sing N N 375 
TRP N   H    sing N N 376 
TRP N   H2   sing N N 377 
TRP CA  C    sing N N 378 
TRP CA  CB   sing N N 379 
TRP CA  HA   sing N N 380 
TRP C   O    doub N N 381 
TRP C   OXT  sing N N 382 
TRP CB  CG   sing N N 383 
TRP CB  HB2  sing N N 384 
TRP CB  HB3  sing N N 385 
TRP CG  CD1  doub Y N 386 
TRP CG  CD2  sing Y N 387 
TRP CD1 NE1  sing Y N 388 
TRP CD1 HD1  sing N N 389 
TRP CD2 CE2  doub Y N 390 
TRP CD2 CE3  sing Y N 391 
TRP NE1 CE2  sing Y N 392 
TRP NE1 HE1  sing N N 393 
TRP CE2 CZ2  sing Y N 394 
TRP CE3 CZ3  doub Y N 395 
TRP CE3 HE3  sing N N 396 
TRP CZ2 CH2  doub Y N 397 
TRP CZ2 HZ2  sing N N 398 
TRP CZ3 CH2  sing Y N 399 
TRP CZ3 HZ3  sing N N 400 
TRP CH2 HH2  sing N N 401 
TRP OXT HXT  sing N N 402 
TYR N   CA   sing N N 403 
TYR N   H    sing N N 404 
TYR N   H2   sing N N 405 
TYR CA  C    sing N N 406 
TYR CA  CB   sing N N 407 
TYR CA  HA   sing N N 408 
TYR C   O    doub N N 409 
TYR C   OXT  sing N N 410 
TYR CB  CG   sing N N 411 
TYR CB  HB2  sing N N 412 
TYR CB  HB3  sing N N 413 
TYR CG  CD1  doub Y N 414 
TYR CG  CD2  sing Y N 415 
TYR CD1 CE1  sing Y N 416 
TYR CD1 HD1  sing N N 417 
TYR CD2 CE2  doub Y N 418 
TYR CD2 HD2  sing N N 419 
TYR CE1 CZ   doub Y N 420 
TYR CE1 HE1  sing N N 421 
TYR CE2 CZ   sing Y N 422 
TYR CE2 HE2  sing N N 423 
TYR CZ  OH   sing N N 424 
TYR OH  HH   sing N N 425 
TYR OXT HXT  sing N N 426 
VAL N   CA   sing N N 427 
VAL N   H    sing N N 428 
VAL N   H2   sing N N 429 
VAL CA  C    sing N N 430 
VAL CA  CB   sing N N 431 
VAL CA  HA   sing N N 432 
VAL C   O    doub N N 433 
VAL C   OXT  sing N N 434 
VAL CB  CG1  sing N N 435 
VAL CB  CG2  sing N N 436 
VAL CB  HB   sing N N 437 
VAL CG1 HG11 sing N N 438 
VAL CG1 HG12 sing N N 439 
VAL CG1 HG13 sing N N 440 
VAL CG2 HG21 sing N N 441 
VAL CG2 HG22 sing N N 442 
VAL CG2 HG23 sing N N 443 
VAL OXT HXT  sing N N 444 
# 
_pdbx_audit_support.funding_organization   NWO 
_pdbx_audit_support.country                Netherlands 
_pdbx_audit_support.grant_number           ? 
_pdbx_audit_support.ordinal                1 
# 
_pdbx_initial_refinement_model.id               1 
_pdbx_initial_refinement_model.entity_id_list   ? 
_pdbx_initial_refinement_model.type             'experimental model' 
_pdbx_initial_refinement_model.source_name      PDB 
_pdbx_initial_refinement_model.accession_code   3F8C 
_pdbx_initial_refinement_model.details          'PDB entry 3F8C' 
# 
_atom_sites.entry_id                    6FUU 
_atom_sites.fract_transf_matrix[1][1]   0.01775979 
_atom_sites.fract_transf_matrix[1][2]   0.01183616 
_atom_sites.fract_transf_matrix[1][3]   0.01881822 
_atom_sites.fract_transf_matrix[2][1]   0.00167532 
_atom_sites.fract_transf_matrix[2][2]   -0.02472991 
_atom_sites.fract_transf_matrix[2][3]   0.01397337 
_atom_sites.fract_transf_matrix[3][1]   0.00431219 
_atom_sites.fract_transf_matrix[3][2]   -0.00148103 
_atom_sites.fract_transf_matrix[3][3]   -0.00313812 
_atom_sites.fract_transf_vector[1]      0.596640 
_atom_sites.fract_transf_vector[2]      0.525114 
_atom_sites.fract_transf_vector[3]      0.683070 
# 
loop_
_atom_type.symbol 
C  
FE 
N  
O  
S  
# 
loop_
_atom_site.group_PDB 
_atom_site.id 
_atom_site.type_symbol 
_atom_site.label_atom_id 
_atom_site.label_alt_id 
_atom_site.label_comp_id 
_atom_site.label_asym_id 
_atom_site.label_entity_id 
_atom_site.label_seq_id 
_atom_site.pdbx_PDB_ins_code 
_atom_site.Cartn_x 
_atom_site.Cartn_y 
_atom_site.Cartn_z 
_atom_site.occupancy 
_atom_site.B_iso_or_equiv 
_atom_site.pdbx_formal_charge 
_atom_site.auth_seq_id 
_atom_site.auth_comp_id 
_atom_site.auth_asym_id 
_atom_site.auth_atom_id 
_atom_site.pdbx_PDB_model_num 
ATOM   1   N  N   . PRO A 1 5   ? -1.297  -2.913  -18.190 1.00 61.00 ? 5   PRO A N   1 
ATOM   2   C  CA  . PRO A 1 5   ? -0.825  -4.214  -17.694 1.00 65.61 ? 5   PRO A CA  1 
ATOM   3   C  C   . PRO A 1 5   ? -1.327  -4.491  -16.276 1.00 68.92 ? 5   PRO A C   1 
ATOM   4   O  O   . PRO A 1 5   ? -0.920  -3.805  -15.337 1.00 67.99 ? 5   PRO A O   1 
ATOM   5   C  CB  . PRO A 1 5   ? 0.703   -4.075  -17.734 1.00 61.79 ? 5   PRO A CB  1 
ATOM   6   C  CG  . PRO A 1 5   ? 0.959   -2.606  -17.673 1.00 56.42 ? 5   PRO A CG  1 
ATOM   7   C  CD  . PRO A 1 5   ? -0.208  -1.928  -18.324 1.00 57.60 ? 5   PRO A CD  1 
ATOM   8   N  N   . LYS A 1 6   ? -2.195  -5.497  -16.135 1.00 70.13 ? 6   LYS A N   1 
ATOM   9   C  CA  . LYS A 1 6   ? -2.949  -5.669  -14.894 1.00 70.90 ? 6   LYS A CA  1 
ATOM   10  C  C   . LYS A 1 6   ? -2.031  -5.912  -13.699 1.00 68.49 ? 6   LYS A C   1 
ATOM   11  O  O   . LYS A 1 6   ? -2.213  -5.311  -12.634 1.00 63.47 ? 6   LYS A O   1 
ATOM   12  C  CB  . LYS A 1 6   ? -3.957  -6.810  -15.046 1.00 75.44 ? 6   LYS A CB  1 
ATOM   13  C  CG  . LYS A 1 6   ? -5.229  -6.417  -15.791 1.00 79.70 ? 6   LYS A CG  1 
ATOM   14  C  CD  . LYS A 1 6   ? -6.211  -7.578  -15.880 1.00 83.63 ? 6   LYS A CD  1 
ATOM   15  C  CE  . LYS A 1 6   ? -7.470  -7.193  -16.641 1.00 84.51 ? 6   LYS A CE  1 
ATOM   16  N  NZ  . LYS A 1 6   ? -8.404  -8.343  -16.801 1.00 87.48 ? 6   LYS A NZ  1 
ATOM   17  N  N   . GLU A 1 7   ? -1.035  -6.789  -13.854 1.00 68.26 ? 7   GLU A N   1 
ATOM   18  C  CA  . GLU A 1 7   ? -0.197  -7.152  -12.713 1.00 66.61 ? 7   GLU A CA  1 
ATOM   19  C  C   . GLU A 1 7   ? 0.688   -5.994  -12.260 1.00 57.41 ? 7   GLU A C   1 
ATOM   20  O  O   . GLU A 1 7   ? 1.032   -5.905  -11.073 1.00 52.77 ? 7   GLU A O   1 
ATOM   21  C  CB  . GLU A 1 7   ? 0.635   -8.389  -13.049 1.00 74.53 ? 7   GLU A CB  1 
ATOM   22  C  CG  . GLU A 1 7   ? -0.173  -9.675  -12.973 1.00 80.80 ? 7   GLU A CG  1 
ATOM   23  C  CD  . GLU A 1 7   ? 0.405   -10.793 -13.818 1.00 89.17 ? 7   GLU A CD  1 
ATOM   24  O  OE1 . GLU A 1 7   ? 0.976   -10.494 -14.890 1.00 92.13 ? 7   GLU A OE1 1 
ATOM   25  O  OE2 . GLU A 1 7   ? 0.286   -11.973 -13.411 1.00 91.17 ? 7   GLU A OE2 1 
ATOM   26  N  N   . MET A 1 8   ? 1.066   -5.096  -13.173 1.00 50.56 ? 8   MET A N   1 
ATOM   27  C  CA  A MET A 1 8   ? 1.815   -3.904  -12.785 0.50 47.34 ? 8   MET A CA  1 
ATOM   28  C  CA  B MET A 1 8   ? 1.823   -3.930  -12.737 0.50 47.29 ? 8   MET A CA  1 
ATOM   29  C  C   . MET A 1 8   ? 0.927   -2.907  -12.052 1.00 43.05 ? 8   MET A C   1 
ATOM   30  O  O   . MET A 1 8   ? 1.359   -2.269  -11.085 1.00 41.61 ? 8   MET A O   1 
ATOM   31  C  CB  A MET A 1 8   ? 2.435   -3.260  -14.023 0.50 49.37 ? 8   MET A CB  1 
ATOM   32  C  CB  B MET A 1 8   ? 2.565   -3.292  -13.912 0.50 49.26 ? 8   MET A CB  1 
ATOM   33  C  CG  A MET A 1 8   ? 2.931   -1.847  -13.810 0.50 50.83 ? 8   MET A CG  1 
ATOM   34  C  CG  B MET A 1 8   ? 3.910   -2.698  -13.505 0.50 49.35 ? 8   MET A CG  1 
ATOM   35  S  SD  A MET A 1 8   ? 3.181   -1.021  -15.390 0.50 54.13 ? 8   MET A SD  1 
ATOM   36  S  SD  B MET A 1 8   ? 4.753   -1.851  -14.854 0.50 53.16 ? 8   MET A SD  1 
ATOM   37  C  CE  A MET A 1 8   ? 4.309   -2.166  -16.179 0.50 54.61 ? 8   MET A CE  1 
ATOM   38  C  CE  B MET A 1 8   ? 3.534   -0.609  -15.281 0.50 52.94 ? 8   MET A CE  1 
ATOM   39  N  N   . LEU A 1 9   ? -0.319  -2.747  -12.516 1.00 42.81 ? 9   LEU A N   1 
ATOM   40  C  CA  . LEU A 1 9   ? -1.278  -1.920  -11.787 1.00 41.88 ? 9   LEU A CA  1 
ATOM   41  C  C   . LEU A 1 9   ? -1.466  -2.431  -10.361 1.00 37.34 ? 9   LEU A C   1 
ATOM   42  O  O   . LEU A 1 9   ? -1.497  -1.648  -9.406  1.00 36.35 ? 9   LEU A O   1 
ATOM   43  C  CB  . LEU A 1 9   ? -2.617  -1.896  -12.527 1.00 41.97 ? 9   LEU A CB  1 
ATOM   44  C  CG  . LEU A 1 9   ? -3.793  -1.152  -11.884 1.00 46.33 ? 9   LEU A CG  1 
ATOM   45  C  CD1 . LEU A 1 9   ? -3.406  0.277   -11.517 1.00 51.44 ? 9   LEU A CD1 1 
ATOM   46  C  CD2 . LEU A 1 9   ? -5.014  -1.155  -12.802 1.00 52.54 ? 9   LEU A CD2 1 
ATOM   47  N  N   . ARG A 1 10  ? -1.588  -3.748  -10.199 1.00 39.53 ? 10  ARG A N   1 
ATOM   48  C  CA  . ARG A 1 10  ? -1.715  -4.308  -8.861  1.00 37.86 ? 10  ARG A CA  1 
ATOM   49  C  C   . ARG A 1 10  ? -0.473  -4.011  -8.035  1.00 36.31 ? 10  ARG A C   1 
ATOM   50  O  O   . ARG A 1 10  ? -0.572  -3.645  -6.858  1.00 33.97 ? 10  ARG A O   1 
ATOM   51  C  CB  . ARG A 1 10  ? -1.972  -5.816  -8.952  1.00 49.70 ? 10  ARG A CB  1 
ATOM   52  C  CG  . ARG A 1 10  ? -2.187  -6.524  -7.618  1.00 54.81 ? 10  ARG A CG  1 
ATOM   53  C  CD  . ARG A 1 10  ? -3.228  -5.823  -6.742  1.00 62.87 ? 10  ARG A CD  1 
ATOM   54  N  NE  . ARG A 1 10  ? -4.442  -5.446  -7.468  1.00 70.82 ? 10  ARG A NE  1 
ATOM   55  C  CZ  . ARG A 1 10  ? -5.514  -6.222  -7.603  1.00 75.86 ? 10  ARG A CZ  1 
ATOM   56  N  NH1 . ARG A 1 10  ? -5.531  -7.435  -7.066  1.00 76.36 ? 10  ARG A NH1 1 
ATOM   57  N  NH2 . ARG A 1 10  ? -6.568  -5.784  -8.280  1.00 76.85 ? 10  ARG A NH2 1 
ATOM   58  N  N   . ALA A 1 11  ? 0.707   -4.146  -8.642  1.00 36.50 ? 11  ALA A N   1 
ATOM   59  C  CA  . ALA A 1 11  ? 1.939   -3.792  -7.948  1.00 36.09 ? 11  ALA A CA  1 
ATOM   60  C  C   . ALA A 1 11  ? 1.910   -2.340  -7.501  1.00 32.21 ? 11  ALA A C   1 
ATOM   61  O  O   . ALA A 1 11  ? 2.285   -2.010  -6.371  1.00 29.41 ? 11  ALA A O   1 
ATOM   62  C  CB  . ALA A 1 11  ? 3.135   -4.042  -8.864  1.00 40.22 ? 11  ALA A CB  1 
ATOM   63  N  N   . GLN A 1 12  ? 1.473   -1.453  -8.391  1.00 30.56 ? 12  GLN A N   1 
ATOM   64  C  CA  . GLN A 1 12  ? 1.403   -0.042  -8.047  1.00 27.31 ? 12  GLN A CA  1 
ATOM   65  C  C   . GLN A 1 12  ? 0.411   0.204   -6.922  1.00 23.76 ? 12  GLN A C   1 
ATOM   66  O  O   . GLN A 1 12  ? 0.710   0.938   -5.972  1.00 26.04 ? 12  GLN A O   1 
ATOM   67  C  CB  . GLN A 1 12  ? 1.031   0.761   -9.292  1.00 34.20 ? 12  GLN A CB  1 
ATOM   68  C  CG  . GLN A 1 12  ? 2.085   0.677   -10.367 1.00 38.08 ? 12  GLN A CG  1 
ATOM   69  C  CD  . GLN A 1 12  ? 1.701   1.401   -11.634 1.00 39.55 ? 12  GLN A CD  1 
ATOM   70  O  OE1 . GLN A 1 12  ? 0.548   1.786   -11.822 1.00 43.93 ? 12  GLN A OE1 1 
ATOM   71  N  NE2 . GLN A 1 12  ? 2.672   1.580   -12.523 1.00 41.17 ? 12  GLN A NE2 1 
ATOM   72  N  N   . THR A 1 13  ? -0.770  -0.418  -7.001  1.00 26.06 ? 13  THR A N   1 
ATOM   73  C  CA  . THR A 1 13  ? -1.767  -0.238  -5.952  1.00 25.70 ? 13  THR A CA  1 
ATOM   74  C  C   . THR A 1 13  ? -1.245  -0.736  -4.614  1.00 27.20 ? 13  THR A C   1 
ATOM   75  O  O   . THR A 1 13  ? -1.425  -0.075  -3.584  1.00 26.18 ? 13  THR A O   1 
ATOM   76  C  CB  . THR A 1 13  ? -3.062  -0.959  -6.318  1.00 28.96 ? 13  THR A CB  1 
ATOM   77  O  OG1 . THR A 1 13  ? -3.517  -0.515  -7.608  1.00 29.40 ? 13  THR A OG1 1 
ATOM   78  C  CG2 . THR A 1 13  ? -4.122  -0.646  -5.290  1.00 31.01 ? 13  THR A CG2 1 
ATOM   79  N  N   . ASN A 1 14  ? -0.591  -1.900  -4.608  1.00 24.83 ? 14  ASN A N   1 
ATOM   80  C  CA  . ASN A 1 14  ? -0.031  -2.424  -3.358  1.00 24.09 ? 14  ASN A CA  1 
ATOM   81  C  C   . ASN A 1 14  ? 0.941   -1.440  -2.725  1.00 27.86 ? 14  ASN A C   1 
ATOM   82  O  O   . ASN A 1 14  ? 0.910   -1.212  -1.509  1.00 27.76 ? 14  ASN A O   1 
ATOM   83  C  CB  . ASN A 1 14  ? 0.675   -3.753  -3.615  1.00 32.63 ? 14  ASN A CB  1 
ATOM   84  C  CG  . ASN A 1 14  ? -0.210  -4.928  -3.337  1.00 47.58 ? 14  ASN A CG  1 
ATOM   85  O  OD1 . ASN A 1 14  ? -1.299  -5.041  -3.899  1.00 51.85 ? 14  ASN A OD1 1 
ATOM   86  N  ND2 . ASN A 1 14  ? 0.238   -5.804  -2.448  1.00 46.33 ? 14  ASN A ND2 1 
ATOM   87  N  N   . VAL A 1 15  ? 1.838   -0.868  -3.534  1.00 26.10 ? 15  VAL A N   1 
ATOM   88  C  CA  . VAL A 1 15  ? 2.842   0.048   -3.003  1.00 23.62 ? 15  VAL A CA  1 
ATOM   89  C  C   . VAL A 1 15  ? 2.172   1.267   -2.398  1.00 26.10 ? 15  VAL A C   1 
ATOM   90  O  O   . VAL A 1 15  ? 2.564   1.752   -1.328  1.00 26.77 ? 15  VAL A O   1 
ATOM   91  C  CB  . VAL A 1 15  ? 3.834   0.451   -4.110  1.00 28.48 ? 15  VAL A CB  1 
ATOM   92  C  CG1 . VAL A 1 15  ? 4.742   1.563   -3.616  1.00 37.94 ? 15  VAL A CG1 1 
ATOM   93  C  CG2 . VAL A 1 15  ? 4.644   -0.750  -4.542  1.00 33.92 ? 15  VAL A CG2 1 
ATOM   94  N  N   . ILE A 1 16  ? 1.162   1.794   -3.088  1.00 23.08 ? 16  ILE A N   1 
ATOM   95  C  CA  . ILE A 1 16  ? 0.460   2.974   -2.595  1.00 22.37 ? 16  ILE A CA  1 
ATOM   96  C  C   . ILE A 1 16  ? -0.247  2.654   -1.286  1.00 20.62 ? 16  ILE A C   1 
ATOM   97  O  O   . ILE A 1 16  ? -0.142  3.406   -0.313  1.00 24.62 ? 16  ILE A O   1 
ATOM   98  C  CB  . ILE A 1 16  ? -0.521  3.496   -3.662  1.00 26.91 ? 16  ILE A CB  1 
ATOM   99  C  CG1 . ILE A 1 16  ? 0.254   4.131   -4.826  1.00 24.18 ? 16  ILE A CG1 1 
ATOM   100 C  CG2 . ILE A 1 16  ? -1.476  4.499   -3.039  1.00 26.26 ? 16  ILE A CG2 1 
ATOM   101 C  CD1 . ILE A 1 16  ? -0.588  4.348   -6.094  1.00 26.82 ? 16  ILE A CD1 1 
ATOM   102 N  N   . LEU A 1 17  ? -0.948  1.507   -1.232  1.00 21.19 ? 17  LEU A N   1 
ATOM   103 C  CA  . LEU A 1 17  ? -1.694  1.155   -0.028  1.00 21.44 ? 17  LEU A CA  1 
ATOM   104 C  C   . LEU A 1 17  ? -0.765  0.969   1.155   1.00 21.92 ? 17  LEU A C   1 
ATOM   105 O  O   . LEU A 1 17  ? -1.081  1.380   2.279   1.00 22.26 ? 17  LEU A O   1 
ATOM   106 C  CB  . LEU A 1 17  ? -2.519  -0.112  -0.267  1.00 25.10 ? 17  LEU A CB  1 
ATOM   107 C  CG  . LEU A 1 17  ? -3.651  0.070   -1.279  1.00 29.28 ? 17  LEU A CG  1 
ATOM   108 C  CD1 . LEU A 1 17  ? -4.393  -1.221  -1.510  1.00 32.22 ? 17  LEU A CD1 1 
ATOM   109 C  CD2 . LEU A 1 17  ? -4.601  1.157   -0.799  1.00 28.12 ? 17  LEU A CD2 1 
ATOM   110 N  N   . LEU A 1 18  ? 0.383   0.337   0.932   1.00 23.31 ? 18  LEU A N   1 
ATOM   111 C  CA  . LEU A 1 18  ? 1.326   0.155   2.030   1.00 20.43 ? 18  LEU A CA  1 
ATOM   112 C  C   . LEU A 1 18  ? 1.878   1.494   2.495   1.00 23.00 ? 18  LEU A C   1 
ATOM   113 O  O   . LEU A 1 18  ? 2.091   1.712   3.694   1.00 25.02 ? 18  LEU A O   1 
ATOM   114 C  CB  . LEU A 1 18  ? 2.451   -0.776  1.597   1.00 23.49 ? 18  LEU A CB  1 
ATOM   115 C  CG  . LEU A 1 18  ? 1.964   -2.206  1.377   1.00 26.99 ? 18  LEU A CG  1 
ATOM   116 C  CD1 . LEU A 1 18  ? 3.100   -3.062  0.868   1.00 37.80 ? 18  LEU A CD1 1 
ATOM   117 C  CD2 . LEU A 1 18  ? 1.430   -2.741  2.681   1.00 25.86 ? 18  LEU A CD2 1 
ATOM   118 N  N   . ASN A 1 19  ? 2.113   2.419   1.565   1.00 21.85 ? 19  ASN A N   1 
ATOM   119 C  CA  . ASN A 1 19  ? 2.616   3.715   1.999   1.00 20.77 ? 19  ASN A CA  1 
ATOM   120 C  C   . ASN A 1 19  ? 1.563   4.507   2.748   1.00 21.41 ? 19  ASN A C   1 
ATOM   121 O  O   . ASN A 1 19  ? 1.906   5.289   3.640   1.00 26.68 ? 19  ASN A O   1 
ATOM   122 C  CB  . ASN A 1 19  ? 3.138   4.499   0.802   1.00 25.73 ? 19  ASN A CB  1 
ATOM   123 C  CG  . ASN A 1 19  ? 4.583   4.247   0.574   1.00 32.61 ? 19  ASN A CG  1 
ATOM   124 O  OD1 . ASN A 1 19  ? 5.433   4.908   1.165   1.00 33.35 ? 19  ASN A OD1 1 
ATOM   125 N  ND2 . ASN A 1 19  ? 4.885   3.256   -0.248  1.00 30.77 ? 19  ASN A ND2 1 
ATOM   126 N  N   . VAL A 1 20  ? 0.279   4.307   2.436   1.00 25.45 ? 20  VAL A N   1 
ATOM   127 C  CA  . VAL A 1 20  ? -0.757  4.943   3.246   1.00 22.54 ? 20  VAL A CA  1 
ATOM   128 C  C   . VAL A 1 20  ? -0.686  4.430   4.678   1.00 21.83 ? 20  VAL A C   1 
ATOM   129 O  O   . VAL A 1 20  ? -0.711  5.210   5.637   1.00 23.14 ? 20  VAL A O   1 
ATOM   130 C  CB  . VAL A 1 20  ? -2.153  4.718   2.634   1.00 25.51 ? 20  VAL A CB  1 
ATOM   131 C  CG1 . VAL A 1 20  ? -3.231  5.282   3.553   1.00 25.11 ? 20  VAL A CG1 1 
ATOM   132 C  CG2 . VAL A 1 20  ? -2.235  5.371   1.249   1.00 31.02 ? 20  VAL A CG2 1 
ATOM   133 N  N   . LEU A 1 21  ? -0.611  3.101   4.842   1.00 26.50 ? 21  LEU A N   1 
ATOM   134 C  CA  . LEU A 1 21  ? -0.547  2.530   6.183   1.00 21.90 ? 21  LEU A CA  1 
ATOM   135 C  C   . LEU A 1 21  ? 0.750   2.877   6.888   1.00 24.33 ? 21  LEU A C   1 
ATOM   136 O  O   . LEU A 1 21  ? 0.788   2.902   8.125   1.00 24.95 ? 21  LEU A O   1 
ATOM   137 C  CB  . LEU A 1 21  ? -0.703  1.012   6.133   1.00 24.53 ? 21  LEU A CB  1 
ATOM   138 C  CG  . LEU A 1 21  ? -2.032  0.575   5.534   1.00 22.33 ? 21  LEU A CG  1 
ATOM   139 C  CD1 . LEU A 1 21  ? -2.039  -0.933  5.501   1.00 23.54 ? 21  LEU A CD1 1 
ATOM   140 C  CD2 . LEU A 1 21  ? -3.154  1.117   6.395   1.00 24.07 ? 21  LEU A CD2 1 
ATOM   141 N  N   . LYS A 1 22  ? 1.825   3.111   6.134   1.00 27.44 ? 22  LYS A N   1 
ATOM   142 C  CA  . LYS A 1 22  ? 3.064   3.555   6.765   1.00 31.08 ? 22  LYS A CA  1 
ATOM   143 C  C   . LYS A 1 22  ? 2.869   4.887   7.474   1.00 31.92 ? 22  LYS A C   1 
ATOM   144 O  O   . LYS A 1 22  ? 3.499   5.138   8.509   1.00 31.70 ? 22  LYS A O   1 
ATOM   145 C  CB  . LYS A 1 22  ? 4.169   3.640   5.714   1.00 28.50 ? 22  LYS A CB  1 
ATOM   146 C  CG  . LYS A 1 22  ? 5.567   3.860   6.245   1.00 35.69 ? 22  LYS A CG  1 
ATOM   147 C  CD  . LYS A 1 22  ? 6.546   3.862   5.076   1.00 44.84 ? 22  LYS A CD  1 
ATOM   148 C  CE  . LYS A 1 22  ? 7.922   4.339   5.502   1.00 52.49 ? 22  LYS A CE  1 
ATOM   149 N  NZ  . LYS A 1 22  ? 7.862   5.728   6.022   1.00 58.58 ? 22  LYS A NZ  1 
ATOM   150 N  N   . GLN A 1 23  ? 1.973   5.733   6.962   1.00 28.07 ? 23  GLN A N   1 
ATOM   151 C  CA  . GLN A 1 23  ? 1.700   7.021   7.593   1.00 33.02 ? 23  GLN A CA  1 
ATOM   152 C  C   . GLN A 1 23  ? 0.865   6.885   8.859   1.00 32.07 ? 23  GLN A C   1 
ATOM   153 O  O   . GLN A 1 23  ? 0.890   7.783   9.710   1.00 32.74 ? 23  GLN A O   1 
ATOM   154 C  CB  . GLN A 1 23  ? 0.979   7.961   6.617   1.00 37.65 ? 23  GLN A CB  1 
ATOM   155 C  CG  . GLN A 1 23  ? 1.567   8.035   5.214   1.00 44.26 ? 23  GLN A CG  1 
ATOM   156 C  CD  . GLN A 1 23  ? 3.050   8.332   5.195   1.00 46.56 ? 23  GLN A CD  1 
ATOM   157 O  OE1 . GLN A 1 23  ? 3.530   9.215   5.911   1.00 51.64 ? 23  GLN A OE1 1 
ATOM   158 N  NE2 . GLN A 1 23  ? 3.787   7.599   4.366   1.00 44.87 ? 23  GLN A NE2 1 
ATOM   159 N  N   . GLY A 1 24  ? 0.119   5.801   8.994   1.00 27.87 ? 24  GLY A N   1 
ATOM   160 C  CA  . GLY A 1 24  ? -0.653  5.521   10.188  1.00 27.96 ? 24  GLY A CA  1 
ATOM   161 C  C   . GLY A 1 24  ? -1.739  4.516   9.879   1.00 25.24 ? 24  GLY A C   1 
ATOM   162 O  O   . GLY A 1 24  ? -2.147  4.341   8.732   1.00 26.54 ? 24  GLY A O   1 
ATOM   163 N  N   . ASP A 1 25  ? -2.212  3.838   10.930  1.00 23.01 ? 25  ASP A N   1 
ATOM   164 C  CA  . ASP A 1 25  ? -3.298  2.874   10.741  1.00 21.27 ? 25  ASP A CA  1 
ATOM   165 C  C   . ASP A 1 25  ? -4.503  3.567   10.108  1.00 21.30 ? 25  ASP A C   1 
ATOM   166 O  O   . ASP A 1 25  ? -4.773  4.743   10.374  1.00 23.99 ? 25  ASP A O   1 
ATOM   167 C  CB  . ASP A 1 25  ? -3.709  2.253   12.085  1.00 21.34 ? 25  ASP A CB  1 
ATOM   168 C  CG  . ASP A 1 25  ? -2.542  1.577   12.798  1.00 25.53 ? 25  ASP A CG  1 
ATOM   169 O  OD1 . ASP A 1 25  ? -1.445  1.555   12.206  1.00 25.06 ? 25  ASP A OD1 1 
ATOM   170 O  OD2 . ASP A 1 25  ? -2.714  1.075   13.949  1.00 23.22 ? 25  ASP A OD2 1 
ATOM   171 N  N   . ASN A 1 26  ? -5.260  2.828   9.303   1.00 22.49 ? 26  ASN A N   1 
ATOM   172 C  CA  . ASN A 1 26  ? -6.349  3.477   8.587   1.00 20.30 ? 26  ASN A CA  1 
ATOM   173 C  C   . ASN A 1 26  ? -7.398  2.453   8.189   1.00 21.99 ? 26  ASN A C   1 
ATOM   174 O  O   . ASN A 1 26  ? -7.173  1.241   8.232   1.00 21.53 ? 26  ASN A O   1 
ATOM   175 C  CB  . ASN A 1 26  ? -5.815  4.224   7.356   1.00 23.59 ? 26  ASN A CB  1 
ATOM   176 C  CG  . ASN A 1 26  ? -6.572  5.515   7.072   1.00 27.70 ? 26  ASN A CG  1 
ATOM   177 O  OD1 . ASN A 1 26  ? -7.757  5.637   7.370   1.00 27.96 ? 26  ASN A OD1 1 
ATOM   178 N  ND2 . ASN A 1 26  ? -5.866  6.499   6.512   1.00 30.77 ? 26  ASN A ND2 1 
ATOM   179 N  N   . TYR A 1 27  ? -8.540  2.968   7.743   1.00 26.81 ? 27  TYR A N   1 
ATOM   180 C  CA  . TYR A 1 27  ? -9.646  2.119   7.331   1.00 20.58 ? 27  TYR A CA  1 
ATOM   181 C  C   . TYR A 1 27  ? -9.947  2.362   5.857   1.00 22.01 ? 27  TYR A C   1 
ATOM   182 O  O   . TYR A 1 27  ? -9.497  3.349   5.266   1.00 22.39 ? 27  TYR A O   1 
ATOM   183 C  CB  . TYR A 1 27  ? -10.886 2.374   8.191   1.00 22.11 ? 27  TYR A CB  1 
ATOM   184 C  CG  . TYR A 1 27  ? -11.441 3.775   8.096   1.00 25.56 ? 27  TYR A CG  1 
ATOM   185 C  CD1 . TYR A 1 27  ? -10.796 4.853   8.702   1.00 31.26 ? 27  TYR A CD1 1 
ATOM   186 C  CD2 . TYR A 1 27  ? -12.620 4.027   7.404   1.00 29.39 ? 27  TYR A CD2 1 
ATOM   187 C  CE1 . TYR A 1 27  ? -11.317 6.138   8.608   1.00 36.84 ? 27  TYR A CE1 1 
ATOM   188 C  CE2 . TYR A 1 27  ? -13.142 5.302   7.307   1.00 36.34 ? 27  TYR A CE2 1 
ATOM   189 C  CZ  . TYR A 1 27  ? -12.489 6.352   7.908   1.00 40.89 ? 27  TYR A CZ  1 
ATOM   190 O  OH  . TYR A 1 27  ? -13.015 7.617   7.814   1.00 50.02 ? 27  TYR A OH  1 
ATOM   191 N  N   . VAL A 1 28  ? -10.710 1.442   5.260   1.00 24.30 ? 28  VAL A N   1 
ATOM   192 C  CA  . VAL A 1 28  ? -10.795 1.409   3.796   1.00 23.37 ? 28  VAL A CA  1 
ATOM   193 C  C   . VAL A 1 28  ? -11.266 2.749   3.247   1.00 27.46 ? 28  VAL A C   1 
ATOM   194 O  O   . VAL A 1 28  ? -10.676 3.282   2.303   1.00 29.01 ? 28  VAL A O   1 
ATOM   195 C  CB  . VAL A 1 28  ? -11.692 0.250   3.329   1.00 21.93 ? 28  VAL A CB  1 
ATOM   196 C  CG1 . VAL A 1 28  ? -12.224 0.515   1.919   1.00 24.66 ? 28  VAL A CG1 1 
ATOM   197 C  CG2 . VAL A 1 28  ? -10.909 -1.037  3.363   1.00 25.74 ? 28  VAL A CG2 1 
ATOM   198 N  N   . TYR A 1 29  ? -12.325 3.323   3.822   1.00 29.03 ? 29  TYR A N   1 
ATOM   199 C  CA  . TYR A 1 29  ? -12.842 4.559   3.237   1.00 29.76 ? 29  TYR A CA  1 
ATOM   200 C  C   . TYR A 1 29  ? -11.874 5.718   3.440   1.00 25.14 ? 29  TYR A C   1 
ATOM   201 O  O   . TYR A 1 29  ? -11.739 6.579   2.564   1.00 30.24 ? 29  TYR A O   1 
ATOM   202 C  CB  . TYR A 1 29  ? -14.207 4.902   3.825   1.00 42.03 ? 29  TYR A CB  1 
ATOM   203 C  CG  . TYR A 1 29  ? -15.341 4.030   3.330   1.00 59.35 ? 29  TYR A CG  1 
ATOM   204 C  CD1 . TYR A 1 29  ? -15.410 3.629   2.001   1.00 62.90 ? 29  TYR A CD1 1 
ATOM   205 C  CD2 . TYR A 1 29  ? -16.345 3.609   4.197   1.00 70.94 ? 29  TYR A CD2 1 
ATOM   206 C  CE1 . TYR A 1 29  ? -16.449 2.832   1.550   1.00 70.35 ? 29  TYR A CE1 1 
ATOM   207 C  CE2 . TYR A 1 29  ? -17.384 2.813   3.757   1.00 75.83 ? 29  TYR A CE2 1 
ATOM   208 C  CZ  . TYR A 1 29  ? -17.435 2.427   2.434   1.00 77.36 ? 29  TYR A CZ  1 
ATOM   209 O  OH  . TYR A 1 29  ? -18.478 1.633   2.005   1.00 82.80 ? 29  TYR A OH  1 
ATOM   210 N  N   . GLY A 1 30  ? -11.166 5.730   4.571   1.00 24.24 ? 30  GLY A N   1 
ATOM   211 C  CA  . GLY A 1 30  ? -10.172 6.760   4.788   1.00 25.39 ? 30  GLY A CA  1 
ATOM   212 C  C   . GLY A 1 30  ? -8.999  6.626   3.842   1.00 25.83 ? 30  GLY A C   1 
ATOM   213 O  O   . GLY A 1 30  ? -8.422  7.626   3.415   1.00 26.48 ? 30  GLY A O   1 
ATOM   214 N  N   . ILE A 1 31  ? -8.643  5.391   3.487   1.00 20.43 ? 31  ILE A N   1 
ATOM   215 C  CA  . ILE A 1 31  ? -7.535  5.161   2.570   1.00 18.94 ? 31  ILE A CA  1 
ATOM   216 C  C   . ILE A 1 31  ? -7.905  5.623   1.177   1.00 23.62 ? 31  ILE A C   1 
ATOM   217 O  O   . ILE A 1 31  ? -7.114  6.275   0.485   1.00 25.73 ? 31  ILE A O   1 
ATOM   218 C  CB  . ILE A 1 31  ? -7.158  3.675   2.565   1.00 22.77 ? 31  ILE A CB  1 
ATOM   219 C  CG1 . ILE A 1 31  ? -6.645  3.262   3.943   1.00 18.95 ? 31  ILE A CG1 1 
ATOM   220 C  CG2 . ILE A 1 31  ? -6.140  3.395   1.483   1.00 26.52 ? 31  ILE A CG2 1 
ATOM   221 C  CD1 . ILE A 1 31  ? -6.503  1.759   4.077   1.00 24.99 ? 31  ILE A CD1 1 
ATOM   222 N  N   . ILE A 1 32  ? -9.110  5.268   0.738   1.00 20.59 ? 32  ILE A N   1 
ATOM   223 C  CA  . ILE A 1 32  ? -9.587  5.730   -0.566  1.00 22.39 ? 32  ILE A CA  1 
ATOM   224 C  C   . ILE A 1 32  ? -9.509  7.248   -0.661  1.00 28.04 ? 32  ILE A C   1 
ATOM   225 O  O   . ILE A 1 32  ? -8.993  7.807   -1.636  1.00 31.99 ? 32  ILE A O   1 
ATOM   226 C  CB  . ILE A 1 32  ? -11.019 5.225   -0.807  1.00 24.91 ? 32  ILE A CB  1 
ATOM   227 C  CG1 . ILE A 1 32  ? -11.018 3.697   -0.903  1.00 26.84 ? 32  ILE A CG1 1 
ATOM   228 C  CG2 . ILE A 1 32  ? -11.589 5.851   -2.067  1.00 28.14 ? 32  ILE A CG2 1 
ATOM   229 C  CD1 . ILE A 1 32  ? -12.408 3.092   -1.000  1.00 30.29 ? 32  ILE A CD1 1 
ATOM   230 N  N   . LYS A 1 33  ? -10.018 7.939   0.360   1.00 29.16 ? 33  LYS A N   1 
ATOM   231 C  CA  . LYS A 1 33  ? -10.038 9.394   0.351   1.00 33.23 ? 33  LYS A CA  1 
ATOM   232 C  C   . LYS A 1 33  ? -8.631  9.970   0.237   1.00 30.41 ? 33  LYS A C   1 
ATOM   233 O  O   . LYS A 1 33  ? -8.386  10.901  -0.544  1.00 30.56 ? 33  LYS A O   1 
ATOM   234 C  CB  . LYS A 1 33  ? -10.730 9.904   1.615   1.00 33.53 ? 33  LYS A CB  1 
ATOM   235 C  CG  . LYS A 1 33  ? -10.746 11.420  1.738   1.00 41.79 ? 33  LYS A CG  1 
ATOM   236 C  CD  . LYS A 1 33  ? -11.572 11.843  2.944   1.00 50.92 ? 33  LYS A CD  1 
ATOM   237 C  CE  . LYS A 1 33  ? -11.675 13.359  3.043   1.00 60.52 ? 33  LYS A CE  1 
ATOM   238 N  NZ  . LYS A 1 33  ? -10.334 13.994  3.170   1.00 61.14 ? 33  LYS A NZ  1 
ATOM   239 N  N   . GLN A 1 34  ? -7.695  9.427   1.015   1.00 27.20 ? 34  GLN A N   1 
ATOM   240 C  CA  . GLN A 1 34  ? -6.319  9.913   1.012   1.00 27.88 ? 34  GLN A CA  1 
ATOM   241 C  C   . GLN A 1 34  ? -5.656  9.690   -0.333  1.00 29.59 ? 34  GLN A C   1 
ATOM   242 O  O   . GLN A 1 34  ? -4.914  10.557  -0.820  1.00 31.34 ? 34  GLN A O   1 
ATOM   243 C  CB  . GLN A 1 34  ? -5.511  9.213   2.101   1.00 27.48 ? 34  GLN A CB  1 
ATOM   244 C  CG  . GLN A 1 34  ? -5.953  9.552   3.502   1.00 44.71 ? 34  GLN A CG  1 
ATOM   245 C  CD  . GLN A 1 34  ? -4.809  9.535   4.484   1.00 60.01 ? 34  GLN A CD  1 
ATOM   246 O  OE1 . GLN A 1 34  ? -3.638  9.551   4.095   1.00 64.31 ? 34  GLN A OE1 1 
ATOM   247 N  NE2 . GLN A 1 34  ? -5.139  9.510   5.771   1.00 65.34 ? 34  GLN A NE2 1 
ATOM   248 N  N   . VAL A 1 35  ? -5.899  8.530   -0.942  1.00 26.03 ? 35  VAL A N   1 
ATOM   249 C  CA  . VAL A 1 35  ? -5.300  8.252   -2.242  1.00 26.09 ? 35  VAL A CA  1 
ATOM   250 C  C   . VAL A 1 35  ? -5.933  9.120   -3.320  1.00 29.18 ? 35  VAL A C   1 
ATOM   251 O  O   . VAL A 1 35  ? -5.245  9.583   -4.244  1.00 28.01 ? 35  VAL A O   1 
ATOM   252 C  CB  . VAL A 1 35  ? -5.415  6.752   -2.571  1.00 26.35 ? 35  VAL A CB  1 
ATOM   253 C  CG1 . VAL A 1 35  ? -4.943  6.494   -4.004  1.00 28.10 ? 35  VAL A CG1 1 
ATOM   254 C  CG2 . VAL A 1 35  ? -4.608  5.940   -1.566  1.00 28.41 ? 35  VAL A CG2 1 
ATOM   255 N  N   . LYS A 1 36  ? -7.247  9.359   -3.230  1.00 27.54 ? 36  LYS A N   1 
ATOM   256 C  CA  . LYS A 1 36  ? -7.881  10.263  -4.190  1.00 28.24 ? 36  LYS A CA  1 
ATOM   257 C  C   . LYS A 1 36  ? -7.240  11.645  -4.137  1.00 31.19 ? 36  LYS A C   1 
ATOM   258 O  O   . LYS A 1 36  ? -6.916  12.238  -5.176  1.00 37.44 ? 36  LYS A O   1 
ATOM   259 C  CB  . LYS A 1 36  ? -9.384  10.357  -3.925  1.00 29.54 ? 36  LYS A CB  1 
ATOM   260 C  CG  . LYS A 1 36  ? -10.101 11.192  -4.999  1.00 55.95 ? 36  LYS A CG  1 
ATOM   261 C  CD  . LYS A 1 36  ? -11.586 11.394  -4.728  1.00 60.24 ? 36  LYS A CD  1 
ATOM   262 C  CE  . LYS A 1 36  ? -12.200 12.355  -5.756  1.00 69.65 ? 36  LYS A CE  1 
ATOM   263 N  NZ  . LYS A 1 36  ? -13.635 12.658  -5.484  1.00 72.26 ? 36  LYS A NZ  1 
ATOM   264 N  N   . GLU A 1 37  ? -7.048  12.173  -2.928  1.00 28.51 ? 37  GLU A N   1 
ATOM   265 C  CA  . GLU A 1 37  ? -6.446  13.495  -2.777  1.00 32.17 ? 37  GLU A CA  1 
ATOM   266 C  C   . GLU A 1 37  ? -5.005  13.502  -3.261  1.00 33.98 ? 37  GLU A C   1 
ATOM   267 O  O   . GLU A 1 37  ? -4.595  14.406  -3.997  1.00 37.80 ? 37  GLU A O   1 
ATOM   268 C  CB  . GLU A 1 37  ? -6.499  13.933  -1.317  1.00 41.45 ? 37  GLU A CB  1 
ATOM   269 C  CG  . GLU A 1 37  ? -7.881  14.167  -0.758  1.00 51.27 ? 37  GLU A CG  1 
ATOM   270 C  CD  . GLU A 1 37  ? -7.818  14.694  0.661   1.00 66.68 ? 37  GLU A CD  1 
ATOM   271 O  OE1 . GLU A 1 37  ? -6.750  14.545  1.296   1.00 72.27 ? 37  GLU A OE1 1 
ATOM   272 O  OE2 . GLU A 1 37  ? -8.822  15.261  1.138   1.00 73.42 ? 37  GLU A OE2 1 
ATOM   273 N  N   . ALA A 1 38  ? -4.209  12.521  -2.824  1.00 31.58 ? 38  ALA A N   1 
ATOM   274 C  CA  . ALA A 1 38  ? -2.797  12.507  -3.192  1.00 31.87 ? 38  ALA A CA  1 
ATOM   275 C  C   . ALA A 1 38  ? -2.597  12.372  -4.695  1.00 32.81 ? 38  ALA A C   1 
ATOM   276 O  O   . ALA A 1 38  ? -1.566  12.804  -5.220  1.00 36.84 ? 38  ALA A O   1 
ATOM   277 C  CB  . ALA A 1 38  ? -2.062  11.392  -2.463  1.00 29.11 ? 38  ALA A CB  1 
ATOM   278 N  N   . SER A 1 39  ? -3.550  11.771  -5.399  1.00 30.41 ? 39  SER A N   1 
ATOM   279 C  CA  . SER A 1 39  ? -3.464  11.619  -6.846  1.00 32.70 ? 39  SER A CA  1 
ATOM   280 C  C   . SER A 1 39  ? -4.204  12.717  -7.591  1.00 34.74 ? 39  SER A C   1 
ATOM   281 O  O   . SER A 1 39  ? -4.398  12.606  -8.808  1.00 36.56 ? 39  SER A O   1 
ATOM   282 C  CB  . SER A 1 39  ? -4.023  10.267  -7.267  1.00 35.59 ? 39  SER A CB  1 
ATOM   283 O  OG  . SER A 1 39  ? -5.430  10.272  -7.132  1.00 33.73 ? 39  SER A OG  1 
ATOM   284 N  N   . ASN A 1 40  ? -4.640  13.761  -6.892  1.00 33.03 ? 40  ASN A N   1 
ATOM   285 C  CA  . ASN A 1 40  ? -5.398  14.860  -7.508  1.00 32.48 ? 40  ASN A CA  1 
ATOM   286 C  C   . ASN A 1 40  ? -6.642  14.353  -8.235  1.00 42.04 ? 40  ASN A C   1 
ATOM   287 O  O   . ASN A 1 40  ? -7.036  14.874  -9.286  1.00 37.58 ? 40  ASN A O   1 
ATOM   288 C  CB  . ASN A 1 40  ? -4.529  15.678  -8.461  1.00 34.45 ? 40  ASN A CB  1 
ATOM   289 C  CG  . ASN A 1 40  ? -3.253  16.136  -7.830  1.00 38.60 ? 40  ASN A CG  1 
ATOM   290 O  OD1 . ASN A 1 40  ? -2.190  16.077  -8.447  1.00 42.95 ? 40  ASN A OD1 1 
ATOM   291 N  ND2 . ASN A 1 40  ? -3.339  16.588  -6.586  1.00 42.81 ? 40  ASN A ND2 1 
ATOM   292 N  N   . GLY A 1 41  ? -7.262  13.316  -7.680  1.00 33.01 ? 41  GLY A N   1 
ATOM   293 C  CA  . GLY A 1 41  ? -8.482  12.756  -8.221  1.00 40.04 ? 41  GLY A CA  1 
ATOM   294 C  C   . GLY A 1 41  ? -8.290  11.676  -9.262  1.00 43.87 ? 41  GLY A C   1 
ATOM   295 O  O   . GLY A 1 41  ? -9.273  11.029  -9.649  1.00 48.97 ? 41  GLY A O   1 
ATOM   296 N  N   . GLU A 1 42  ? -7.062  11.452  -9.726  1.00 40.59 ? 42  GLU A N   1 
ATOM   297 C  CA  . GLU A 1 42  ? -6.832  10.527  -10.827 1.00 44.77 ? 42  GLU A CA  1 
ATOM   298 C  C   . GLU A 1 42  ? -6.865  9.071   -10.400 1.00 45.57 ? 42  GLU A C   1 
ATOM   299 O  O   . GLU A 1 42  ? -6.933  8.184   -11.258 1.00 47.84 ? 42  GLU A O   1 
ATOM   300 C  CB  . GLU A 1 42  ? -5.498  10.841  -11.498 1.00 43.55 ? 42  GLU A CB  1 
ATOM   301 C  CG  . GLU A 1 42  ? -5.504  12.215  -12.137 1.00 49.65 ? 42  GLU A CG  1 
ATOM   302 C  CD  . GLU A 1 42  ? -6.774  12.459  -12.946 1.00 58.06 ? 42  GLU A CD  1 
ATOM   303 O  OE1 . GLU A 1 42  ? -7.006  11.714  -13.924 1.00 54.55 ? 42  GLU A OE1 1 
ATOM   304 O  OE2 . GLU A 1 42  ? -7.549  13.381  -12.595 1.00 63.61 ? 42  GLU A OE2 1 
ATOM   305 N  N   . MET A 1 43  ? -6.819  8.789   -9.106  1.00 38.52 ? 43  MET A N   1 
ATOM   306 C  CA  . MET A 1 43  ? -6.870  7.412   -8.646  1.00 33.36 ? 43  MET A CA  1 
ATOM   307 C  C   . MET A 1 43  ? -7.995  7.297   -7.628  1.00 35.67 ? 43  MET A C   1 
ATOM   308 O  O   . MET A 1 43  ? -7.828  7.675   -6.468  1.00 34.82 ? 43  MET A O   1 
ATOM   309 C  CB  . MET A 1 43  ? -5.543  6.978   -8.051  1.00 32.32 ? 43  MET A CB  1 
ATOM   310 C  CG  . MET A 1 43  ? -5.531  5.521   -7.726  1.00 32.01 ? 43  MET A CG  1 
ATOM   311 S  SD  . MET A 1 43  ? -3.879  4.999   -7.301  1.00 36.60 ? 43  MET A SD  1 
ATOM   312 C  CE  . MET A 1 43  ? -3.101  5.039   -8.920  1.00 38.71 ? 43  MET A CE  1 
ATOM   313 N  N   . GLU A 1 44  ? -9.135  6.786   -8.072  1.00 37.46 ? 44  GLU A N   1 
ATOM   314 C  CA  . GLU A 1 44  ? -10.280 6.540   -7.205  1.00 32.20 ? 44  GLU A CA  1 
ATOM   315 C  C   . GLU A 1 44  ? -10.367 5.031   -7.026  1.00 33.35 ? 44  GLU A C   1 
ATOM   316 O  O   . GLU A 1 44  ? -10.875 4.319   -7.896  1.00 36.36 ? 44  GLU A O   1 
ATOM   317 C  CB  . GLU A 1 44  ? -11.553 7.129   -7.804  1.00 43.92 ? 44  GLU A CB  1 
ATOM   318 C  CG  . GLU A 1 44  ? -11.481 8.637   -7.969  1.00 57.23 ? 44  GLU A CG  1 
ATOM   319 C  CD  . GLU A 1 44  ? -12.703 9.223   -8.650  1.00 73.77 ? 44  GLU A CD  1 
ATOM   320 O  OE1 . GLU A 1 44  ? -13.685 8.479   -8.865  1.00 78.74 ? 44  GLU A OE1 1 
ATOM   321 O  OE2 . GLU A 1 44  ? -12.678 10.432  -8.969  1.00 79.67 ? 44  GLU A OE2 1 
ATOM   322 N  N   . LEU A 1 45  ? -9.830  4.543   -5.921  1.00 29.88 ? 45  LEU A N   1 
ATOM   323 C  CA  . LEU A 1 45  ? -9.821  3.111   -5.695  1.00 27.90 ? 45  LEU A CA  1 
ATOM   324 C  C   . LEU A 1 45  ? -11.203 2.672   -5.239  1.00 35.55 ? 45  LEU A C   1 
ATOM   325 O  O   . LEU A 1 45  ? -11.957 3.446   -4.642  1.00 32.13 ? 45  LEU A O   1 
ATOM   326 C  CB  . LEU A 1 45  ? -8.769  2.724   -4.657  1.00 25.52 ? 45  LEU A CB  1 
ATOM   327 C  CG  . LEU A 1 45  ? -7.333  3.135   -4.991  1.00 27.80 ? 45  LEU A CG  1 
ATOM   328 C  CD1 . LEU A 1 45  ? -6.403  2.783   -3.841  1.00 26.72 ? 45  LEU A CD1 1 
ATOM   329 C  CD2 . LEU A 1 45  ? -6.885  2.448   -6.249  1.00 36.62 ? 45  LEU A CD2 1 
ATOM   330 N  N   . ASN A 1 46  ? -11.524 1.418   -5.539  1.00 39.16 ? 46  ASN A N   1 
ATOM   331 C  CA  . ASN A 1 46  ? -12.794 0.794   -5.205  1.00 36.75 ? 46  ASN A CA  1 
ATOM   332 C  C   . ASN A 1 46  ? -12.665 0.013   -3.904  1.00 27.49 ? 46  ASN A C   1 
ATOM   333 O  O   . ASN A 1 46  ? -11.670 -0.682  -3.695  1.00 29.09 ? 46  ASN A O   1 
ATOM   334 C  CB  . ASN A 1 46  ? -13.210 -0.146  -6.333  1.00 47.67 ? 46  ASN A CB  1 
ATOM   335 C  CG  . ASN A 1 46  ? -14.598 -0.679  -6.161  1.00 57.90 ? 46  ASN A CG  1 
ATOM   336 O  OD1 . ASN A 1 46  ? -14.804 -1.704  -5.517  1.00 59.96 ? 46  ASN A OD1 1 
ATOM   337 N  ND2 . ASN A 1 46  ? -15.568 0.009   -6.747  1.00 62.77 ? 46  ASN A ND2 1 
ATOM   338 N  N   . GLU A 1 47  ? -13.675 0.138   -3.033  1.00 26.14 ? 47  GLU A N   1 
ATOM   339 C  CA  . GLU A 1 47  ? -13.751 -0.647  -1.797  1.00 30.65 ? 47  GLU A CA  1 
ATOM   340 C  C   . GLU A 1 47  ? -13.377 -2.113  -2.020  1.00 27.43 ? 47  GLU A C   1 
ATOM   341 O  O   . GLU A 1 47  ? -12.546 -2.684  -1.296  1.00 25.89 ? 47  GLU A O   1 
ATOM   342 C  CB  . GLU A 1 47  ? -15.178 -0.548  -1.252  1.00 41.56 ? 47  GLU A CB  1 
ATOM   343 C  CG  . GLU A 1 47  ? -15.324 -0.536  0.235   1.00 43.23 ? 47  GLU A CG  1 
ATOM   344 C  CD  . GLU A 1 47  ? -16.736 -0.894  0.691   1.00 41.38 ? 47  GLU A CD  1 
ATOM   345 O  OE1 . GLU A 1 47  ? -17.602 -1.144  -0.166  1.00 51.28 ? 47  GLU A OE1 1 
ATOM   346 O  OE2 . GLU A 1 47  ? -16.972 -0.930  1.917   1.00 48.56 ? 47  GLU A OE2 1 
ATOM   347 N  N   . ALA A 1 48  ? -14.001 -2.743  -3.022  1.00 24.84 ? 48  ALA A N   1 
ATOM   348 C  CA  . ALA A 1 48  ? -13.774 -4.170  -3.246  1.00 30.69 ? 48  ALA A CA  1 
ATOM   349 C  C   . ALA A 1 48  ? -12.335 -4.458  -3.653  1.00 34.97 ? 48  ALA A C   1 
ATOM   350 O  O   . ALA A 1 48  ? -11.786 -5.495  -3.280  1.00 32.55 ? 48  ALA A O   1 
ATOM   351 C  CB  . ALA A 1 48  ? -14.744 -4.706  -4.299  1.00 32.69 ? 48  ALA A CB  1 
ATOM   352 N  N   . THR A 1 49  ? -11.712 -3.563  -4.426  1.00 33.78 ? 49  THR A N   1 
ATOM   353 C  CA  . THR A 1 49  ? -10.299 -3.730  -4.749  1.00 31.49 ? 49  THR A CA  1 
ATOM   354 C  C   . THR A 1 49  ? -9.445  -3.755  -3.491  1.00 29.88 ? 49  THR A C   1 
ATOM   355 O  O   . THR A 1 49  ? -8.539  -4.591  -3.360  1.00 28.64 ? 49  THR A O   1 
ATOM   356 C  CB  . THR A 1 49  ? -9.847  -2.610  -5.682  1.00 35.13 ? 49  THR A CB  1 
ATOM   357 O  OG1 . THR A 1 49  ? -10.593 -2.702  -6.895  1.00 32.46 ? 49  THR A OG1 1 
ATOM   358 C  CG2 . THR A 1 49  ? -8.363  -2.725  -5.991  1.00 39.82 ? 49  THR A CG2 1 
ATOM   359 N  N   . LEU A 1 50  ? -9.719  -2.850  -2.546  1.00 23.64 ? 50  LEU A N   1 
ATOM   360 C  CA  . LEU A 1 50  ? -8.949  -2.841  -1.306  1.00 22.13 ? 50  LEU A CA  1 
ATOM   361 C  C   . LEU A 1 50  ? -9.173  -4.118  -0.502  1.00 22.82 ? 50  LEU A C   1 
ATOM   362 O  O   . LEU A 1 50  ? -8.229  -4.659  0.080   1.00 23.86 ? 50  LEU A O   1 
ATOM   363 C  CB  . LEU A 1 50  ? -9.297  -1.616  -0.464  1.00 24.66 ? 50  LEU A CB  1 
ATOM   364 C  CG  . LEU A 1 50  ? -8.426  -0.372  -0.680  1.00 31.62 ? 50  LEU A CG  1 
ATOM   365 C  CD1 . LEU A 1 50  ? -8.531  0.099   -2.114  1.00 33.05 ? 50  LEU A CD1 1 
ATOM   366 C  CD2 . LEU A 1 50  ? -8.840  0.732   0.283   1.00 32.29 ? 50  LEU A CD2 1 
ATOM   367 N  N   A TYR A 1 51  ? -10.417 -4.599  -0.439  0.50 23.15 ? 51  TYR A N   1 
ATOM   368 N  N   B TYR A 1 51  ? -10.404 -4.628  -0.466  0.50 23.20 ? 51  TYR A N   1 
ATOM   369 C  CA  A TYR A 1 51  ? -10.661 -5.835  0.302   0.50 22.86 ? 51  TYR A CA  1 
ATOM   370 C  CA  B TYR A 1 51  ? -10.606 -5.826  0.348   0.50 22.89 ? 51  TYR A CA  1 
ATOM   371 C  C   A TYR A 1 51  ? -9.855  -6.978  -0.284  0.50 22.21 ? 51  TYR A C   1 
ATOM   372 C  C   B TYR A 1 51  ? -9.991  -7.063  -0.292  0.50 22.75 ? 51  TYR A C   1 
ATOM   373 O  O   A TYR A 1 51  ? -9.250  -7.772  0.452   0.50 22.82 ? 51  TYR A O   1 
ATOM   374 O  O   B TYR A 1 51  ? -9.644  -8.013  0.423   0.50 26.07 ? 51  TYR A O   1 
ATOM   375 C  CB  A TYR A 1 51  ? -12.147 -6.176  0.297   0.50 23.05 ? 51  TYR A CB  1 
ATOM   376 C  CB  B TYR A 1 51  ? -12.092 -6.027  0.644   0.50 23.68 ? 51  TYR A CB  1 
ATOM   377 C  CG  A TYR A 1 51  ? -12.988 -5.155  1.011   0.50 24.68 ? 51  TYR A CG  1 
ATOM   378 C  CG  B TYR A 1 51  ? -12.566 -5.130  1.770   0.50 22.87 ? 51  TYR A CG  1 
ATOM   379 C  CD1 A TYR A 1 51  ? -12.571 -4.605  2.213   0.50 25.50 ? 51  TYR A CD1 1 
ATOM   380 C  CD1 B TYR A 1 51  ? -11.977 -5.202  3.030   0.50 22.67 ? 51  TYR A CD1 1 
ATOM   381 C  CD2 A TYR A 1 51  ? -14.191 -4.729  0.474   0.50 24.62 ? 51  TYR A CD2 1 
ATOM   382 C  CD2 B TYR A 1 51  ? -13.571 -4.186  1.572   0.50 25.00 ? 51  TYR A CD2 1 
ATOM   383 C  CE1 A TYR A 1 51  ? -13.334 -3.654  2.867   0.50 25.44 ? 51  TYR A CE1 1 
ATOM   384 C  CE1 B TYR A 1 51  ? -12.383 -4.381  4.058   0.50 22.47 ? 51  TYR A CE1 1 
ATOM   385 C  CE2 A TYR A 1 51  ? -14.959 -3.786  1.120   0.50 29.65 ? 51  TYR A CE2 1 
ATOM   386 C  CE2 B TYR A 1 51  ? -13.981 -3.355  2.605   0.50 26.44 ? 51  TYR A CE2 1 
ATOM   387 C  CZ  A TYR A 1 51  ? -14.526 -3.251  2.313   0.50 29.36 ? 51  TYR A CZ  1 
ATOM   388 C  CZ  B TYR A 1 51  ? -13.388 -3.463  3.846   0.50 25.79 ? 51  TYR A CZ  1 
ATOM   389 O  OH  A TYR A 1 51  ? -15.289 -2.308  2.958   0.50 37.15 ? 51  TYR A OH  1 
ATOM   390 O  OH  B TYR A 1 51  ? -13.779 -2.651  4.886   0.50 29.46 ? 51  TYR A OH  1 
ATOM   391 N  N   . THR A 1 52  ? -9.819  -7.063  -1.613  1.00 20.49 ? 52  THR A N   1 
ATOM   392 C  CA  . THR A 1 52  ? -9.063  -8.122  -2.264  1.00 26.62 ? 52  THR A CA  1 
ATOM   393 C  C   . THR A 1 52  ? -7.598  -8.036  -1.883  1.00 27.35 ? 52  THR A C   1 
ATOM   394 O  O   . THR A 1 52  ? -6.977  -9.039  -1.515  1.00 27.07 ? 52  THR A O   1 
ATOM   395 C  CB  . THR A 1 52  ? -9.210  -8.010  -3.776  1.00 24.89 ? 52  THR A CB  1 
ATOM   396 O  OG1 . THR A 1 52  ? -10.576 -8.262  -4.126  1.00 27.71 ? 52  THR A OG1 1 
ATOM   397 C  CG2 . THR A 1 52  ? -8.309  -9.025  -4.468  1.00 29.17 ? 52  THR A CG2 1 
ATOM   398 N  N   . ILE A 1 53  ? -7.028  -6.837  -1.984  1.00 20.72 ? 53  ILE A N   1 
ATOM   399 C  CA  . ILE A 1 53  ? -5.616  -6.661  -1.678  1.00 21.09 ? 53  ILE A CA  1 
ATOM   400 C  C   . ILE A 1 53  ? -5.346  -6.907  -0.208  1.00 23.83 ? 53  ILE A C   1 
ATOM   401 O  O   . ILE A 1 53  ? -4.358  -7.558  0.155   1.00 23.96 ? 53  ILE A O   1 
ATOM   402 C  CB  . ILE A 1 53  ? -5.183  -5.254  -2.118  1.00 19.98 ? 53  ILE A CB  1 
ATOM   403 C  CG1 . ILE A 1 53  ? -5.275  -5.181  -3.641  1.00 25.78 ? 53  ILE A CG1 1 
ATOM   404 C  CG2 . ILE A 1 53  ? -3.786  -4.937  -1.586  1.00 26.87 ? 53  ILE A CG2 1 
ATOM   405 C  CD1 . ILE A 1 53  ? -4.950  -3.815  -4.208  1.00 25.76 ? 53  ILE A CD1 1 
ATOM   406 N  N   . PHE A 1 54  ? -6.218  -6.413  0.667   1.00 23.60 ? 54  PHE A N   1 
ATOM   407 C  CA  . PHE A 1 54  ? -5.943  -6.563  2.092   1.00 24.18 ? 54  PHE A CA  1 
ATOM   408 C  C   . PHE A 1 54  ? -6.092  -8.004  2.560   1.00 25.07 ? 54  PHE A C   1 
ATOM   409 O  O   . PHE A 1 54  ? -5.396  -8.418  3.496   1.00 22.40 ? 54  PHE A O   1 
ATOM   410 C  CB  . PHE A 1 54  ? -6.842  -5.622  2.887   1.00 26.88 ? 54  PHE A CB  1 
ATOM   411 C  CG  . PHE A 1 54  ? -6.402  -4.177  2.829   1.00 23.53 ? 54  PHE A CG  1 
ATOM   412 C  CD1 . PHE A 1 54  ? -5.185  -3.833  2.259   1.00 28.98 ? 54  PHE A CD1 1 
ATOM   413 C  CD2 . PHE A 1 54  ? -7.200  -3.180  3.344   1.00 24.16 ? 54  PHE A CD2 1 
ATOM   414 C  CE1 . PHE A 1 54  ? -4.775  -2.500  2.196   1.00 24.74 ? 54  PHE A CE1 1 
ATOM   415 C  CE2 . PHE A 1 54  ? -6.786  -1.849  3.294   1.00 27.72 ? 54  PHE A CE2 1 
ATOM   416 C  CZ  . PHE A 1 54  ? -5.577  -1.521  2.729   1.00 23.36 ? 54  PHE A CZ  1 
ATOM   417 N  N   . LYS A 1 55  ? -6.973  -8.791  1.935   1.00 22.42 ? 55  LYS A N   1 
ATOM   418 C  CA  . LYS A 1 55  ? -7.028  -10.213 2.270   1.00 24.05 ? 55  LYS A CA  1 
ATOM   419 C  C   . LYS A 1 55  ? -5.673  -10.875 2.043   1.00 28.86 ? 55  LYS A C   1 
ATOM   420 O  O   . LYS A 1 55  ? -5.183  -11.631 2.897   1.00 24.57 ? 55  LYS A O   1 
ATOM   421 C  CB  . LYS A 1 55  ? -8.117  -10.916 1.451   1.00 24.91 ? 55  LYS A CB  1 
ATOM   422 C  CG  . LYS A 1 55  ? -8.165  -12.423 1.727   1.00 25.92 ? 55  LYS A CG  1 
ATOM   423 C  CD  . LYS A 1 55  ? -9.294  -13.097 0.970   1.00 30.85 ? 55  LYS A CD  1 
ATOM   424 C  CE  . LYS A 1 55  ? -9.294  -14.594 1.274   1.00 37.27 ? 55  LYS A CE  1 
ATOM   425 N  NZ  . LYS A 1 55  ? -7.994  -15.166 0.830   1.00 41.23 ? 55  LYS A NZ  1 
ATOM   426 N  N   . ARG A 1 56  ? -5.045  -10.589 0.894   1.00 25.07 ? 56  ARG A N   1 
ATOM   427 C  CA  . ARG A 1 56  ? -3.740  -11.166 0.596   1.00 25.47 ? 56  ARG A CA  1 
ATOM   428 C  C   . ARG A 1 56  ? -2.675  -10.654 1.553   1.00 22.78 ? 56  ARG A C   1 
ATOM   429 O  O   . ARG A 1 56  ? -1.861  -11.441 2.047   1.00 28.98 ? 56  ARG A O   1 
ATOM   430 C  CB  . ARG A 1 56  ? -3.325  -10.855 -0.836  1.00 26.72 ? 56  ARG A CB  1 
ATOM   431 C  CG  . ARG A 1 56  ? -1.898  -11.255 -1.154  1.00 37.48 ? 56  ARG A CG  1 
ATOM   432 C  CD  . ARG A 1 56  ? -1.802  -12.716 -1.546  1.00 50.36 ? 56  ARG A CD  1 
ATOM   433 N  NE  . ARG A 1 56  ? -2.586  -13.012 -2.746  1.00 71.09 ? 56  ARG A NE  1 
ATOM   434 C  CZ  . ARG A 1 56  ? -2.107  -12.969 -3.986  1.00 82.11 ? 56  ARG A CZ  1 
ATOM   435 N  NH1 . ARG A 1 56  ? -0.839  -12.644 -4.200  1.00 85.58 ? 56  ARG A NH1 1 
ATOM   436 N  NH2 . ARG A 1 56  ? -2.897  -13.254 -5.015  1.00 84.22 ? 56  ARG A NH2 1 
ATOM   437 N  N   . LEU A 1 57  ? -2.664  -9.348  1.828   1.00 21.89 ? 57  LEU A N   1 
ATOM   438 C  CA  . LEU A 1 57  ? -1.636  -8.803  2.714   1.00 23.04 ? 57  LEU A CA  1 
ATOM   439 C  C   . LEU A 1 57  ? -1.772  -9.357  4.131   1.00 21.40 ? 57  LEU A C   1 
ATOM   440 O  O   . LEU A 1 57  ? -0.767  -9.645  4.794   1.00 23.45 ? 57  LEU A O   1 
ATOM   441 C  CB  . LEU A 1 57  ? -1.711  -7.283  2.723   1.00 22.48 ? 57  LEU A CB  1 
ATOM   442 C  CG  . LEU A 1 57  ? -1.342  -6.584  1.412   1.00 22.69 ? 57  LEU A CG  1 
ATOM   443 C  CD1 . LEU A 1 57  ? -1.477  -5.079  1.555   1.00 31.56 ? 57  LEU A CD1 1 
ATOM   444 C  CD2 . LEU A 1 57  ? 0.064   -6.945  0.999   1.00 31.14 ? 57  LEU A CD2 1 
ATOM   445 N  N   . GLU A 1 58  ? -3.007  -9.518  4.606   1.00 22.90 ? 58  GLU A N   1 
ATOM   446 C  CA  . GLU A 1 58  ? -3.217  -10.117 5.923   1.00 23.93 ? 58  GLU A CA  1 
ATOM   447 C  C   . GLU A 1 58  ? -2.785  -11.578 5.933   1.00 27.83 ? 58  GLU A C   1 
ATOM   448 O  O   . GLU A 1 58  ? -2.137  -12.037 6.881   1.00 25.01 ? 58  GLU A O   1 
ATOM   449 C  CB  . GLU A 1 58  ? -4.688  -10.003 6.318   1.00 29.09 ? 58  GLU A CB  1 
ATOM   450 C  CG  . GLU A 1 58  ? -5.080  -8.774  7.080   1.00 39.49 ? 58  GLU A CG  1 
ATOM   451 C  CD  . GLU A 1 58  ? -6.452  -8.923  7.716   1.00 44.37 ? 58  GLU A CD  1 
ATOM   452 O  OE1 . GLU A 1 58  ? -7.451  -9.075  6.970   1.00 45.60 ? 58  GLU A OE1 1 
ATOM   453 O  OE2 . GLU A 1 58  ? -6.526  -8.913  8.962   1.00 43.52 ? 58  GLU A OE2 1 
ATOM   454 N  N   . LYS A 1 59  ? -3.162  -12.334 4.894   1.00 22.59 ? 59  LYS A N   1 
ATOM   455 C  CA  . LYS A 1 59  ? -2.733  -13.724 4.789   1.00 28.40 ? 59  LYS A CA  1 
ATOM   456 C  C   . LYS A 1 59  ? -1.219  -13.836 4.899   1.00 32.70 ? 59  LYS A C   1 
ATOM   457 O  O   . LYS A 1 59  ? -0.692  -14.735 5.570   1.00 36.86 ? 59  LYS A O   1 
ATOM   458 C  CB  . LYS A 1 59  ? -3.213  -14.323 3.461   1.00 33.82 ? 59  LYS A CB  1 
ATOM   459 C  CG  . LYS A 1 59  ? -2.487  -15.610 3.074   1.00 47.94 ? 59  LYS A CG  1 
ATOM   460 C  CD  . LYS A 1 59  ? -3.074  -16.258 1.822   1.00 53.59 ? 59  LYS A CD  1 
ATOM   461 C  CE  . LYS A 1 59  ? -2.687  -15.502 0.567   1.00 57.87 ? 59  LYS A CE  1 
ATOM   462 N  NZ  . LYS A 1 59  ? -1.210  -15.497 0.362   1.00 61.07 ? 59  LYS A NZ  1 
ATOM   463 N  N   . ASP A 1 60  ? -0.512  -12.903 4.277   1.00 27.85 ? 60  ASP A N   1 
ATOM   464 C  CA  . ASP A 1 60  ? 0.940   -12.918 4.205   1.00 32.06 ? 60  ASP A CA  1 
ATOM   465 C  C   . ASP A 1 60  ? 1.598   -12.312 5.438   1.00 34.64 ? 60  ASP A C   1 
ATOM   466 O  O   . ASP A 1 60  ? 2.832   -12.289 5.517   1.00 35.41 ? 60  ASP A O   1 
ATOM   467 C  CB  . ASP A 1 60  ? 1.400   -12.186 2.939   1.00 28.88 ? 60  ASP A CB  1 
ATOM   468 C  CG  . ASP A 1 60  ? 1.203   -13.024 1.685   1.00 39.21 ? 60  ASP A CG  1 
ATOM   469 O  OD1 . ASP A 1 60  ? 0.889   -14.220 1.827   1.00 43.72 ? 60  ASP A OD1 1 
ATOM   470 O  OD2 . ASP A 1 60  ? 1.360   -12.492 0.567   1.00 42.96 ? 60  ASP A OD2 1 
ATOM   471 N  N   . GLY A 1 61  ? 0.808   -11.845 6.401   1.00 29.28 ? 61  GLY A N   1 
ATOM   472 C  CA  . GLY A 1 61  ? 1.336   -11.257 7.618   1.00 27.08 ? 61  GLY A CA  1 
ATOM   473 C  C   . GLY A 1 61  ? 1.924   -9.877  7.456   1.00 31.97 ? 61  GLY A C   1 
ATOM   474 O  O   . GLY A 1 61  ? 2.667   -9.428  8.344   1.00 25.81 ? 61  GLY A O   1 
ATOM   475 N  N   . ILE A 1 62  ? 1.618   -9.196  6.349   1.00 25.27 ? 62  ILE A N   1 
ATOM   476 C  CA  . ILE A 1 62  ? 2.163   -7.872  6.080   1.00 25.07 ? 62  ILE A CA  1 
ATOM   477 C  C   . ILE A 1 62  ? 1.380   -6.806  6.826   1.00 25.08 ? 62  ILE A C   1 
ATOM   478 O  O   . ILE A 1 62  ? 1.945   -5.804  7.273   1.00 24.86 ? 62  ILE A O   1 
ATOM   479 C  CB  . ILE A 1 62  ? 2.160   -7.602  4.566   1.00 24.11 ? 62  ILE A CB  1 
ATOM   480 C  CG1 . ILE A 1 62  ? 2.963   -8.673  3.836   1.00 30.27 ? 62  ILE A CG1 1 
ATOM   481 C  CG2 . ILE A 1 62  ? 2.710   -6.219  4.276   1.00 19.69 ? 62  ILE A CG2 1 
ATOM   482 C  CD1 . ILE A 1 62  ? 4.342   -8.872  4.409   1.00 33.02 ? 62  ILE A CD1 1 
ATOM   483 N  N   . ILE A 1 63  ? 0.071   -7.000  6.957   1.00 22.36 ? 63  ILE A N   1 
ATOM   484 C  CA  . ILE A 1 63  ? -0.789  -6.102  7.708   1.00 19.15 ? 63  ILE A CA  1 
ATOM   485 C  C   . ILE A 1 63  ? -1.634  -6.943  8.646   1.00 23.58 ? 63  ILE A C   1 
ATOM   486 O  O   . ILE A 1 63  ? -1.744  -8.164  8.496   1.00 20.82 ? 63  ILE A O   1 
ATOM   487 C  CB  . ILE A 1 63  ? -1.694  -5.228  6.819   1.00 19.55 ? 63  ILE A CB  1 
ATOM   488 C  CG1 . ILE A 1 63  ? -2.727  -6.071  6.066   1.00 20.84 ? 63  ILE A CG1 1 
ATOM   489 C  CG2 . ILE A 1 63  ? -0.849  -4.412  5.844   1.00 23.43 ? 63  ILE A CG2 1 
ATOM   490 C  CD1 . ILE A 1 63  ? -3.569  -5.248  5.118   1.00 22.58 ? 63  ILE A CD1 1 
ATOM   491 N  N   . SER A 1 64  ? -2.230  -6.279  9.632   1.00 22.01 ? 64  SER A N   1 
ATOM   492 C  CA  . SER A 1 64  ? -3.219  -6.941  10.475  1.00 22.86 ? 64  SER A CA  1 
ATOM   493 C  C   . SER A 1 64  ? -4.384  -5.980  10.645  1.00 26.34 ? 64  SER A C   1 
ATOM   494 O  O   . SER A 1 64  ? -4.276  -4.791  10.340  1.00 24.99 ? 64  SER A O   1 
ATOM   495 C  CB  . SER A 1 64  ? -2.631  -7.362  11.833  1.00 23.86 ? 64  SER A CB  1 
ATOM   496 O  OG  . SER A 1 64  ? -2.598  -6.273  12.738  1.00 25.93 ? 64  SER A OG  1 
ATOM   497 N  N   . SER A 1 65  ? -5.514  -6.495  11.113  1.00 22.04 ? 65  SER A N   1 
ATOM   498 C  CA  . SER A 1 65  ? -6.713  -5.675  11.212  1.00 17.23 ? 65  SER A CA  1 
ATOM   499 C  C   . SER A 1 65  ? -7.229  -5.703  12.643  1.00 20.28 ? 65  SER A C   1 
ATOM   500 O  O   . SER A 1 65  ? -6.972  -6.646  13.406  1.00 22.00 ? 65  SER A O   1 
ATOM   501 C  CB  . SER A 1 65  ? -7.808  -6.172  10.260  1.00 25.65 ? 65  SER A CB  1 
ATOM   502 O  OG  . SER A 1 65  ? -8.115  -7.509  10.572  1.00 24.97 ? 65  SER A OG  1 
ATOM   503 N  N   . TYR A 1 66  ? -7.980  -4.661  12.992  1.00 19.44 ? 66  TYR A N   1 
ATOM   504 C  CA  . TYR A 1 66  ? -8.593  -4.574  14.308  1.00 23.16 ? 66  TYR A CA  1 
ATOM   505 C  C   . TYR A 1 66  ? -9.749  -3.594  14.238  1.00 22.64 ? 66  TYR A C   1 
ATOM   506 O  O   . TYR A 1 66  ? -9.801  -2.730  13.358  1.00 24.73 ? 66  TYR A O   1 
ATOM   507 C  CB  . TYR A 1 66  ? -7.573  -4.163  15.383  1.00 20.44 ? 66  TYR A CB  1 
ATOM   508 C  CG  . TYR A 1 66  ? -6.957  -2.787  15.213  1.00 20.71 ? 66  TYR A CG  1 
ATOM   509 C  CD1 . TYR A 1 66  ? -5.789  -2.612  14.484  1.00 21.44 ? 66  TYR A CD1 1 
ATOM   510 C  CD2 . TYR A 1 66  ? -7.528  -1.675  15.816  1.00 22.54 ? 66  TYR A CD2 1 
ATOM   511 C  CE1 . TYR A 1 66  ? -5.205  -1.332  14.348  1.00 24.17 ? 66  TYR A CE1 1 
ATOM   512 C  CE2 . TYR A 1 66  ? -6.953  -0.413  15.692  1.00 20.08 ? 66  TYR A CE2 1 
ATOM   513 C  CZ  . TYR A 1 66  ? -5.800  -0.255  14.964  1.00 22.97 ? 66  TYR A CZ  1 
ATOM   514 O  OH  . TYR A 1 66  ? -5.246  1.015   14.858  1.00 27.99 ? 66  TYR A OH  1 
ATOM   515 N  N   . TRP A 1 67  ? -10.693 -3.738  15.166  1.00 24.69 ? 67  TRP A N   1 
ATOM   516 C  CA  . TRP A 1 67  ? -11.878 -2.889  15.134  1.00 28.15 ? 67  TRP A CA  1 
ATOM   517 C  C   . TRP A 1 67  ? -11.624 -1.561  15.825  1.00 27.98 ? 67  TRP A C   1 
ATOM   518 O  O   . TRP A 1 67  ? -10.952 -1.498  16.858  1.00 31.64 ? 67  TRP A O   1 
ATOM   519 C  CB  . TRP A 1 67  ? -13.066 -3.588  15.785  1.00 32.74 ? 67  TRP A CB  1 
ATOM   520 C  CG  . TRP A 1 67  ? -13.432 -4.813  15.067  1.00 34.98 ? 67  TRP A CG  1 
ATOM   521 C  CD1 . TRP A 1 67  ? -13.227 -6.096  15.475  1.00 43.09 ? 67  TRP A CD1 1 
ATOM   522 C  CD2 . TRP A 1 67  ? -14.054 -4.889  13.786  1.00 32.19 ? 67  TRP A CD2 1 
ATOM   523 N  NE1 . TRP A 1 67  ? -13.701 -6.973  14.527  1.00 42.28 ? 67  TRP A NE1 1 
ATOM   524 C  CE2 . TRP A 1 67  ? -14.211 -6.256  13.478  1.00 43.78 ? 67  TRP A CE2 1 
ATOM   525 C  CE3 . TRP A 1 67  ? -14.509 -3.935  12.871  1.00 35.38 ? 67  TRP A CE3 1 
ATOM   526 C  CZ2 . TRP A 1 67  ? -14.802 -6.693  12.290  1.00 45.73 ? 67  TRP A CZ2 1 
ATOM   527 C  CZ3 . TRP A 1 67  ? -15.093 -4.370  11.692  1.00 41.97 ? 67  TRP A CZ3 1 
ATOM   528 C  CH2 . TRP A 1 67  ? -15.230 -5.736  11.412  1.00 47.27 ? 67  TRP A CH2 1 
ATOM   529 N  N   . GLY A 1 68  ? -12.144 -0.493  15.230  1.00 29.01 ? 68  GLY A N   1 
ATOM   530 C  CA  . GLY A 1 68  ? -12.194 0.789   15.895  1.00 41.06 ? 68  GLY A CA  1 
ATOM   531 C  C   . GLY A 1 68  ? -13.239 0.794   17.000  1.00 57.40 ? 68  GLY A C   1 
ATOM   532 O  O   . GLY A 1 68  ? -13.884 -0.211  17.304  1.00 60.16 ? 68  GLY A O   1 
ATOM   533 N  N   . ASP A 1 69  ? -13.396 1.970   17.610  1.00 67.92 ? 69  ASP A N   1 
ATOM   534 C  CA  . ASP A 1 69  ? -14.317 2.227   18.729  1.00 78.37 ? 69  ASP A CA  1 
ATOM   535 C  C   . ASP A 1 69  ? -15.531 1.304   18.836  1.00 82.41 ? 69  ASP A C   1 
ATOM   536 O  O   . ASP A 1 69  ? -16.657 1.766   19.040  1.00 85.10 ? 69  ASP A O   1 
ATOM   537 C  CB  . ASP A 1 69  ? -14.817 3.663   18.636  1.00 84.87 ? 69  ASP A CB  1 
ATOM   538 C  CG  . ASP A 1 69  ? -15.217 4.039   17.226  1.00 88.05 ? 69  ASP A CG  1 
ATOM   539 O  OD1 . ASP A 1 69  ? -14.339 4.015   16.332  1.00 86.29 ? 69  ASP A OD1 1 
ATOM   540 O  OD2 . ASP A 1 69  ? -16.413 4.328   17.007  1.00 90.79 ? 69  ASP A OD2 1 
ATOM   541 N  N   . GLY A 1 74  ? -21.861 1.354   14.049  1.00 91.65 ? 74  GLY A N   1 
ATOM   542 C  CA  . GLY A 1 74  ? -20.891 1.644   13.011  1.00 90.07 ? 74  GLY A CA  1 
ATOM   543 C  C   . GLY A 1 74  ? -19.454 1.667   13.499  1.00 89.19 ? 74  GLY A C   1 
ATOM   544 O  O   . GLY A 1 74  ? -18.920 2.720   13.850  1.00 91.33 ? 74  GLY A O   1 
ATOM   545 N  N   . ARG A 1 75  ? -18.826 0.495   13.525  1.00 84.14 ? 75  ARG A N   1 
ATOM   546 C  CA  . ARG A 1 75  ? -17.414 0.361   13.852  1.00 77.70 ? 75  ARG A CA  1 
ATOM   547 C  C   . ARG A 1 75  ? -16.629 0.057   12.582  1.00 67.97 ? 75  ARG A C   1 
ATOM   548 O  O   . ARG A 1 75  ? -17.073 -0.732  11.740  1.00 72.29 ? 75  ARG A O   1 
ATOM   549 C  CB  . ARG A 1 75  ? -17.189 -0.744  14.890  1.00 79.23 ? 75  ARG A CB  1 
ATOM   550 C  CG  . ARG A 1 75  ? -17.688 -2.099  14.436  1.00 83.36 ? 75  ARG A CG  1 
ATOM   551 C  CD  . ARG A 1 75  ? -17.357 -3.192  15.427  1.00 85.91 ? 75  ARG A CD  1 
ATOM   552 N  NE  . ARG A 1 75  ? -17.547 -4.510  14.829  1.00 86.62 ? 75  ARG A NE  1 
ATOM   553 C  CZ  . ARG A 1 75  ? -17.360 -5.657  15.473  1.00 87.24 ? 75  ARG A CZ  1 
ATOM   554 N  NH1 . ARG A 1 75  ? -16.981 -5.651  16.744  1.00 85.97 ? 75  ARG A NH1 1 
ATOM   555 N  NH2 . ARG A 1 75  ? -17.555 -6.809  14.844  1.00 87.93 ? 75  ARG A NH2 1 
ATOM   556 N  N   . ARG A 1 76  ? -15.473 0.692   12.438  1.00 52.05 ? 76  ARG A N   1 
ATOM   557 C  CA  . ARG A 1 76  ? -14.663 0.533   11.242  1.00 39.49 ? 76  ARG A CA  1 
ATOM   558 C  C   . ARG A 1 76  ? -13.572 -0.509  11.462  1.00 32.58 ? 76  ARG A C   1 
ATOM   559 O  O   . ARG A 1 76  ? -13.037 -0.656  12.561  1.00 31.72 ? 76  ARG A O   1 
ATOM   560 C  CB  . ARG A 1 76  ? -14.044 1.871   10.829  1.00 41.60 ? 76  ARG A CB  1 
ATOM   561 C  CG  . ARG A 1 76  ? -15.067 2.902   10.350  1.00 47.81 ? 76  ARG A CG  1 
ATOM   562 C  CD  . ARG A 1 76  ? -14.533 4.322   10.430  1.00 58.57 ? 76  ARG A CD  1 
ATOM   563 N  NE  . ARG A 1 76  ? -14.271 4.728   11.809  1.00 67.13 ? 76  ARG A NE  1 
ATOM   564 C  CZ  . ARG A 1 76  ? -13.781 5.912   12.163  1.00 72.43 ? 76  ARG A CZ  1 
ATOM   565 N  NH1 . ARG A 1 76  ? -13.498 6.820   11.238  1.00 72.47 ? 76  ARG A NH1 1 
ATOM   566 N  NH2 . ARG A 1 76  ? -13.574 6.191   13.444  1.00 74.01 ? 76  ARG A NH2 1 
ATOM   567 N  N   . LYS A 1 77  ? -13.251 -1.238  10.398  1.00 25.31 ? 77  LYS A N   1 
ATOM   568 C  CA  . LYS A 1 77  ? -12.118 -2.152  10.420  1.00 21.42 ? 77  LYS A CA  1 
ATOM   569 C  C   . LYS A 1 77  ? -10.854 -1.366  10.088  1.00 22.92 ? 77  LYS A C   1 
ATOM   570 O  O   . LYS A 1 77  ? -10.746 -0.783  9.000   1.00 25.92 ? 77  LYS A O   1 
ATOM   571 C  CB  . LYS A 1 77  ? -12.332 -3.283  9.423   1.00 29.67 ? 77  LYS A CB  1 
ATOM   572 C  CG  . LYS A 1 77  ? -11.326 -4.399  9.489   1.00 27.08 ? 77  LYS A CG  1 
ATOM   573 C  CD  . LYS A 1 77  ? -11.696 -5.455  8.467   1.00 38.11 ? 77  LYS A CD  1 
ATOM   574 C  CE  . LYS A 1 77  ? -11.281 -6.846  8.887   1.00 41.76 ? 77  LYS A CE  1 
ATOM   575 N  NZ  . LYS A 1 77  ? -11.690 -7.872  7.868   1.00 33.75 ? 77  LYS A NZ  1 
ATOM   576 N  N   . TYR A 1 78  ? -9.919  -1.311  11.028  1.00 21.39 ? 78  TYR A N   1 
ATOM   577 C  CA  . TYR A 1 78  ? -8.664  -0.618  10.804  1.00 22.45 ? 78  TYR A CA  1 
ATOM   578 C  C   . TYR A 1 78  ? -7.587  -1.616  10.441  1.00 21.86 ? 78  TYR A C   1 
ATOM   579 O  O   . TYR A 1 78  ? -7.617  -2.771  10.864  1.00 22.79 ? 78  TYR A O   1 
ATOM   580 C  CB  . TYR A 1 78  ? -8.218  0.183   12.028  1.00 21.32 ? 78  TYR A CB  1 
ATOM   581 C  CG  . TYR A 1 78  ? -8.839  1.555   12.105  1.00 22.62 ? 78  TYR A CG  1 
ATOM   582 C  CD1 . TYR A 1 78  ? -10.156 1.715   12.486  1.00 24.16 ? 78  TYR A CD1 1 
ATOM   583 C  CD2 . TYR A 1 78  ? -8.098  2.698   11.802  1.00 27.58 ? 78  TYR A CD2 1 
ATOM   584 C  CE1 . TYR A 1 78  ? -10.744 2.978   12.552  1.00 25.54 ? 78  TYR A CE1 1 
ATOM   585 C  CE2 . TYR A 1 78  ? -8.674  3.964   11.875  1.00 33.07 ? 78  TYR A CE2 1 
ATOM   586 C  CZ  . TYR A 1 78  ? -9.999  4.089   12.246  1.00 33.22 ? 78  TYR A CZ  1 
ATOM   587 O  OH  . TYR A 1 78  ? -10.592 5.333   12.328  1.00 40.18 ? 78  TYR A OH  1 
ATOM   588 N  N   . TYR A 1 79  ? -6.627  -1.150  9.656   1.00 21.69 ? 79  TYR A N   1 
ATOM   589 C  CA  . TYR A 1 79  ? -5.494  -1.946  9.225   1.00 20.47 ? 79  TYR A CA  1 
ATOM   590 C  C   . TYR A 1 79  ? -4.210  -1.273  9.680   1.00 21.70 ? 79  TYR A C   1 
ATOM   591 O  O   . TYR A 1 79  ? -4.118  -0.039  9.698   1.00 22.50 ? 79  TYR A O   1 
ATOM   592 C  CB  . TYR A 1 79  ? -5.480  -2.111  7.719   1.00 17.09 ? 79  TYR A CB  1 
ATOM   593 C  CG  . TYR A 1 79  ? -6.644  -2.940  7.221   1.00 23.01 ? 79  TYR A CG  1 
ATOM   594 C  CD1 . TYR A 1 79  ? -7.864  -2.349  6.909   1.00 28.82 ? 79  TYR A CD1 1 
ATOM   595 C  CD2 . TYR A 1 79  ? -6.528  -4.323  7.102   1.00 27.95 ? 79  TYR A CD2 1 
ATOM   596 C  CE1 . TYR A 1 79  ? -8.940  -3.125  6.463   1.00 26.03 ? 79  TYR A CE1 1 
ATOM   597 C  CE2 . TYR A 1 79  ? -7.589  -5.098  6.658   1.00 27.26 ? 79  TYR A CE2 1 
ATOM   598 C  CZ  . TYR A 1 79  ? -8.788  -4.495  6.347   1.00 28.41 ? 79  TYR A CZ  1 
ATOM   599 O  OH  . TYR A 1 79  ? -9.839  -5.269  5.900   1.00 33.73 ? 79  TYR A OH  1 
ATOM   600 N  N   . ARG A 1 80  ? -3.236  -2.090  10.053  1.00 19.36 ? 80  ARG A N   1 
ATOM   601 C  CA  . ARG A 1 80  ? -1.918  -1.622  10.461  1.00 21.42 ? 80  ARG A CA  1 
ATOM   602 C  C   . ARG A 1 80  ? -0.863  -2.443  9.739   1.00 23.76 ? 80  ARG A C   1 
ATOM   603 O  O   . ARG A 1 80  ? -1.056  -3.642  9.510   1.00 22.80 ? 80  ARG A O   1 
ATOM   604 C  CB  . ARG A 1 80  ? -1.735  -1.771  11.977  1.00 23.82 ? 80  ARG A CB  1 
ATOM   605 C  CG  . ARG A 1 80  ? -1.966  -3.204  12.457  1.00 23.04 ? 80  ARG A CG  1 
ATOM   606 C  CD  . ARG A 1 80  ? -1.665  -3.339  13.931  1.00 23.42 ? 80  ARG A CD  1 
ATOM   607 N  NE  . ARG A 1 80  ? -0.237  -3.359  14.208  1.00 27.75 ? 80  ARG A NE  1 
ATOM   608 C  CZ  . ARG A 1 80  ? 0.497   -4.469  14.223  1.00 32.25 ? 80  ARG A CZ  1 
ATOM   609 N  NH1 . ARG A 1 80  ? -0.061  -5.645  13.950  1.00 30.85 ? 80  ARG A NH1 1 
ATOM   610 N  NH2 . ARG A 1 80  ? 1.789   -4.410  14.509  1.00 30.86 ? 80  ARG A NH2 1 
ATOM   611 N  N   . LEU A 1 81  ? 0.238   -1.797  9.358   1.00 19.51 ? 81  LEU A N   1 
ATOM   612 C  CA  . LEU A 1 81  ? 1.437   -2.539  8.992   1.00 23.24 ? 81  LEU A CA  1 
ATOM   613 C  C   . LEU A 1 81  ? 1.947   -3.330  10.191  1.00 24.10 ? 81  LEU A C   1 
ATOM   614 O  O   . LEU A 1 81  ? 1.982   -2.819  11.309  1.00 28.52 ? 81  LEU A O   1 
ATOM   615 C  CB  . LEU A 1 81  ? 2.537   -1.585  8.542   1.00 24.40 ? 81  LEU A CB  1 
ATOM   616 C  CG  . LEU A 1 81  ? 2.613   -1.157  7.096   1.00 31.11 ? 81  LEU A CG  1 
ATOM   617 C  CD1 . LEU A 1 81  ? 3.701   -0.120  6.980   1.00 36.18 ? 81  LEU A CD1 1 
ATOM   618 C  CD2 . LEU A 1 81  ? 2.917   -2.376  6.238   1.00 29.71 ? 81  LEU A CD2 1 
ATOM   619 N  N   . THR A 1 82  ? 2.343   -4.577  9.957   1.00 22.20 ? 82  THR A N   1 
ATOM   620 C  CA  . THR A 1 82  ? 2.996   -5.352  11.007  1.00 23.77 ? 82  THR A CA  1 
ATOM   621 C  C   . THR A 1 82  ? 4.484   -5.027  11.054  1.00 25.46 ? 82  THR A C   1 
ATOM   622 O  O   . THR A 1 82  ? 5.024   -4.326  10.199  1.00 29.50 ? 82  THR A O   1 
ATOM   623 C  CB  . THR A 1 82  ? 2.813   -6.851  10.776  1.00 25.94 ? 82  THR A CB  1 
ATOM   624 O  OG1 . THR A 1 82  ? 3.502   -7.224  9.575   1.00 27.23 ? 82  THR A OG1 1 
ATOM   625 C  CG2 . THR A 1 82  ? 1.337   -7.191  10.627  1.00 25.53 ? 82  THR A CG2 1 
ATOM   626 N  N   . GLU A 1 83  ? 5.156   -5.558  12.080  1.00 30.06 ? 83  GLU A N   1 
ATOM   627 C  CA  . GLU A 1 83  ? 6.609   -5.443  12.144  1.00 32.00 ? 83  GLU A CA  1 
ATOM   628 C  C   . GLU A 1 83  ? 7.259   -6.029  10.895  1.00 34.67 ? 83  GLU A C   1 
ATOM   629 O  O   . GLU A 1 83  ? 8.172   -5.425  10.317  1.00 34.77 ? 83  GLU A O   1 
ATOM   630 C  CB  . GLU A 1 83  ? 7.121   -6.135  13.409  1.00 40.08 ? 83  GLU A CB  1 
ATOM   631 C  CG  . GLU A 1 83  ? 6.580   -5.530  14.707  1.00 50.11 ? 83  GLU A CG  1 
ATOM   632 C  CD  . GLU A 1 83  ? 5.201   -6.062  15.122  1.00 60.28 ? 83  GLU A CD  1 
ATOM   633 O  OE1 . GLU A 1 83  ? 4.433   -6.558  14.259  1.00 61.71 ? 83  GLU A OE1 1 
ATOM   634 O  OE2 . GLU A 1 83  ? 4.884   -5.983  16.330  1.00 63.77 ? 83  GLU A OE2 1 
ATOM   635 N  N   . ILE A 1 84  ? 6.775   -7.190  10.441  1.00 36.56 ? 84  ILE A N   1 
ATOM   636 C  CA  . ILE A 1 84  ? 7.280   -7.783  9.204   1.00 37.12 ? 84  ILE A CA  1 
ATOM   637 C  C   . ILE A 1 84  ? 6.965   -6.887  8.017   1.00 33.73 ? 84  ILE A C   1 
ATOM   638 O  O   . ILE A 1 84  ? 7.805   -6.688  7.129   1.00 36.52 ? 84  ILE A O   1 
ATOM   639 C  CB  . ILE A 1 84  ? 6.690   -9.193  9.007   1.00 44.48 ? 84  ILE A CB  1 
ATOM   640 C  CG1 . ILE A 1 84  ? 7.217   -10.157 10.064  1.00 51.51 ? 84  ILE A CG1 1 
ATOM   641 C  CG2 . ILE A 1 84  ? 7.011   -9.718  7.612   1.00 46.33 ? 84  ILE A CG2 1 
ATOM   642 C  CD1 . ILE A 1 84  ? 6.458   -11.469 10.114  1.00 56.24 ? 84  ILE A CD1 1 
ATOM   643 N  N   . GLY A 1 85  ? 5.745   -6.349  7.966   1.00 29.77 ? 85  GLY A N   1 
ATOM   644 C  CA  . GLY A 1 85  ? 5.381   -5.472  6.865   1.00 25.10 ? 85  GLY A CA  1 
ATOM   645 C  C   . GLY A 1 85  ? 6.266   -4.242  6.782   1.00 27.27 ? 85  GLY A C   1 
ATOM   646 O  O   . GLY A 1 85  ? 6.700   -3.847  5.696   1.00 31.21 ? 85  GLY A O   1 
ATOM   647 N  N   . HIS A 1 86  ? 6.567   -3.631  7.932   1.00 28.64 ? 86  HIS A N   1 
ATOM   648 C  CA  . HIS A 1 86  ? 7.498   -2.506  7.945   1.00 27.50 ? 86  HIS A CA  1 
ATOM   649 C  C   . HIS A 1 86  ? 8.873   -2.913  7.427   1.00 29.80 ? 86  HIS A C   1 
ATOM   650 O  O   . HIS A 1 86  ? 9.490   -2.186  6.638   1.00 31.73 ? 86  HIS A O   1 
ATOM   651 C  CB  . HIS A 1 86  ? 7.621   -1.938  9.363   1.00 30.07 ? 86  HIS A CB  1 
ATOM   652 C  CG  . HIS A 1 86  ? 6.551   -0.955  9.716   1.00 37.62 ? 86  HIS A CG  1 
ATOM   653 N  ND1 . HIS A 1 86  ? 6.556   0.345   9.255   1.00 38.97 ? 86  HIS A ND1 1 
ATOM   654 C  CD2 . HIS A 1 86  ? 5.451   -1.075  10.500  1.00 40.77 ? 86  HIS A CD2 1 
ATOM   655 C  CE1 . HIS A 1 86  ? 5.502   0.982   9.736   1.00 40.12 ? 86  HIS A CE1 1 
ATOM   656 N  NE2 . HIS A 1 86  ? 4.812   0.142   10.488  1.00 37.76 ? 86  HIS A NE2 1 
ATOM   657 N  N   . GLU A 1 87  ? 9.386   -4.061  7.877   1.00 30.66 ? 87  GLU A N   1 
ATOM   658 C  CA  . GLU A 1 87  ? 10.715  -4.468  7.437   1.00 32.13 ? 87  GLU A CA  1 
ATOM   659 C  C   . GLU A 1 87  ? 10.735  -4.771  5.942   1.00 37.67 ? 87  GLU A C   1 
ATOM   660 O  O   . GLU A 1 87  ? 11.680  -4.393  5.242   1.00 39.33 ? 87  GLU A O   1 
ATOM   661 C  CB  . GLU A 1 87  ? 11.192  -5.673  8.249   1.00 37.60 ? 87  GLU A CB  1 
ATOM   662 C  CG  . GLU A 1 87  ? 12.594  -6.162  7.887   1.00 48.67 ? 87  GLU A CG  1 
ATOM   663 C  CD  . GLU A 1 87  ? 13.710  -5.192  8.278   1.00 58.19 ? 87  GLU A CD  1 
ATOM   664 O  OE1 . GLU A 1 87  ? 13.430  -4.024  8.630   1.00 59.60 ? 87  GLU A OE1 1 
ATOM   665 O  OE2 . GLU A 1 87  ? 14.888  -5.611  8.236   1.00 64.81 ? 87  GLU A OE2 1 
ATOM   666 N  N   . ASN A 1 88  ? 9.698   -5.442  5.434   1.00 37.00 ? 88  ASN A N   1 
ATOM   667 C  CA  . ASN A 1 88  ? 9.618   -5.706  3.999   1.00 35.27 ? 88  ASN A CA  1 
ATOM   668 C  C   . ASN A 1 88  ? 9.578   -4.418  3.188   1.00 37.48 ? 88  ASN A C   1 
ATOM   669 O  O   . ASN A 1 88  ? 10.218  -4.325  2.132   1.00 35.61 ? 88  ASN A O   1 
ATOM   670 C  CB  . ASN A 1 88  ? 8.395   -6.559  3.695   1.00 39.65 ? 88  ASN A CB  1 
ATOM   671 C  CG  . ASN A 1 88  ? 8.587   -7.991  4.096   1.00 47.26 ? 88  ASN A CG  1 
ATOM   672 O  OD1 . ASN A 1 88  ? 9.615   -8.350  4.671   1.00 50.59 ? 88  ASN A OD1 1 
ATOM   673 N  ND2 . ASN A 1 88  ? 7.598   -8.826  3.798   1.00 53.15 ? 88  ASN A ND2 1 
ATOM   674 N  N   . MET A 1 89  ? 8.826   -3.416  3.650   1.00 32.31 ? 89  MET A N   1 
ATOM   675 C  CA  . MET A 1 89  ? 8.779   -2.154  2.917   1.00 33.62 ? 89  MET A CA  1 
ATOM   676 C  C   . MET A 1 89  ? 10.150  -1.503  2.857   1.00 39.31 ? 89  MET A C   1 
ATOM   677 O  O   . MET A 1 89  ? 10.567  -1.014  1.802   1.00 38.35 ? 89  MET A O   1 
ATOM   678 C  CB  . MET A 1 89  ? 7.791   -1.184  3.560   1.00 32.85 ? 89  MET A CB  1 
ATOM   679 C  CG  . MET A 1 89  ? 6.345   -1.536  3.413   1.00 38.82 ? 89  MET A CG  1 
ATOM   680 S  SD  . MET A 1 89  ? 5.388   -0.087  3.886   1.00 42.38 ? 89  MET A SD  1 
ATOM   681 C  CE  . MET A 1 89  ? 5.680   0.979   2.477   1.00 44.29 ? 89  MET A CE  1 
ATOM   682 N  N   . ARG A 1 90  ? 10.858  -1.468  3.990   1.00 37.02 ? 90  ARG A N   1 
ATOM   683 C  CA  . ARG A 1 90  ? 12.164  -0.820  4.021   1.00 38.82 ? 90  ARG A CA  1 
ATOM   684 C  C   . ARG A 1 90  ? 13.150  -1.532  3.108   1.00 37.09 ? 90  ARG A C   1 
ATOM   685 O  O   . ARG A 1 90  ? 13.923  -0.885  2.393   1.00 38.91 ? 90  ARG A O   1 
ATOM   686 C  CB  . ARG A 1 90  ? 12.691  -0.781  5.453   1.00 42.53 ? 90  ARG A CB  1 
ATOM   687 C  CG  . ARG A 1 90  ? 13.976  -0.005  5.608   1.00 48.05 ? 90  ARG A CG  1 
ATOM   688 C  CD  . ARG A 1 90  ? 14.590  -0.272  6.966   1.00 54.22 ? 90  ARG A CD  1 
ATOM   689 N  NE  . ARG A 1 90  ? 14.897  -1.687  7.134   1.00 61.36 ? 90  ARG A NE  1 
ATOM   690 C  CZ  . ARG A 1 90  ? 16.046  -2.246  6.768   1.00 64.33 ? 90  ARG A CZ  1 
ATOM   691 N  NH1 . ARG A 1 90  ? 16.998  -1.505  6.218   1.00 63.19 ? 90  ARG A NH1 1 
ATOM   692 N  NH2 . ARG A 1 90  ? 16.245  -3.543  6.953   1.00 65.74 ? 90  ARG A NH2 1 
ATOM   693 N  N   . LEU A 1 91  ? 13.135  -2.867  3.118   1.00 33.94 ? 91  LEU A N   1 
ATOM   694 C  CA  . LEU A 1 91  ? 14.015  -3.620  2.229   1.00 38.49 ? 91  LEU A CA  1 
ATOM   695 C  C   . LEU A 1 91  ? 13.683  -3.337  0.771   1.00 36.54 ? 91  LEU A C   1 
ATOM   696 O  O   . LEU A 1 91  ? 14.583  -3.138  -0.052  1.00 36.66 ? 91  LEU A O   1 
ATOM   697 C  CB  . LEU A 1 91  ? 13.908  -5.115  2.527   1.00 39.78 ? 91  LEU A CB  1 
ATOM   698 C  CG  . LEU A 1 91  ? 14.370  -5.561  3.914   1.00 45.79 ? 91  LEU A CG  1 
ATOM   699 C  CD1 . LEU A 1 91  ? 14.180  -7.066  4.091   1.00 44.31 ? 91  LEU A CD1 1 
ATOM   700 C  CD2 . LEU A 1 91  ? 15.817  -5.164  4.123   1.00 48.93 ? 91  LEU A CD2 1 
ATOM   701 N  N   . ALA A 1 92  ? 12.388  -3.294  0.441   1.00 38.52 ? 92  ALA A N   1 
ATOM   702 C  CA  . ALA A 1 92  ? 11.971  -3.003  -0.928  1.00 33.83 ? 92  ALA A CA  1 
ATOM   703 C  C   . ALA A 1 92  ? 12.370  -1.596  -1.342  1.00 38.77 ? 92  ALA A C   1 
ATOM   704 O  O   . ALA A 1 92  ? 12.824  -1.373  -2.473  1.00 37.30 ? 92  ALA A O   1 
ATOM   705 C  CB  . ALA A 1 92  ? 10.460  -3.182  -1.058  1.00 34.92 ? 92  ALA A CB  1 
ATOM   706 N  N   . PHE A 1 93  ? 12.198  -0.629  -0.440  1.00 33.28 ? 93  PHE A N   1 
ATOM   707 C  CA  . PHE A 1 93  ? 12.562  0.744   -0.759  1.00 36.00 ? 93  PHE A CA  1 
ATOM   708 C  C   . PHE A 1 93  ? 14.058  0.872   -0.996  1.00 37.31 ? 93  PHE A C   1 
ATOM   709 O  O   . PHE A 1 93  ? 14.491  1.572   -1.920  1.00 41.55 ? 93  PHE A O   1 
ATOM   710 C  CB  . PHE A 1 93  ? 12.129  1.684   0.367   1.00 42.77 ? 93  PHE A CB  1 
ATOM   711 C  CG  . PHE A 1 93  ? 12.376  3.133   0.062   1.00 45.63 ? 93  PHE A CG  1 
ATOM   712 C  CD1 . PHE A 1 93  ? 11.429  3.882   -0.620  1.00 47.83 ? 93  PHE A CD1 1 
ATOM   713 C  CD2 . PHE A 1 93  ? 13.559  3.745   0.442   1.00 50.48 ? 93  PHE A CD2 1 
ATOM   714 C  CE1 . PHE A 1 93  ? 11.659  5.216   -0.908  1.00 48.55 ? 93  PHE A CE1 1 
ATOM   715 C  CE2 . PHE A 1 93  ? 13.791  5.077   0.154   1.00 50.05 ? 93  PHE A CE2 1 
ATOM   716 C  CZ  . PHE A 1 93  ? 12.842  5.811   -0.520  1.00 47.97 ? 93  PHE A CZ  1 
ATOM   717 N  N   . GLU A 1 94  ? 14.864  0.200   -0.175  1.00 36.26 ? 94  GLU A N   1 
ATOM   718 C  CA  . GLU A 1 94  ? 16.308  0.303   -0.331  1.00 39.99 ? 94  GLU A CA  1 
ATOM   719 C  C   . GLU A 1 94  ? 16.776  -0.357  -1.621  1.00 41.14 ? 94  GLU A C   1 
ATOM   720 O  O   . GLU A 1 94  ? 17.652  0.181   -2.310  1.00 44.28 ? 94  GLU A O   1 
ATOM   721 C  CB  . GLU A 1 94  ? 17.009  -0.314  0.875   1.00 47.05 ? 94  GLU A CB  1 
ATOM   722 C  CG  . GLU A 1 94  ? 16.724  0.413   2.170   1.00 51.72 ? 94  GLU A CG  1 
ATOM   723 C  CD  . GLU A 1 94  ? 17.366  -0.264  3.351   1.00 60.69 ? 94  GLU A CD  1 
ATOM   724 O  OE1 . GLU A 1 94  ? 18.227  -1.141  3.128   1.00 65.37 ? 94  GLU A OE1 1 
ATOM   725 O  OE2 . GLU A 1 94  ? 17.009  0.078   4.499   1.00 61.42 ? 94  GLU A OE2 1 
ATOM   726 N  N   . SER A 1 95  ? 16.209  -1.515  -1.973  1.00 40.36 ? 95  SER A N   1 
ATOM   727 C  CA  . SER A 1 95  ? 16.667  -2.204  -3.176  1.00 37.20 ? 95  SER A CA  1 
ATOM   728 C  C   . SER A 1 95  ? 16.182  -1.513  -4.441  1.00 38.95 ? 95  SER A C   1 
ATOM   729 O  O   . SER A 1 95  ? 16.928  -1.430  -5.423  1.00 40.95 ? 95  SER A O   1 
ATOM   730 C  CB  . SER A 1 95  ? 16.222  -3.665  -3.175  1.00 34.51 ? 95  SER A CB  1 
ATOM   731 O  OG  . SER A 1 95  ? 14.818  -3.764  -3.123  1.00 42.89 ? 95  SER A OG  1 
ATOM   732 N  N   . TRP A 1 96  ? 14.941  -1.017  -4.456  1.00 33.46 ? 96  TRP A N   1 
ATOM   733 C  CA  . TRP A 1 96  ? 14.519  -0.250  -5.624  1.00 33.97 ? 96  TRP A CA  1 
ATOM   734 C  C   . TRP A 1 96  ? 15.290  1.056   -5.737  1.00 38.48 ? 96  TRP A C   1 
ATOM   735 O  O   . TRP A 1 96  ? 15.547  1.530   -6.849  1.00 35.98 ? 96  TRP A O   1 
ATOM   736 C  CB  . TRP A 1 96  ? 13.011  0.005   -5.594  1.00 36.25 ? 96  TRP A CB  1 
ATOM   737 C  CG  . TRP A 1 96  ? 12.211  -1.182  -6.061  1.00 36.41 ? 96  TRP A CG  1 
ATOM   738 C  CD1 . TRP A 1 96  ? 11.490  -2.037  -5.288  1.00 34.90 ? 96  TRP A CD1 1 
ATOM   739 C  CD2 . TRP A 1 96  ? 12.072  -1.655  -7.412  1.00 37.57 ? 96  TRP A CD2 1 
ATOM   740 N  NE1 . TRP A 1 96  ? 10.898  -3.000  -6.066  1.00 34.60 ? 96  TRP A NE1 1 
ATOM   741 C  CE2 . TRP A 1 96  ? 11.248  -2.792  -7.374  1.00 33.40 ? 96  TRP A CE2 1 
ATOM   742 C  CE3 . TRP A 1 96  ? 12.565  -1.224  -8.646  1.00 38.35 ? 96  TRP A CE3 1 
ATOM   743 C  CZ2 . TRP A 1 96  ? 10.895  -3.501  -8.520  1.00 30.47 ? 96  TRP A CZ2 1 
ATOM   744 C  CZ3 . TRP A 1 96  ? 12.216  -1.934  -9.780  1.00 34.95 ? 96  TRP A CZ3 1 
ATOM   745 C  CH2 . TRP A 1 96  ? 11.395  -3.057  -9.707  1.00 29.68 ? 96  TRP A CH2 1 
ATOM   746 N  N   . SER A 1 97  ? 15.697  1.641   -4.612  1.00 37.80 ? 97  SER A N   1 
ATOM   747 C  CA  . SER A 1 97  ? 16.542  2.829   -4.686  1.00 41.39 ? 97  SER A CA  1 
ATOM   748 C  C   . SER A 1 97  ? 17.877  2.514   -5.352  1.00 42.11 ? 97  SER A C   1 
ATOM   749 O  O   . SER A 1 97  ? 18.389  3.321   -6.137  1.00 42.92 ? 97  SER A O   1 
ATOM   750 C  CB  . SER A 1 97  ? 16.761  3.419   -3.295  1.00 46.80 ? 97  SER A CB  1 
ATOM   751 O  OG  . SER A 1 97  ? 17.609  4.553   -3.376  1.00 55.63 ? 97  SER A OG  1 
ATOM   752 N  N   . ARG A 1 98  ? 18.451  1.343   -5.060  1.00 38.84 ? 98  ARG A N   1 
ATOM   753 C  CA  . ARG A 1 98  ? 19.682  0.945   -5.731  1.00 39.11 ? 98  ARG A CA  1 
ATOM   754 C  C   . ARG A 1 98  ? 19.450  0.764   -7.222  1.00 38.79 ? 98  ARG A C   1 
ATOM   755 O  O   . ARG A 1 98  ? 20.318  1.095   -8.039  1.00 37.59 ? 98  ARG A O   1 
ATOM   756 C  CB  . ARG A 1 98  ? 20.234  -0.340  -5.117  1.00 45.27 ? 98  ARG A CB  1 
ATOM   757 C  CG  . ARG A 1 98  ? 20.697  -0.199  -3.677  1.00 49.92 ? 98  ARG A CG  1 
ATOM   758 C  CD  . ARG A 1 98  ? 21.433  -1.450  -3.204  1.00 57.44 ? 98  ARG A CD  1 
ATOM   759 N  NE  . ARG A 1 98  ? 20.530  -2.562  -2.922  1.00 63.11 ? 98  ARG A NE  1 
ATOM   760 C  CZ  . ARG A 1 98  ? 19.954  -2.770  -1.741  1.00 67.29 ? 98  ARG A CZ  1 
ATOM   761 N  NH1 . ARG A 1 98  ? 20.186  -1.938  -0.733  1.00 69.77 ? 98  ARG A NH1 1 
ATOM   762 N  NH2 . ARG A 1 98  ? 19.145  -3.806  -1.562  1.00 67.31 ? 98  ARG A NH2 1 
ATOM   763 N  N   . VAL A 1 99  ? 18.280  0.244   -7.594  1.00 36.65 ? 99  VAL A N   1 
ATOM   764 C  CA  . VAL A 1 99  ? 17.920  0.123   -9.003  1.00 33.73 ? 99  VAL A CA  1 
ATOM   765 C  C   . VAL A 1 99  ? 17.902  1.494   -9.659  1.00 34.00 ? 99  VAL A C   1 
ATOM   766 O  O   . VAL A 1 99  ? 18.457  1.689   -10.745 1.00 33.92 ? 99  VAL A O   1 
ATOM   767 C  CB  . VAL A 1 99  ? 16.558  -0.581  -9.147  1.00 36.55 ? 99  VAL A CB  1 
ATOM   768 C  CG1 . VAL A 1 99  ? 16.066  -0.510  -10.592 1.00 38.05 ? 99  VAL A CG1 1 
ATOM   769 C  CG2 . VAL A 1 99  ? 16.644  -2.024  -8.672  1.00 37.71 ? 99  VAL A CG2 1 
ATOM   770 N  N   . ASP A 1 100 ? 17.267  2.467   -9.004  1.00 37.40 ? 100 ASP A N   1 
ATOM   771 C  CA  . ASP A 1 100 ? 17.213  3.816   -9.556  1.00 40.04 ? 100 ASP A CA  1 
ATOM   772 C  C   . ASP A 1 100 ? 18.606  4.369   -9.804  1.00 39.55 ? 100 ASP A C   1 
ATOM   773 O  O   . ASP A 1 100 ? 18.866  4.971   -10.853 1.00 38.30 ? 100 ASP A O   1 
ATOM   774 C  CB  . ASP A 1 100 ? 16.440  4.745   -8.618  1.00 48.66 ? 100 ASP A CB  1 
ATOM   775 C  CG  . ASP A 1 100 ? 14.941  4.570   -8.723  1.00 54.11 ? 100 ASP A CG  1 
ATOM   776 O  OD1 . ASP A 1 100 ? 14.482  3.949   -9.701  1.00 58.99 ? 100 ASP A OD1 1 
ATOM   777 O  OD2 . ASP A 1 100 ? 14.218  5.064   -7.829  1.00 57.81 ? 100 ASP A OD2 1 
ATOM   778 N  N   . LYS A 1 101 ? 19.522  4.177   -8.853  1.00 38.81 ? 101 LYS A N   1 
ATOM   779 C  CA  . LYS A 1 101 ? 20.869  4.690   -9.056  1.00 40.36 ? 101 LYS A CA  1 
ATOM   780 C  C   . LYS A 1 101 ? 21.597  3.925   -10.154 1.00 37.63 ? 101 LYS A C   1 
ATOM   781 O  O   . LYS A 1 101 ? 22.403  4.511   -10.881 1.00 36.50 ? 101 LYS A O   1 
ATOM   782 C  CB  . LYS A 1 101 ? 21.660  4.650   -7.749  1.00 44.51 ? 101 LYS A CB  1 
ATOM   783 C  CG  . LYS A 1 101 ? 21.044  5.485   -6.630  1.00 46.61 ? 101 LYS A CG  1 
ATOM   784 C  CD  . LYS A 1 101 ? 22.002  5.655   -5.462  1.00 53.47 ? 101 LYS A CD  1 
ATOM   785 C  CE  . LYS A 1 101 ? 21.259  5.776   -4.130  1.00 58.38 ? 101 LYS A CE  1 
ATOM   786 N  NZ  . LYS A 1 101 ? 20.053  6.648   -4.210  1.00 59.26 ? 101 LYS A NZ  1 
ATOM   787 N  N   . ILE A 1 102 ? 21.328  2.624   -10.296 1.00 32.18 ? 102 ILE A N   1 
ATOM   788 C  CA  . ILE A 1 102 ? 21.898  1.879   -11.421 1.00 32.76 ? 102 ILE A CA  1 
ATOM   789 C  C   . ILE A 1 102 ? 21.439  2.488   -12.738 1.00 32.61 ? 102 ILE A C   1 
ATOM   790 O  O   . ILE A 1 102 ? 22.238  2.712   -13.650 1.00 34.01 ? 102 ILE A O   1 
ATOM   791 C  CB  . ILE A 1 102 ? 21.522  0.388   -11.339 1.00 32.87 ? 102 ILE A CB  1 
ATOM   792 C  CG1 . ILE A 1 102 ? 22.305  -0.317  -10.224 1.00 35.63 ? 102 ILE A CG1 1 
ATOM   793 C  CG2 . ILE A 1 102 ? 21.763  -0.287  -12.702 1.00 34.22 ? 102 ILE A CG2 1 
ATOM   794 C  CD1 . ILE A 1 102 ? 21.828  -1.732  -9.898  1.00 34.93 ? 102 ILE A CD1 1 
ATOM   795 N  N   . ILE A 1 103 ? 20.137  2.754   -12.859 1.00 35.55 ? 103 ILE A N   1 
ATOM   796 C  CA  . ILE A 1 103 ? 19.599  3.289   -14.108 1.00 36.40 ? 103 ILE A CA  1 
ATOM   797 C  C   . ILE A 1 103 ? 20.169  4.673   -14.382 1.00 40.24 ? 103 ILE A C   1 
ATOM   798 O  O   . ILE A 1 103 ? 20.524  5.005   -15.519 1.00 40.04 ? 103 ILE A O   1 
ATOM   799 C  CB  . ILE A 1 103 ? 18.061  3.304   -14.053 1.00 36.98 ? 103 ILE A CB  1 
ATOM   800 C  CG1 . ILE A 1 103 ? 17.537  1.871   -14.041 1.00 35.31 ? 103 ILE A CG1 1 
ATOM   801 C  CG2 . ILE A 1 103 ? 17.486  4.102   -15.214 1.00 34.21 ? 103 ILE A CG2 1 
ATOM   802 C  CD1 . ILE A 1 103 ? 16.059  1.751   -13.730 1.00 40.09 ? 103 ILE A CD1 1 
ATOM   803 N  N   . GLU A 1 104 ? 20.281  5.494   -13.338 1.00 38.68 ? 104 GLU A N   1 
ATOM   804 C  CA  . GLU A 1 104 ? 20.951  6.786   -13.453 1.00 44.48 ? 104 GLU A CA  1 
ATOM   805 C  C   . GLU A 1 104 ? 22.339  6.638   -14.065 1.00 44.66 ? 104 GLU A C   1 
ATOM   806 O  O   . GLU A 1 104 ? 22.718  7.387   -14.973 1.00 47.57 ? 104 GLU A O   1 
ATOM   807 C  CB  . GLU A 1 104 ? 21.034  7.430   -12.069 1.00 50.39 ? 104 GLU A CB  1 
ATOM   808 C  CG  . GLU A 1 104 ? 21.776  8.746   -12.029 1.00 66.94 ? 104 GLU A CG  1 
ATOM   809 C  CD  . GLU A 1 104 ? 20.862  9.928   -12.265 1.00 78.44 ? 104 GLU A CD  1 
ATOM   810 O  OE1 . GLU A 1 104 ? 19.629  9.723   -12.291 1.00 79.27 ? 104 GLU A OE1 1 
ATOM   811 O  OE2 . GLU A 1 104 ? 21.377  11.059  -12.421 1.00 83.53 ? 104 GLU A OE2 1 
ATOM   812 N  N   . ASN A 1 105 ? 23.110  5.657   -13.587 1.00 38.53 ? 105 ASN A N   1 
ATOM   813 C  CA  . ASN A 1 105 ? 24.449  5.447   -14.122 1.00 38.89 ? 105 ASN A CA  1 
ATOM   814 C  C   . ASN A 1 105 ? 24.418  4.980   -15.572 1.00 46.18 ? 105 ASN A C   1 
ATOM   815 O  O   . ASN A 1 105 ? 25.326  5.310   -16.348 1.00 48.43 ? 105 ASN A O   1 
ATOM   816 C  CB  . ASN A 1 105 ? 25.203  4.443   -13.255 1.00 42.09 ? 105 ASN A CB  1 
ATOM   817 C  CG  . ASN A 1 105 ? 25.859  5.091   -12.059 1.00 50.10 ? 105 ASN A CG  1 
ATOM   818 O  OD1 . ASN A 1 105 ? 26.352  6.215   -12.147 1.00 55.78 ? 105 ASN A OD1 1 
ATOM   819 N  ND2 . ASN A 1 105 ? 25.879  4.384   -10.935 1.00 50.86 ? 105 ASN A ND2 1 
ATOM   820 N  N   . LEU A 1 106 ? 23.384  4.226   -15.960 1.00 36.49 ? 106 LEU A N   1 
ATOM   821 C  CA  . LEU A 1 106 ? 23.311  3.723   -17.331 1.00 37.55 ? 106 LEU A CA  1 
ATOM   822 C  C   . LEU A 1 106 ? 23.021  4.834   -18.333 1.00 49.30 ? 106 LEU A C   1 
ATOM   823 O  O   . LEU A 1 106 ? 23.388  4.711   -19.506 1.00 44.32 ? 106 LEU A O   1 
ATOM   824 C  CB  . LEU A 1 106 ? 22.247  2.631   -17.445 1.00 36.76 ? 106 LEU A CB  1 
ATOM   825 C  CG  . LEU A 1 106 ? 22.462  1.319   -16.704 1.00 36.94 ? 106 LEU A CG  1 
ATOM   826 C  CD1 . LEU A 1 106 ? 21.168  0.519   -16.757 1.00 35.92 ? 106 LEU A CD1 1 
ATOM   827 C  CD2 . LEU A 1 106 ? 23.614  0.516   -17.284 1.00 39.26 ? 106 LEU A CD2 1 
ATOM   828 N  N   . GLU A 1 107 ? 22.360  5.911   -17.908 1.00 50.35 ? 107 GLU A N   1 
ATOM   829 C  CA  . GLU A 1 107 ? 22.099  7.023   -18.815 1.00 56.48 ? 107 GLU A CA  1 
ATOM   830 C  C   . GLU A 1 107 ? 23.322  7.918   -18.946 1.00 61.98 ? 107 GLU A C   1 
ATOM   831 O  O   . GLU A 1 107 ? 24.015  7.885   -19.970 1.00 68.53 ? 107 GLU A O   1 
ATOM   832 C  CB  . GLU A 1 107 ? 20.892  7.833   -18.345 1.00 56.77 ? 107 GLU A CB  1 
ATOM   833 C  CG  . GLU A 1 107 ? 19.570  7.228   -18.767 1.00 62.40 ? 107 GLU A CG  1 
ATOM   834 C  CD  . GLU A 1 107 ? 18.587  7.124   -17.625 1.00 67.85 ? 107 GLU A CD  1 
ATOM   835 O  OE1 . GLU A 1 107 ? 18.823  7.755   -16.573 1.00 69.91 ? 107 GLU A OE1 1 
ATOM   836 O  OE2 . GLU A 1 107 ? 17.575  6.408   -17.775 1.00 70.45 ? 107 GLU A OE2 1 
ATOM   837 N  N   . ALA A 1 108 ? 23.596  8.719   -17.921 1.00 64.53 ? 108 ALA A N   1 
ATOM   838 C  CA  . ALA A 1 108 ? 24.762  9.598   -17.930 1.00 73.34 ? 108 ALA A CA  1 
ATOM   839 C  C   . ALA A 1 108 ? 25.503  9.531   -16.599 1.00 76.69 ? 108 ALA A C   1 
ATOM   840 O  O   . ALA A 1 108 ? 26.568  10.130  -16.442 1.00 81.21 ? 108 ALA A O   1 
ATOM   841 C  CB  . ALA A 1 108 ? 24.347  11.035  -18.238 1.00 74.51 ? 108 ALA A CB  1 
HETATM 842 C  CHA A HEM B 2 .   ? 7.114   -3.457  -11.365 0.25 54.24 ? 201 HEM A CHA 1 
HETATM 843 C  CHA B HEM B 2 .   ? 8.536   -0.979  -13.757 0.25 53.33 ? 201 HEM A CHA 1 
HETATM 844 C  CHB A HEM B 2 .   ? 7.668   -2.575  -6.637  0.25 54.03 ? 201 HEM A CHB 1 
HETATM 845 C  CHB B HEM B 2 .   ? 7.269   -4.652  -10.846 0.25 54.29 ? 201 HEM A CHB 1 
HETATM 846 C  CHC A HEM B 2 .   ? 9.827   1.668   -7.707  0.25 53.88 ? 201 HEM A CHC 1 
HETATM 847 C  CHC B HEM B 2 .   ? 7.818   -1.714  -6.977  0.25 54.08 ? 201 HEM A CHC 1 
HETATM 848 C  CHD A HEM B 2 .   ? 9.722   0.508   -12.411 0.25 53.65 ? 201 HEM A CHD 1 
HETATM 849 C  CHD B HEM B 2 .   ? 9.831   1.616   -9.856  0.25 53.88 ? 201 HEM A CHD 1 
HETATM 850 C  C1A A HEM B 2 .   ? 7.096   -3.559  -9.995  0.25 54.44 ? 201 HEM A C1A 1 
HETATM 851 C  C1A B HEM B 2 .   ? 8.140   -2.207  -13.277 0.25 54.00 ? 201 HEM A C1A 1 
HETATM 852 C  C2A A HEM B 2 .   ? 6.544   -4.659  -9.299  0.25 54.35 ? 201 HEM A C2A 1 
HETATM 853 C  C2A B HEM B 2 .   ? 7.827   -3.310  -14.098 0.25 53.86 ? 201 HEM A C2A 1 
HETATM 854 C  C3A A HEM B 2 .   ? 6.691   -4.405  -7.967  0.25 54.29 ? 201 HEM A C3A 1 
HETATM 855 C  C3A B HEM B 2 .   ? 7.466   -4.339  -13.287 0.25 54.08 ? 201 HEM A C3A 1 
HETATM 856 C  C4A A HEM B 2 .   ? 7.345   -3.163  -7.840  0.25 54.31 ? 201 HEM A C4A 1 
HETATM 857 C  C4A B HEM B 2 .   ? 7.560   -3.886  -11.957 0.25 54.17 ? 201 HEM A C4A 1 
HETATM 858 C  CMA A HEM B 2 .   ? 6.266   -5.271  -6.807  0.25 54.04 ? 201 HEM A CMA 1 
HETATM 859 C  CMA B HEM B 2 .   ? 7.049   -5.721  -13.717 0.25 53.74 ? 201 HEM A CMA 1 
HETATM 860 C  CAA A HEM B 2 .   ? 5.893   -5.862  -9.947  0.25 54.12 ? 201 HEM A CAA 1 
HETATM 861 C  CAA B HEM B 2 .   ? 7.871   -3.336  -15.606 0.25 53.47 ? 201 HEM A CAA 1 
HETATM 862 C  CBA A HEM B 2 .   ? 6.647   -7.169  -9.690  0.25 53.56 ? 201 HEM A CBA 1 
HETATM 863 C  CBA B HEM B 2 .   ? 9.149   -4.004  -16.119 0.25 53.14 ? 201 HEM A CBA 1 
HETATM 864 C  CGA A HEM B 2 .   ? 5.849   -8.037  -8.752  0.25 53.77 ? 201 HEM A CGA 1 
HETATM 865 C  CGA B HEM B 2 .   ? 8.767   -5.176  -16.985 0.25 53.24 ? 201 HEM A CGA 1 
HETATM 866 O  O1A A HEM B 2 .   ? 4.723   -7.661  -8.354  0.25 53.86 ? 201 HEM A O1A 1 
HETATM 867 O  O1A B HEM B 2 .   ? 8.626   -5.024  -18.220 0.25 52.38 ? 201 HEM A O1A 1 
HETATM 868 O  O2A A HEM B 2 .   ? 6.311   -9.134  -8.371  0.25 53.94 ? 201 HEM A O2A 1 
HETATM 869 O  O2A B HEM B 2 .   ? 8.577   -6.301  -16.471 0.25 54.17 ? 201 HEM A O2A 1 
HETATM 870 C  C1B A HEM B 2 .   ? 8.279   -1.321  -6.565  0.25 53.93 ? 201 HEM A C1B 1 
HETATM 871 C  C1B B HEM B 2 .   ? 7.283   -4.117  -9.551  0.25 54.48 ? 201 HEM A C1B 1 
HETATM 872 C  C2B A HEM B 2 .   ? 8.517   -0.689  -5.316  0.25 53.68 ? 201 HEM A C2B 1 
HETATM 873 C  C2B B HEM B 2 .   ? 6.830   -4.859  -8.424  0.25 54.27 ? 201 HEM A C2B 1 
HETATM 874 C  C3B A HEM B 2 .   ? 9.120   0.504   -5.576  0.25 53.73 ? 201 HEM A C3B 1 
HETATM 875 C  C3B B HEM B 2 .   ? 6.972   -4.058  -7.333  0.25 54.22 ? 201 HEM A C3B 1 
HETATM 876 C  C4B A HEM B 2 .   ? 9.248   0.579   -7.053  0.25 53.79 ? 201 HEM A C4B 1 
HETATM 877 C  C4B B HEM B 2 .   ? 7.536   -2.784  -7.831  0.25 54.34 ? 201 HEM A C4B 1 
HETATM 878 C  CMB A HEM B 2 .   ? 8.169   -1.235  -3.956  0.25 52.85 ? 201 HEM A CMB 1 
HETATM 879 C  CMB B HEM B 2 .   ? 6.293   -6.267  -8.431  0.25 53.83 ? 201 HEM A CMB 1 
HETATM 880 C  CAB A HEM B 2 .   ? 9.555   1.500   -4.575  0.25 53.42 ? 201 HEM A CAB 1 
HETATM 881 C  CAB B HEM B 2 .   ? 6.642   -4.379  -5.931  0.25 54.02 ? 201 HEM A CAB 1 
HETATM 882 C  CBB A HEM B 2 .   ? 9.254   2.789   -4.696  0.25 53.68 ? 201 HEM A CBB 1 
HETATM 883 C  CBB B HEM B 2 .   ? 5.466   -4.021  -5.424  0.25 53.81 ? 201 HEM A CBB 1 
HETATM 884 C  C1C A HEM B 2 .   ? 10.031  1.708   -9.076  0.25 53.90 ? 201 HEM A C1C 1 
HETATM 885 C  C1C B HEM B 2 .   ? 8.462   -0.566  -7.410  0.25 54.01 ? 201 HEM A C1C 1 
HETATM 886 C  C2C A HEM B 2 .   ? 10.720  2.716   -9.761  0.25 54.11 ? 201 HEM A C2C 1 
HETATM 887 C  C2C B HEM B 2 .   ? 8.915   0.475   -6.586  0.25 53.74 ? 201 HEM A C2C 1 
HETATM 888 C  C3C A HEM B 2 .   ? 10.696  2.394   -11.108 0.25 53.79 ? 201 HEM A C3C 1 
HETATM 889 C  C3C B HEM B 2 .   ? 9.490   1.425   -7.412  0.25 53.84 ? 201 HEM A C3C 1 
HETATM 890 C  C4C A HEM B 2 .   ? 9.980   1.167   -11.233 0.25 53.79 ? 201 HEM A C4C 1 
HETATM 891 C  C4C B HEM B 2 .   ? 9.384   0.949   -8.747  0.25 53.72 ? 201 HEM A C4C 1 
HETATM 892 C  CMC A HEM B 2 .   ? 11.367  3.925   -9.132  0.25 53.92 ? 201 HEM A CMC 1 
HETATM 893 C  CMC B HEM B 2 .   ? 8.802   0.539   -5.081  0.25 53.45 ? 201 HEM A CMC 1 
HETATM 894 C  CAC A HEM B 2 .   ? 11.312  3.193   -12.188 0.25 53.77 ? 201 HEM A CAC 1 
HETATM 895 C  CAC B HEM B 2 .   ? 10.110  2.693   -6.989  0.25 54.00 ? 201 HEM A CAC 1 
HETATM 896 C  CBC A HEM B 2 .   ? 12.121  2.643   -13.090 0.25 53.56 ? 201 HEM A CBC 1 
HETATM 897 C  CBC B HEM B 2 .   ? 9.340   3.754   -6.778  0.25 54.08 ? 201 HEM A CBC 1 
HETATM 898 C  C1D A HEM B 2 .   ? 8.963   -0.665  -12.466 0.25 53.75 ? 201 HEM A C1D 1 
HETATM 899 C  C1D B HEM B 2 .   ? 9.582   1.156   -11.150 0.25 53.79 ? 201 HEM A C1D 1 
HETATM 900 C  C2D A HEM B 2 .   ? 8.617   -1.280  -13.754 0.25 53.38 ? 201 HEM A C2D 1 
HETATM 901 C  C2D B HEM B 2 .   ? 9.912   1.984   -12.312 0.25 53.65 ? 201 HEM A C2D 1 
HETATM 902 C  C3D A HEM B 2 .   ? 7.899   -2.381  -13.470 0.25 54.01 ? 201 HEM A C3D 1 
HETATM 903 C  C3D B HEM B 2 .   ? 9.566   1.276   -13.399 0.25 53.25 ? 201 HEM A C3D 1 
HETATM 904 C  C4D A HEM B 2 .   ? 7.800   -2.434  -12.003 0.25 54.14 ? 201 HEM A C4D 1 
HETATM 905 C  C4D B HEM B 2 .   ? 9.008   0.007   -12.900 0.25 53.67 ? 201 HEM A C4D 1 
HETATM 906 C  CMD A HEM B 2 .   ? 8.997   -0.774  -15.122 0.25 52.59 ? 201 HEM A CMD 1 
HETATM 907 C  CMD B HEM B 2 .   ? 10.528  3.358   -12.285 0.25 53.67 ? 201 HEM A CMD 1 
HETATM 908 C  CAD A HEM B 2 .   ? 7.300   -3.356  -14.458 0.25 53.83 ? 201 HEM A CAD 1 
HETATM 909 C  CAD B HEM B 2 .   ? 9.703   1.745   -14.829 0.25 51.38 ? 201 HEM A CAD 1 
HETATM 910 C  CBD A HEM B 2 .   ? 7.990   -4.722  -14.391 0.25 53.72 ? 201 HEM A CBD 1 
HETATM 911 C  CBD B HEM B 2 .   ? 10.653  0.895   -15.671 0.25 44.70 ? 201 HEM A CBD 1 
HETATM 912 C  CGD A HEM B 2 .   ? 7.401   -5.652  -15.423 0.25 54.00 ? 201 HEM A CGD 1 
HETATM 913 C  CGD B HEM B 2 .   ? 10.856  1.585   -16.996 0.25 36.68 ? 201 HEM A CGD 1 
HETATM 914 O  O1D A HEM B 2 .   ? 7.911   -6.780  -15.606 0.25 54.64 ? 201 HEM A O1D 1 
HETATM 915 O  O1D B HEM B 2 .   ? 10.096  1.330   -17.959 0.25 31.42 ? 201 HEM A O1D 1 
HETATM 916 O  O2D A HEM B 2 .   ? 6.405   -5.303  -16.098 0.25 54.80 ? 201 HEM A O2D 1 
HETATM 917 O  O2D B HEM B 2 .   ? 11.779  2.423   -17.127 0.25 32.39 ? 201 HEM A O2D 1 
HETATM 918 N  NA  A HEM B 2 .   ? 7.577   -2.641  -9.087  0.25 54.51 ? 201 HEM A NA  1 
HETATM 919 N  NA  B HEM B 2 .   ? 7.959   -2.573  -11.961 0.25 54.15 ? 201 HEM A NA  1 
HETATM 920 N  NB  A HEM B 2 .   ? 8.725   -0.550  -7.569  0.25 54.09 ? 201 HEM A NB  1 
HETATM 921 N  NB  B HEM B 2 .   ? 7.695   -2.897  -9.166  0.25 54.50 ? 201 HEM A NB  1 
HETATM 922 N  NC  A HEM B 2 .   ? 9.569   0.792   -9.979  0.25 53.88 ? 201 HEM A NC  1 
HETATM 923 N  NC  B HEM B 2 .   ? 8.730   -0.251  -8.715  0.25 54.18 ? 201 HEM A NC  1 
HETATM 924 N  ND  A HEM B 2 .   ? 8.452   -1.392  -11.455 0.25 54.06 ? 201 HEM A ND  1 
HETATM 925 N  ND  B HEM B 2 .   ? 9.046   -0.010  -11.553 0.25 53.77 ? 201 HEM A ND  1 
HETATM 926 FE FE  A HEM B 2 .   ? 8.612   -1.028  -9.622  0.25 54.89 ? 201 HEM A FE  1 
HETATM 927 FE FE  B HEM B 2 .   ? 8.458   -1.397  -10.441 0.25 55.03 ? 201 HEM A FE  1 
HETATM 928 O  O   . HOH C 3 .   ? -16.813 -1.953  -4.293  1.00 33.24 ? 301 HOH A O   1 
HETATM 929 O  O   . HOH C 3 .   ? -15.384 -0.591  4.606   1.00 44.01 ? 302 HOH A O   1 
HETATM 930 O  O   . HOH C 3 .   ? -7.860  17.095  -9.988  1.00 45.63 ? 303 HOH A O   1 
HETATM 931 O  O   . HOH C 3 .   ? 2.677   -0.547  12.149  1.00 44.26 ? 304 HOH A O   1 
HETATM 932 O  O   . HOH C 3 .   ? 17.438  -4.161  0.295   1.00 48.26 ? 305 HOH A O   1 
HETATM 933 O  O   . HOH C 3 .   ? -19.304 -1.560  2.738   1.00 45.04 ? 306 HOH A O   1 
HETATM 934 O  O   . HOH C 3 .   ? 13.395  4.366   -17.537 1.00 54.95 ? 307 HOH A O   1 
HETATM 935 O  O   . HOH C 3 .   ? -1.312  0.480   16.054  1.00 32.43 ? 308 HOH A O   1 
HETATM 936 O  O   . HOH C 3 .   ? 0.703   1.106   13.605  1.00 35.94 ? 309 HOH A O   1 
HETATM 937 O  O   . HOH C 3 .   ? -10.331 -8.407  2.904   1.00 25.27 ? 310 HOH A O   1 
HETATM 938 O  O   . HOH C 3 .   ? -9.013  -7.913  5.240   1.00 32.01 ? 311 HOH A O   1 
HETATM 939 O  O   . HOH C 3 .   ? 13.999  4.956   -12.083 1.00 62.54 ? 312 HOH A O   1 
HETATM 940 O  O   . HOH C 3 .   ? 9.459   0.452   6.712   1.00 42.22 ? 313 HOH A O   1 
HETATM 941 O  O   . HOH C 3 .   ? -4.367  -6.969  14.569  1.00 23.39 ? 314 HOH A O   1 
HETATM 942 O  O   . HOH C 3 .   ? -11.969 -0.792  6.657   1.00 22.63 ? 315 HOH A O   1 
HETATM 943 O  O   . HOH C 3 .   ? -1.896  -10.723 9.259   1.00 31.38 ? 316 HOH A O   1 
HETATM 944 O  O   . HOH C 3 .   ? -18.099 -2.789  -2.221  1.00 37.92 ? 317 HOH A O   1 
HETATM 945 O  O   . HOH C 3 .   ? 0.877   -1.136  15.263  1.00 38.14 ? 318 HOH A O   1 
HETATM 946 O  O   . HOH C 3 .   ? -14.576 -0.737  8.095   1.00 39.01 ? 319 HOH A O   1 
HETATM 947 O  O   . HOH C 3 .   ? 3.218   -10.826 10.609  1.00 34.30 ? 320 HOH A O   1 
HETATM 948 O  O   . HOH C 3 .   ? -6.997  -11.648 -2.279  1.00 34.68 ? 321 HOH A O   1 
HETATM 949 O  O   . HOH C 3 .   ? -9.652  -9.582  8.497   1.00 42.36 ? 322 HOH A O   1 
HETATM 950 O  O   . HOH C 3 .   ? -5.619  -9.409  11.508  1.00 41.39 ? 323 HOH A O   1 
HETATM 951 O  O   . HOH C 3 .   ? 3.118   -2.242  15.554  1.00 44.57 ? 324 HOH A O   1 
HETATM 952 O  O   . HOH C 3 .   ? 0.280   1.032   10.084  1.00 24.12 ? 325 HOH A O   1 
HETATM 953 O  O   . HOH C 3 .   ? -8.630  6.455   -4.107  1.00 31.58 ? 326 HOH A O   1 
HETATM 954 O  O   . HOH C 3 .   ? 15.293  6.713   -5.840  1.00 59.68 ? 327 HOH A O   1 
HETATM 955 O  O   . HOH C 3 .   ? -1.086  4.647   13.370  1.00 29.57 ? 328 HOH A O   1 
HETATM 956 O  O   . HOH C 3 .   ? -12.828 -7.495  -5.628  1.00 33.10 ? 329 HOH A O   1 
HETATM 957 O  O   . HOH C 3 .   ? -16.697 4.785   13.233  1.00 55.05 ? 330 HOH A O   1 
HETATM 958 O  O   . HOH C 3 .   ? -10.034 -0.058  -7.720  1.00 37.56 ? 331 HOH A O   1 
HETATM 959 O  O   . HOH C 3 .   ? -14.109 1.668   5.267   1.00 30.60 ? 332 HOH A O   1 
HETATM 960 O  O   . HOH C 3 .   ? -8.767  9.978   4.978   1.00 65.40 ? 333 HOH A O   1 
HETATM 961 O  O   . HOH C 3 .   ? 10.682  -6.601  0.487   1.00 42.20 ? 334 HOH A O   1 
HETATM 962 O  O   . HOH C 3 .   ? 22.961  0.836   -7.014  1.00 40.22 ? 335 HOH A O   1 
HETATM 963 O  O   . HOH C 3 .   ? 20.828  0.858   -0.661  1.00 61.21 ? 336 HOH A O   1 
HETATM 964 O  O   . HOH C 3 .   ? -6.836  -12.501 5.080   1.00 28.66 ? 337 HOH A O   1 
HETATM 965 O  O   . HOH C 3 .   ? -4.981  6.359   -12.334 1.00 58.75 ? 338 HOH A O   1 
HETATM 966 O  O   . HOH C 3 .   ? -2.917  6.508   6.992   1.00 25.02 ? 339 HOH A O   1 
HETATM 967 O  O   . HOH C 3 .   ? 5.201   -8.919  12.153  1.00 32.76 ? 340 HOH A O   1 
HETATM 968 O  O   . HOH C 3 .   ? -3.742  12.568  0.916   1.00 34.94 ? 341 HOH A O   1 
HETATM 969 O  O   . HOH C 3 .   ? -15.771 2.136   -3.404  1.00 39.69 ? 342 HOH A O   1 
HETATM 970 O  O   . HOH C 3 .   ? -8.454  7.965   8.996   1.00 48.93 ? 343 HOH A O   1 
HETATM 971 O  O   . HOH C 3 .   ? -2.164  11.299  -10.233 1.00 51.87 ? 344 HOH A O   1 
HETATM 972 O  O   . HOH C 3 .   ? -8.946  7.604   11.342  1.00 50.13 ? 345 HOH A O   1 
HETATM 973 O  O   . HOH C 3 .   ? -13.647 -9.232  9.805   1.00 52.85 ? 346 HOH A O   1 
HETATM 974 O  O   . HOH C 3 .   ? -5.902  -13.787 -1.115  1.00 35.24 ? 347 HOH A O   1 
HETATM 975 O  O   . HOH C 3 .   ? 2.497   2.338   10.941  1.00 46.49 ? 348 HOH A O   1 
HETATM 976 O  O   . HOH C 3 .   ? -13.377 9.263   -1.514  1.00 46.44 ? 349 HOH A O   1 
# 
loop_
_atom_site_anisotrop.id 
_atom_site_anisotrop.type_symbol 
_atom_site_anisotrop.pdbx_label_atom_id 
_atom_site_anisotrop.pdbx_label_alt_id 
_atom_site_anisotrop.pdbx_label_comp_id 
_atom_site_anisotrop.pdbx_label_asym_id 
_atom_site_anisotrop.pdbx_label_seq_id 
_atom_site_anisotrop.pdbx_PDB_ins_code 
_atom_site_anisotrop.U[1][1] 
_atom_site_anisotrop.U[2][2] 
_atom_site_anisotrop.U[3][3] 
_atom_site_anisotrop.U[1][2] 
_atom_site_anisotrop.U[1][3] 
_atom_site_anisotrop.U[2][3] 
_atom_site_anisotrop.pdbx_auth_seq_id 
_atom_site_anisotrop.pdbx_auth_comp_id 
_atom_site_anisotrop.pdbx_auth_asym_id 
_atom_site_anisotrop.pdbx_auth_atom_id 
1   N N   . PRO A 5   ? 0.8945 0.8674 0.5560 -0.2165 0.0237  -0.0575 5   PRO A N   
2   C CA  . PRO A 5   ? 0.9599 0.9042 0.6287 -0.2162 0.0382  -0.0785 5   PRO A CA  
3   C C   . PRO A 5   ? 0.9996 0.9344 0.6848 -0.2033 0.0333  -0.0760 5   PRO A C   
4   O O   . PRO A 5   ? 0.9870 0.9129 0.6835 -0.1852 0.0316  -0.0696 5   PRO A O   
5   C CB  . PRO A 5   ? 0.9176 0.8393 0.5909 -0.2054 0.0535  -0.0885 5   PRO A CB  
6   C CG  . PRO A 5   ? 0.8464 0.7785 0.5189 -0.1951 0.0458  -0.0721 5   PRO A CG  
7   C CD  . PRO A 5   ? 0.8545 0.8186 0.5153 -0.2052 0.0293  -0.0536 5   PRO A CD  
8   N N   . LYS A 6   ? 1.0143 0.9507 0.6997 -0.2143 0.0322  -0.0814 6   LYS A N   
9   C CA  . LYS A 6   ? 1.0200 0.9551 0.7188 -0.2055 0.0240  -0.0757 6   LYS A CA  
10  C C   . LYS A 6   ? 0.9941 0.8985 0.7097 -0.1853 0.0338  -0.0829 6   LYS A C   
11  O O   . LYS A 6   ? 0.9267 0.8317 0.6531 -0.1716 0.0257  -0.0734 6   LYS A O   
12  C CB  . LYS A 6   ? 1.0769 1.0176 0.7719 -0.2233 0.0239  -0.0820 6   LYS A CB  
13  C CG  . LYS A 6   ? 1.1199 1.1024 0.8058 -0.2405 0.0082  -0.0679 6   LYS A CG  
14  C CD  . LYS A 6   ? 1.1689 1.1576 0.8512 -0.2599 0.0096  -0.0752 6   LYS A CD  
15  C CE  . LYS A 6   ? 1.1658 1.2028 0.8424 -0.2775 -0.0060 -0.0597 6   LYS A CE  
16  N NZ  . LYS A 6   ? 1.2029 1.2476 0.8732 -0.2999 -0.0028 -0.0681 6   LYS A NZ  
17  N N   . GLU A 7   ? 0.9980 0.8779 0.7175 -0.1832 0.0516  -0.0983 7   GLU A N   
18  C CA  . GLU A 7   ? 0.9783 0.8344 0.7180 -0.1638 0.0608  -0.1027 7   GLU A CA  
19  C C   . GLU A 7   ? 0.8586 0.7165 0.6064 -0.1474 0.0590  -0.0958 7   GLU A C   
20  O O   . GLU A 7   ? 0.7971 0.6463 0.5617 -0.1319 0.0593  -0.0934 7   GLU A O   
21  C CB  . GLU A 7   ? 1.0851 0.9178 0.8288 -0.1645 0.0814  -0.1180 7   GLU A CB  
22  C CG  . GLU A 7   ? 1.1690 0.9906 0.9105 -0.1758 0.0865  -0.1252 7   GLU A CG  
23  C CD  . GLU A 7   ? 1.2834 1.0857 1.0189 -0.1850 0.1076  -0.1408 7   GLU A CD  
24  O OE1 . GLU A 7   ? 1.3229 1.1307 1.0468 -0.1926 0.1132  -0.1457 7   GLU A OE1 
25  O OE2 . GLU A 7   ? 1.3137 1.0942 1.0560 -0.1850 0.1195  -0.1478 7   GLU A OE2 
26  N N   . MET A 8   ? 0.7718 0.6415 0.5076 -0.1520 0.0578  -0.0923 8   MET A N   
27  C CA  A MET A 8   ? 0.7287 0.6004 0.4698 -0.1393 0.0566  -0.0850 8   MET A CA  
28  C CA  B MET A 8   ? 0.7280 0.5991 0.4697 -0.1388 0.0567  -0.0853 8   MET A CA  
29  C C   . MET A 8   ? 0.6712 0.5540 0.4104 -0.1346 0.0417  -0.0699 8   MET A C   
30  O O   . MET A 8   ? 0.6464 0.5278 0.4067 -0.1180 0.0411  -0.0627 8   MET A O   
31  C CB  A MET A 8   ? 0.7563 0.6357 0.4838 -0.1470 0.0607  -0.0848 8   MET A CB  
32  C CB  B MET A 8   ? 0.7548 0.6322 0.4848 -0.1450 0.0620  -0.0857 8   MET A CB  
33  C CG  A MET A 8   ? 0.7733 0.6573 0.5005 -0.1386 0.0582  -0.0743 8   MET A CG  
34  C CG  B MET A 8   ? 0.7540 0.6246 0.4965 -0.1319 0.0710  -0.0872 8   MET A CG  
35  S SD  A MET A 8   ? 0.8179 0.7150 0.5239 -0.1516 0.0588  -0.0687 8   MET A SD  
36  S SD  B MET A 8   ? 0.8046 0.6826 0.5327 -0.1403 0.0770  -0.0865 8   MET A SD  
37  C CE  A MET A 8   ? 0.8265 0.7128 0.5355 -0.1574 0.0762  -0.0887 8   MET A CE  
38  C CE  B MET A 8   ? 0.8027 0.6982 0.5105 -0.1480 0.0606  -0.0667 8   MET A CE  
39  N N   . LEU A 9   ? 0.6660 0.5675 0.3930 -0.1457 0.0292  -0.0599 9   LEU A N   
40  C CA  . LEU A 9   ? 0.6437 0.5612 0.3863 -0.1348 0.0159  -0.0393 9   LEU A CA  
41  C C   . LEU A 9   ? 0.5811 0.4895 0.3481 -0.1218 0.0153  -0.0407 9   LEU A C   
42  O O   . LEU A 9   ? 0.5616 0.4719 0.3475 -0.1063 0.0125  -0.0301 9   LEU A O   
43  C CB  . LEU A 9   ? 0.6405 0.5852 0.3689 -0.1493 0.0028  -0.0277 9   LEU A CB  
44  C CG  . LEU A 9   ? 0.6826 0.6487 0.4290 -0.1383 -0.0100 -0.0046 9   LEU A CG  
45  C CD1 . LEU A 9   ? 0.7440 0.7064 0.5042 -0.1197 -0.0078 0.0108  9   LEU A CD1 
46  C CD2 . LEU A 9   ? 0.7542 0.7555 0.4866 -0.1544 -0.0229 0.0088  9   LEU A CD2 
47  N N   . ARG A 10  ? 0.6129 0.5103 0.3787 -0.1292 0.0196  -0.0540 10  ARG A N   
48  C CA  . ARG A 10  ? 0.5872 0.4760 0.3752 -0.1173 0.0200  -0.0537 10  ARG A CA  
49  C C   . ARG A 10  ? 0.5654 0.4432 0.3709 -0.1001 0.0281  -0.0554 10  ARG A C   
50  O O   . ARG A 10  ? 0.5280 0.4104 0.3523 -0.0870 0.0241  -0.0471 10  ARG A O   
51  C CB  . ARG A 10  ? 0.7441 0.6179 0.5263 -0.1292 0.0265  -0.0676 10  ARG A CB  
52  C CG  . ARG A 10  ? 0.8045 0.6695 0.6085 -0.1184 0.0273  -0.0651 10  ARG A CG  
53  C CD  . ARG A 10  ? 0.8950 0.7813 0.7125 -0.1108 0.0132  -0.0481 10  ARG A CD  
54  N NE  . ARG A 10  ? 0.9920 0.9015 0.7974 -0.1242 0.0016  -0.0402 10  ARG A NE  
55  C CZ  . ARG A 10  ? 1.0548 0.9727 0.8549 -0.1392 -0.0033 -0.0412 10  ARG A CZ  
56  N NH1 . ARG A 10  ? 1.0662 0.9645 0.8707 -0.1430 0.0040  -0.0509 10  ARG A NH1 
57  N NH2 . ARG A 10  ? 1.0605 1.0078 0.8517 -0.1510 -0.0151 -0.0312 10  ARG A NH2 
58  N N   . ALA A 11  ? 0.5735 0.4405 0.3728 -0.1012 0.0397  -0.0662 11  ALA A N   
59  C CA  . ALA A 11  ? 0.5634 0.4278 0.3800 -0.0870 0.0466  -0.0666 11  ALA A CA  
60  C C   . ALA A 11  ? 0.5080 0.3851 0.3306 -0.0801 0.0395  -0.0547 11  ALA A C   
61  O O   . ALA A 11  ? 0.4653 0.3465 0.3055 -0.0692 0.0391  -0.0510 11  ALA A O   
62  C CB  . ALA A 11  ? 0.6215 0.4770 0.4297 -0.0908 0.0606  -0.0789 11  ALA A CB  
63  N N   . GLN A 12  ? 0.4903 0.3733 0.2975 -0.0871 0.0351  -0.0485 12  GLN A N   
64  C CA  . GLN A 12  ? 0.4454 0.3341 0.2580 -0.0806 0.0320  -0.0369 12  GLN A CA  
65  C C   . GLN A 12  ? 0.3936 0.2882 0.2209 -0.0721 0.0243  -0.0269 12  GLN A C   
66  O O   . GLN A 12  ? 0.4186 0.3124 0.2583 -0.0638 0.0265  -0.0245 12  GLN A O   
67  C CB  . GLN A 12  ? 0.5370 0.4312 0.3312 -0.0887 0.0297  -0.0281 12  GLN A CB  
68  C CG  . GLN A 12  ? 0.5931 0.4821 0.3717 -0.0975 0.0389  -0.0379 12  GLN A CG  
69  C CD  . GLN A 12  ? 0.6158 0.5133 0.3736 -0.1071 0.0361  -0.0274 12  GLN A CD  
70  O OE1 . GLN A 12  ? 0.6678 0.5782 0.4231 -0.1077 0.0261  -0.0118 12  GLN A OE1 
71  N NE2 . GLN A 12  ? 0.6422 0.5360 0.3862 -0.1145 0.0451  -0.0342 12  GLN A NE2 
72  N N   . THR A 13  ? 0.4210 0.3229 0.2462 -0.0761 0.0163  -0.0224 13  THR A N   
73  C CA  . THR A 13  ? 0.4092 0.3187 0.2488 -0.0682 0.0100  -0.0129 13  THR A CA  
74  C C   . THR A 13  ? 0.4246 0.3291 0.2798 -0.0604 0.0133  -0.0192 13  THR A C   
75  O O   . THR A 13  ? 0.4067 0.3145 0.2737 -0.0521 0.0131  -0.0144 13  THR A O   
76  C CB  . THR A 13  ? 0.4478 0.3696 0.2829 -0.0765 0.0011  -0.0078 13  THR A CB  
77  O OG1 . THR A 13  ? 0.4546 0.3884 0.2740 -0.0856 -0.0034 0.0002  13  THR A OG1 
78  C CG2 . THR A 13  ? 0.4646 0.3973 0.3163 -0.0677 -0.0044 0.0037  13  THR A CG2 
79  N N   . ASN A 14  ? 0.3970 0.2940 0.2525 -0.0627 0.0176  -0.0295 14  ASN A N   
80  C CA  . ASN A 14  ? 0.3822 0.2791 0.2539 -0.0542 0.0204  -0.0316 14  ASN A CA  
81  C C   . ASN A 14  ? 0.4257 0.3278 0.3049 -0.0481 0.0242  -0.0320 14  ASN A C   
82  O O   . ASN A 14  ? 0.4180 0.3284 0.3084 -0.0426 0.0227  -0.0289 14  ASN A O   
83  C CB  . ASN A 14  ? 0.4935 0.3798 0.3664 -0.0553 0.0279  -0.0402 14  ASN A CB  
84  C CG  . ASN A 14  ? 0.6841 0.5646 0.5591 -0.0584 0.0260  -0.0393 14  ASN A CG  
85  O OD1 . ASN A 14  ? 0.7415 0.6230 0.6056 -0.0683 0.0204  -0.0383 14  ASN A OD1 
86  N ND2 . ASN A 14  ? 0.6646 0.5414 0.5543 -0.0504 0.0307  -0.0380 14  ASN A ND2 
87  N N   . VAL A 15  ? 0.4072 0.3058 0.2787 -0.0514 0.0299  -0.0368 15  VAL A N   
88  C CA  . VAL A 15  ? 0.3718 0.2761 0.2494 -0.0493 0.0346  -0.0390 15  VAL A CA  
89  C C   . VAL A 15  ? 0.4031 0.3077 0.2810 -0.0483 0.0328  -0.0334 15  VAL A C   
90  O O   . VAL A 15  ? 0.4066 0.3183 0.2923 -0.0471 0.0350  -0.0355 15  VAL A O   
91  C CB  . VAL A 15  ? 0.4380 0.3380 0.3063 -0.0548 0.0419  -0.0446 15  VAL A CB  
92  C CG1 . VAL A 15  ? 0.5544 0.4602 0.4270 -0.0563 0.0469  -0.0470 15  VAL A CG1 
93  C CG2 . VAL A 15  ? 0.5061 0.4052 0.3774 -0.0541 0.0476  -0.0517 15  VAL A CG2 
94  N N   . ILE A 16  ? 0.3696 0.2679 0.2393 -0.0492 0.0302  -0.0259 16  ILE A N   
95  C CA  . ILE A 16  ? 0.3609 0.2560 0.2334 -0.0456 0.0319  -0.0190 16  ILE A CA  
96  C C   . ILE A 16  ? 0.3324 0.2350 0.2161 -0.0405 0.0287  -0.0175 16  ILE A C   
97  O O   . ILE A 16  ? 0.3816 0.2835 0.2702 -0.0393 0.0341  -0.0201 16  ILE A O   
98  C CB  . ILE A 16  ? 0.4218 0.3139 0.2869 -0.0451 0.0294  -0.0064 16  ILE A CB  
99  C CG1 . ILE A 16  ? 0.3938 0.2782 0.2467 -0.0506 0.0349  -0.0065 16  ILE A CG1 
100 C CG2 . ILE A 16  ? 0.4115 0.3009 0.2853 -0.0374 0.0325  0.0036  16  ILE A CG2 
101 C CD1 . ILE A 16  ? 0.4293 0.3181 0.2718 -0.0524 0.0301  0.0076  16  ILE A CD1 
102 N N   . LEU A 17  ? 0.3363 0.2458 0.2230 -0.0395 0.0210  -0.0145 17  LEU A N   
103 C CA  . LEU A 17  ? 0.3333 0.2512 0.2302 -0.0353 0.0180  -0.0115 17  LEU A CA  
104 C C   . LEU A 17  ? 0.3350 0.2597 0.2380 -0.0350 0.0209  -0.0184 17  LEU A C   
105 O O   . LEU A 17  ? 0.3356 0.2665 0.2435 -0.0334 0.0226  -0.0184 17  LEU A O   
106 C CB  . LEU A 17  ? 0.3778 0.3004 0.2756 -0.0371 0.0103  -0.0076 17  LEU A CB  
107 C CG  . LEU A 17  ? 0.4312 0.3572 0.3238 -0.0397 0.0053  0.0013  17  LEU A CG  
108 C CD1 . LEU A 17  ? 0.4670 0.3986 0.3587 -0.0461 -0.0014 0.0021  17  LEU A CD1 
109 C CD2 . LEU A 17  ? 0.4119 0.3436 0.3130 -0.0324 0.0067  0.0115  17  LEU A CD2 
110 N N   . LEU A 18  ? 0.3517 0.2789 0.2551 -0.0368 0.0218  -0.0237 18  LEU A N   
111 C CA  . LEU A 18  ? 0.3075 0.2497 0.2189 -0.0365 0.0232  -0.0269 18  LEU A CA  
112 C C   . LEU A 18  ? 0.3405 0.2854 0.2482 -0.0419 0.0294  -0.0332 18  LEU A C   
113 O O   . LEU A 18  ? 0.3601 0.3196 0.2711 -0.0446 0.0301  -0.0355 18  LEU A O   
114 C CB  . LEU A 18  ? 0.3434 0.2897 0.2596 -0.0350 0.0247  -0.0286 18  LEU A CB  
115 C CG  . LEU A 18  ? 0.3885 0.3284 0.3089 -0.0308 0.0222  -0.0240 18  LEU A CG  
116 C CD1 . LEU A 18  ? 0.5235 0.4626 0.4501 -0.0276 0.0281  -0.0262 18  LEU A CD1 
117 C CD2 . LEU A 18  ? 0.3672 0.3188 0.2966 -0.0269 0.0179  -0.0165 18  LEU A CD2 
118 N N   . ASN A 19  ? 0.3332 0.2641 0.2328 -0.0454 0.0349  -0.0365 19  ASN A N   
119 C CA  . ASN A 19  ? 0.3218 0.2500 0.2173 -0.0526 0.0435  -0.0438 19  ASN A CA  
120 C C   . ASN A 19  ? 0.3331 0.2527 0.2277 -0.0514 0.0480  -0.0430 19  ASN A C   
121 O O   . ASN A 19  ? 0.4000 0.3216 0.2920 -0.0591 0.0557  -0.0518 19  ASN A O   
122 C CB  . ASN A 19  ? 0.3924 0.3052 0.2799 -0.0567 0.0500  -0.0458 19  ASN A CB  
123 C CG  . ASN A 19  ? 0.4747 0.4006 0.3638 -0.0626 0.0515  -0.0523 19  ASN A CG  
124 O OD1 . ASN A 19  ? 0.4810 0.4161 0.3701 -0.0718 0.0570  -0.0603 19  ASN A OD1 
125 N ND2 . ASN A 19  ? 0.4498 0.3786 0.3408 -0.0583 0.0476  -0.0497 19  ASN A ND2 
126 N N   . VAL A 20  ? 0.3860 0.2981 0.2830 -0.0431 0.0445  -0.0334 20  VAL A N   
127 C CA  . VAL A 20  ? 0.3498 0.2569 0.2496 -0.0397 0.0502  -0.0316 20  VAL A CA  
128 C C   . VAL A 20  ? 0.3336 0.2593 0.2365 -0.0431 0.0480  -0.0367 20  VAL A C   
129 O O   . VAL A 20  ? 0.3516 0.2761 0.2515 -0.0484 0.0575  -0.0448 20  VAL A O   
130 C CB  . VAL A 20  ? 0.3868 0.2907 0.2919 -0.0300 0.0454  -0.0178 20  VAL A CB  
131 C CG1 . VAL A 20  ? 0.3799 0.2822 0.2919 -0.0246 0.0525  -0.0150 20  VAL A CG1 
132 C CG2 . VAL A 20  ? 0.4626 0.3527 0.3635 -0.0277 0.0477  -0.0101 20  VAL A CG2 
133 N N   . LEU A 21  ? 0.3855 0.3279 0.2935 -0.0406 0.0369  -0.0317 21  LEU A N   
134 C CA  . LEU A 21  ? 0.3193 0.2824 0.2304 -0.0430 0.0339  -0.0325 21  LEU A CA  
135 C C   . LEU A 21  ? 0.3459 0.3255 0.2532 -0.0534 0.0369  -0.0419 21  LEU A C   
136 O O   . LEU A 21  ? 0.3482 0.3462 0.2537 -0.0594 0.0376  -0.0449 21  LEU A O   
137 C CB  . LEU A 21  ? 0.3465 0.3202 0.2653 -0.0373 0.0234  -0.0228 21  LEU A CB  
138 C CG  . LEU A 21  ? 0.3213 0.2843 0.2429 -0.0312 0.0196  -0.0147 21  LEU A CG  
139 C CD1 . LEU A 21  ? 0.3328 0.3015 0.2602 -0.0288 0.0123  -0.0079 21  LEU A CD1 
140 C CD2 . LEU A 21  ? 0.3417 0.3074 0.2653 -0.0298 0.0234  -0.0129 21  LEU A CD2 
141 N N   . LYS A 22  ? 0.3865 0.3642 0.2921 -0.0572 0.0383  -0.0461 22  LYS A N   
142 C CA  . LYS A 22  ? 0.4267 0.4247 0.3294 -0.0697 0.0413  -0.0551 22  LYS A CA  
143 C C   . LYS A 22  ? 0.4441 0.4333 0.3354 -0.0818 0.0535  -0.0682 22  LYS A C   
144 O O   . LYS A 22  ? 0.4351 0.4479 0.3214 -0.0954 0.0552  -0.0765 22  LYS A O   
145 C CB  . LYS A 22  ? 0.3943 0.3903 0.2982 -0.0716 0.0424  -0.0573 22  LYS A CB  
146 C CG  . LYS A 22  ? 0.4750 0.5009 0.3801 -0.0842 0.0433  -0.0637 22  LYS A CG  
147 C CD  . LYS A 22  ? 0.5909 0.6137 0.4993 -0.0840 0.0452  -0.0645 22  LYS A CD  
148 C CE  . LYS A 22  ? 0.6772 0.7301 0.5868 -0.0992 0.0478  -0.0720 22  LYS A CE  
149 N NZ  . LYS A 22  ? 0.7628 0.8054 0.6575 -0.1173 0.0582  -0.0870 22  LYS A NZ  
150 N N   . GLN A 23  ? 0.4075 0.3643 0.2949 -0.0776 0.0630  -0.0696 23  GLN A N   
151 C CA  . GLN A 23  ? 0.4789 0.4191 0.3568 -0.0874 0.0791  -0.0824 23  GLN A CA  
152 C C   . GLN A 23  ? 0.4639 0.4141 0.3405 -0.0882 0.0812  -0.0844 23  GLN A C   
153 O O   . GLN A 23  ? 0.4776 0.4226 0.3437 -0.1012 0.0952  -0.0991 23  GLN A O   
154 C CB  . GLN A 23  ? 0.5502 0.4519 0.4284 -0.0789 0.0908  -0.0790 23  GLN A CB  
155 C CG  . GLN A 23  ? 0.6375 0.5280 0.5161 -0.0761 0.0882  -0.0735 23  GLN A CG  
156 C CD  . GLN A 23  ? 0.6654 0.5660 0.5376 -0.0921 0.0907  -0.0851 23  GLN A CD  
157 O OE1 . GLN A 23  ? 0.7336 0.6313 0.5972 -0.1079 0.1028  -0.0998 23  GLN A OE1 
158 N NE2 . GLN A 23  ? 0.6383 0.5520 0.5146 -0.0894 0.0804  -0.0794 23  GLN A NE2 
159 N N   . GLY A 24  ? 0.4035 0.3663 0.2890 -0.0762 0.0694  -0.0712 24  GLY A N   
160 C CA  . GLY A 24  ? 0.4003 0.3768 0.2852 -0.0769 0.0700  -0.0712 24  GLY A CA  
161 C C   . GLY A 24  ? 0.3615 0.3391 0.2583 -0.0612 0.0599  -0.0548 24  GLY A C   
162 O O   . GLY A 24  ? 0.3807 0.3429 0.2845 -0.0506 0.0561  -0.0458 24  GLY A O   
163 N N   . ASP A 25  ? 0.3260 0.3244 0.2239 -0.0618 0.0556  -0.0509 25  ASP A N   
164 C CA  . ASP A 25  ? 0.2997 0.2999 0.2085 -0.0497 0.0472  -0.0362 25  ASP A CA  
165 C C   . ASP A 25  ? 0.3057 0.2829 0.2206 -0.0402 0.0555  -0.0333 25  ASP A C   
166 O O   . ASP A 25  ? 0.3460 0.3083 0.2573 -0.0418 0.0710  -0.0423 25  ASP A O   
167 C CB  . ASP A 25  ? 0.2930 0.3172 0.2005 -0.0534 0.0449  -0.0331 25  ASP A CB  
168 C CG  . ASP A 25  ? 0.3375 0.3914 0.2410 -0.0618 0.0365  -0.0313 25  ASP A CG  
169 O OD1 . ASP A 25  ? 0.3309 0.3863 0.2349 -0.0636 0.0326  -0.0327 25  ASP A OD1 
170 O OD2 . ASP A 25  ? 0.3012 0.3795 0.2018 -0.0664 0.0339  -0.0269 25  ASP A OD2 
171 N N   . ASN A 26  ? 0.3179 0.2937 0.2430 -0.0306 0.0464  -0.0200 26  ASN A N   
172 C CA  . ASN A 26  ? 0.2922 0.2539 0.2254 -0.0210 0.0522  -0.0133 26  ASN A CA  
173 C C   . ASN A 26  ? 0.3061 0.2794 0.2500 -0.0152 0.0410  0.0010  26  ASN A C   
174 O O   . ASN A 26  ? 0.2969 0.2808 0.2405 -0.0185 0.0297  0.0045  26  ASN A O   
175 C CB  . ASN A 26  ? 0.3410 0.2834 0.2717 -0.0192 0.0550  -0.0139 26  ASN A CB  
176 C CG  . ASN A 26  ? 0.3972 0.3215 0.3338 -0.0109 0.0700  -0.0107 26  ASN A CG  
177 O OD1 . ASN A 26  ? 0.3950 0.3241 0.3431 -0.0025 0.0746  -0.0027 26  ASN A OD1 
178 N ND2 . ASN A 26  ? 0.4450 0.3485 0.3755 -0.0128 0.0795  -0.0161 26  ASN A ND2 
179 N N   . TYR A 27  ? 0.3642 0.3356 0.3189 -0.0066 0.0453  0.0101  27  TYR A N   
180 C CA  . TYR A 27  ? 0.2766 0.2634 0.2420 -0.0034 0.0352  0.0237  27  TYR A CA  
181 C C   . TYR A 27  ? 0.2944 0.2784 0.2635 0.0006  0.0300  0.0339  27  TYR A C   
182 O O   . TYR A 27  ? 0.3053 0.2740 0.2714 0.0043  0.0370  0.0328  27  TYR A O   
183 C CB  . TYR A 27  ? 0.2876 0.2869 0.2655 0.0023  0.0432  0.0291  27  TYR A CB  
184 C CG  . TYR A 27  ? 0.3315 0.3208 0.3189 0.0134  0.0593  0.0320  27  TYR A CG  
185 C CD1 . TYR A 27  ? 0.4132 0.3818 0.3927 0.0128  0.0764  0.0182  27  TYR A CD1 
186 C CD2 . TYR A 27  ? 0.3700 0.3711 0.3754 0.0241  0.0591  0.0493  27  TYR A CD2 
187 C CE1 . TYR A 27  ? 0.4859 0.4387 0.4753 0.0240  0.0952  0.0210  27  TYR A CE1 
188 C CE2 . TYR A 27  ? 0.4572 0.4484 0.4754 0.0376  0.0761  0.0556  27  TYR A CE2 
189 C CZ  . TYR A 27  ? 0.5266 0.4902 0.5369 0.0382  0.0954  0.0411  27  TYR A CZ  
190 O OH  . TYR A 27  ? 0.6429 0.5907 0.6668 0.0525  0.1160  0.0475  27  TYR A OH  
191 N N   . VAL A 28  ? 0.3164 0.3165 0.2905 -0.0021 0.0181  0.0440  28  VAL A N   
192 C CA  . VAL A 28  ? 0.3046 0.3068 0.2766 -0.0038 0.0100  0.0519  28  VAL A CA  
193 C C   . VAL A 28  ? 0.3538 0.3550 0.3346 0.0077  0.0181  0.0632  28  VAL A C   
194 O O   . VAL A 28  ? 0.3798 0.3695 0.3531 0.0080  0.0185  0.0644  28  VAL A O   
195 C CB  . VAL A 28  ? 0.2783 0.3015 0.2535 -0.0120 -0.0026 0.0598  28  VAL A CB  
196 C CG1 . VAL A 28  ? 0.3080 0.3449 0.2841 -0.0133 -0.0097 0.0722  28  VAL A CG1 
197 C CG2 . VAL A 28  ? 0.3339 0.3475 0.2967 -0.0235 -0.0086 0.0488  28  VAL A CG2 
198 N N   . TYR A 29  ? 0.3642 0.3764 0.3625 0.0182  0.0263  0.0728  29  TYR A N   
199 C CA  . TYR A 29  ? 0.3695 0.3808 0.3804 0.0320  0.0356  0.0879  29  TYR A CA  
200 C C   . TYR A 29  ? 0.3249 0.3023 0.3282 0.0365  0.0522  0.0776  29  TYR A C   
201 O O   . TYR A 29  ? 0.3922 0.3595 0.3971 0.0433  0.0571  0.0875  29  TYR A O   
202 C CB  . TYR A 29  ? 0.5102 0.5417 0.5452 0.0443  0.0433  0.1017  29  TYR A CB  
203 C CG  . TYR A 29  ? 0.7124 0.7835 0.7592 0.0405  0.0276  0.1178  29  TYR A CG  
204 C CD1 . TYR A 29  ? 0.7535 0.8419 0.7946 0.0327  0.0119  0.1283  29  TYR A CD1 
205 C CD2 . TYR A 29  ? 0.8466 0.9400 0.9087 0.0421  0.0291  0.1216  29  TYR A CD2 
206 C CE1 . TYR A 29  ? 0.8316 0.9596 0.8816 0.0249  -0.0023 0.1413  29  TYR A CE1 
207 C CE2 . TYR A 29  ? 0.8920 1.0242 0.9651 0.0357  0.0150  0.1356  29  TYR A CE2 
208 C CZ  . TYR A 29  ? 0.9076 1.0574 0.9743 0.0262  -0.0009 0.1450  29  TYR A CZ  
209 O OH  . TYR A 29  ? 0.9596 1.1508 1.0354 0.0159  -0.0147 0.1573  29  TYR A OH  
210 N N   . GLY A 30  ? 0.3221 0.2833 0.3158 0.0309  0.0606  0.0581  30  GLY A N   
211 C CA  . GLY A 30  ? 0.3500 0.2808 0.3338 0.0299  0.0761  0.0452  30  GLY A CA  
212 C C   . GLY A 30  ? 0.3642 0.2847 0.3323 0.0213  0.0678  0.0402  30  GLY A C   
213 O O   . GLY A 30  ? 0.3815 0.2795 0.3451 0.0229  0.0790  0.0386  30  GLY A O   
214 N N   . ILE A 31  ? 0.2937 0.2287 0.2536 0.0120  0.0503  0.0379  31  ILE A N   
215 C CA  . ILE A 31  ? 0.2823 0.2092 0.2282 0.0040  0.0436  0.0326  31  ILE A CA  
216 C C   . ILE A 31  ? 0.3407 0.2687 0.2881 0.0087  0.0408  0.0486  31  ILE A C   
217 O O   . ILE A 31  ? 0.3757 0.2875 0.3143 0.0071  0.0458  0.0471  31  ILE A O   
218 C CB  . ILE A 31  ? 0.3287 0.2684 0.2679 -0.0056 0.0291  0.0267  31  ILE A CB  
219 C CG1 . ILE A 31  ? 0.2802 0.2217 0.2179 -0.0098 0.0316  0.0142  31  ILE A CG1 
220 C CG2 . ILE A 31  ? 0.3828 0.3154 0.3094 -0.0124 0.0239  0.0224  31  ILE A CG2 
221 C CD1 . ILE A 31  ? 0.3533 0.3066 0.2894 -0.0157 0.0197  0.0131  31  ILE A CD1 
222 N N   . ILE A 32  ? 0.2911 0.2420 0.2493 0.0132  0.0323  0.0653  32  ILE A N   
223 C CA  . ILE A 32  ? 0.3099 0.2705 0.2704 0.0176  0.0285  0.0846  32  ILE A CA  
224 C C   . ILE A 32  ? 0.3861 0.3257 0.3536 0.0302  0.0459  0.0934  32  ILE A C   
225 O O   . ILE A 32  ? 0.4421 0.3719 0.4016 0.0297  0.0476  0.0997  32  ILE A O   
226 C CB  . ILE A 32  ? 0.3253 0.3210 0.3002 0.0204  0.0178  0.1028  32  ILE A CB  
227 C CG1 . ILE A 32  ? 0.3480 0.3591 0.3125 0.0043  0.0021  0.0930  32  ILE A CG1 
228 C CG2 . ILE A 32  ? 0.3585 0.3717 0.3388 0.0262  0.0142  0.1273  32  ILE A CG2 
229 C CD1 . ILE A 32  ? 0.3753 0.4225 0.3531 0.0025  -0.0082 0.1074  32  ILE A CD1 
230 N N   . LYS A 33  ? 0.3986 0.3285 0.3808 0.0412  0.0613  0.0934  33  LYS A N   
231 C CA  . LYS A 33  ? 0.4559 0.3599 0.4466 0.0541  0.0826  0.1012  33  LYS A CA  
232 C C   . LYS A 33  ? 0.4375 0.3080 0.4098 0.0449  0.0921  0.0845  33  LYS A C   
233 O O   . LYS A 33  ? 0.4454 0.2985 0.4173 0.0501  0.1014  0.0955  33  LYS A O   
234 C CB  . LYS A 33  ? 0.4572 0.3529 0.4639 0.0644  0.1004  0.0977  33  LYS A CB  
235 C CG  . LYS A 33  ? 0.5703 0.4312 0.5862 0.0775  0.1280  0.1026  33  LYS A CG  
236 C CD  . LYS A 33  ? 0.6823 0.5374 0.7149 0.0880  0.1473  0.0990  33  LYS A CD  
237 C CE  . LYS A 33  ? 0.8133 0.6288 0.8571 0.1023  0.1791  0.1042  33  LYS A CE  
238 N NZ  . LYS A 33  ? 0.8425 0.6171 0.8636 0.0877  0.1922  0.0811  33  LYS A NZ  
239 N N   . GLN A 34  ? 0.4038 0.2679 0.3619 0.0308  0.0900  0.0596  34  GLN A N   
240 C CA  . GLN A 34  ? 0.4260 0.2651 0.3681 0.0196  0.0983  0.0424  34  GLN A CA  
241 C C   . GLN A 34  ? 0.4505 0.2927 0.3811 0.0139  0.0875  0.0485  34  GLN A C   
242 O O   . GLN A 34  ? 0.4826 0.3021 0.4059 0.0111  0.0984  0.0471  34  GLN A O   
243 C CB  . GLN A 34  ? 0.4228 0.2667 0.3545 0.0059  0.0946  0.0186  34  GLN A CB  
244 C CG  . GLN A 34  ? 0.6409 0.4797 0.5780 0.0071  0.1080  0.0086  34  GLN A CG  
245 C CD  . GLN A 34  ? 0.8408 0.6755 0.7637 -0.0094 0.1125  -0.0156 34  GLN A CD  
246 O OE1 . GLN A 34  ? 0.9005 0.7312 0.8119 -0.0202 0.1098  -0.0242 34  GLN A OE1 
247 N NE2 . GLN A 34  ? 0.9066 0.7461 0.8301 -0.0123 0.1196  -0.0259 34  GLN A NE2 
248 N N   . VAL A 35  ? 0.3975 0.2664 0.3252 0.0103  0.0677  0.0539  35  VAL A N   
249 C CA  . VAL A 35  ? 0.4013 0.2743 0.3158 0.0032  0.0585  0.0578  35  VAL A CA  
250 C C   . VAL A 35  ? 0.4386 0.3121 0.3578 0.0126  0.0618  0.0827  35  VAL A C   
251 O O   . VAL A 35  ? 0.4310 0.2942 0.3390 0.0084  0.0645  0.0861  35  VAL A O   
252 C CB  . VAL A 35  ? 0.3983 0.2961 0.3067 -0.0053 0.0398  0.0543  35  VAL A CB  
253 C CG1 . VAL A 35  ? 0.4238 0.3267 0.3172 -0.0136 0.0324  0.0583  35  VAL A CG1 
254 C CG2 . VAL A 35  ? 0.4264 0.3219 0.3312 -0.0128 0.0384  0.0329  35  VAL A CG2 
255 N N   . LYS A 36  ? 0.4070 0.2953 0.3441 0.0259  0.0618  0.1025  36  LYS A N   
256 C CA  . LYS A 36  ? 0.4116 0.3039 0.3573 0.0378  0.0660  0.1311  36  LYS A CA  
257 C C   . LYS A 36  ? 0.4622 0.3149 0.4081 0.0438  0.0887  0.1315  36  LYS A C   
258 O O   . LYS A 36  ? 0.5457 0.3919 0.4848 0.0443  0.0913  0.1459  36  LYS A O   
259 C CB  . LYS A 36  ? 0.4116 0.3287 0.3820 0.0535  0.0650  0.1533  36  LYS A CB  
260 C CG  . LYS A 36  ? 0.7372 0.6686 0.7198 0.0674  0.0667  0.1890  36  LYS A CG  
261 C CD  . LYS A 36  ? 0.7722 0.7320 0.7847 0.0857  0.0679  0.2144  36  LYS A CD  
262 C CE  . LYS A 36  ? 0.8807 0.8569 0.9089 0.0999  0.0708  0.2467  36  LYS A CE  
263 N NZ  . LYS A 36  ? 0.8914 0.9000 0.9541 0.1171  0.0735  0.2660  36  LYS A NZ  
264 N N   . GLU A 37  ? 0.4354 0.2606 0.3871 0.0464  0.1066  0.1152  37  GLU A N   
265 C CA  . GLU A 37  ? 0.4962 0.2791 0.4468 0.0487  0.1316  0.1116  37  GLU A CA  
266 C C   . GLU A 37  ? 0.5316 0.2997 0.4598 0.0311  0.1305  0.0955  37  GLU A C   
267 O O   . GLU A 37  ? 0.5886 0.3349 0.5127 0.0321  0.1422  0.1056  37  GLU A O   
268 C CB  . GLU A 37  ? 0.6196 0.3785 0.5766 0.0496  0.1508  0.0920  37  GLU A CB  
269 C CG  . GLU A 37  ? 0.7334 0.4998 0.7147 0.0687  0.1591  0.1072  37  GLU A CG  
270 C CD  . GLU A 37  ? 0.9374 0.6756 0.9204 0.0666  0.1820  0.0844  37  GLU A CD  
271 O OE1 . GLU A 37  ? 1.0188 0.7446 0.9826 0.0472  0.1837  0.0558  37  GLU A OE1 
272 O OE2 . GLU A 37  ? 1.0184 0.7493 1.0220 0.0836  0.1990  0.0953  37  GLU A OE2 
273 N N   . ALA A 38  ? 0.5016 0.2817 0.4167 0.0154  0.1183  0.0713  38  ALA A N   
274 C CA  . ALA A 38  ? 0.5146 0.2846 0.4117 -0.0008 0.1185  0.0553  38  ALA A CA  
275 C C   . ALA A 38  ? 0.5261 0.3069 0.4136 -0.0026 0.1087  0.0712  38  ALA A C   
276 O O   . ALA A 38  ? 0.5863 0.3522 0.4615 -0.0124 0.1153  0.0654  38  ALA A O   
277 C CB  . ALA A 38  ? 0.4765 0.2635 0.3661 -0.0139 0.1067  0.0313  38  ALA A CB  
278 N N   . SER A 39  ? 0.4848 0.2940 0.3764 0.0044  0.0931  0.0906  39  SER A N   
279 C CA  . SER A 39  ? 0.5127 0.3373 0.3925 0.0006  0.0832  0.1062  39  SER A CA  
280 C C   . SER A 39  ? 0.5370 0.3573 0.4259 0.0145  0.0916  0.1384  39  SER A C   
281 O O   . SER A 39  ? 0.5559 0.3972 0.4362 0.0125  0.0815  0.1574  39  SER A O   
282 C CB  . SER A 39  ? 0.5385 0.4002 0.4138 -0.0047 0.0611  0.1075  39  SER A CB  
283 O OG  . SER A 39  ? 0.5023 0.3848 0.3947 0.0080  0.0558  0.1281  39  SER A OG  
284 N N   . ASN A 40  ? 0.5181 0.3126 0.4240 0.0287  0.1108  0.1459  40  ASN A N   
285 C CA  . ASN A 40  ? 0.5081 0.2973 0.4288 0.0461  0.1217  0.1793  40  ASN A CA  
286 C C   . ASN A 40  ? 0.6091 0.4472 0.5407 0.0549  0.1016  0.2064  40  ASN A C   
287 O O   . ASN A 40  ? 0.5449 0.4017 0.4813 0.0602  0.0966  0.2291  40  ASN A O   
288 C CB  . ASN A 40  ? 0.5422 0.3150 0.4515 0.0395  0.1284  0.1827  40  ASN A CB  
289 C CG  . ASN A 40  ? 0.6119 0.3445 0.5102 0.0268  0.1458  0.1542  40  ASN A CG  
290 O OD1 . ASN A 40  ? 0.6755 0.4019 0.5544 0.0118  0.1449  0.1458  40  ASN A OD1 
291 N ND2 . ASN A 40  ? 0.6695 0.3781 0.5792 0.0305  0.1617  0.1374  40  ASN A ND2 
292 N N   . GLY A 41  ? 0.4849 0.3486 0.4206 0.0538  0.0883  0.2007  41  GLY A N   
293 C CA  . GLY A 41  ? 0.5539 0.4670 0.5004 0.0590  0.0698  0.2243  41  GLY A CA  
294 C C   . GLY A 41  ? 0.5985 0.5467 0.5216 0.0398  0.0466  0.2227  41  GLY A C   
295 O O   . GLY A 41  ? 0.6465 0.6389 0.5752 0.0380  0.0293  0.2356  41  GLY A O   
296 N N   . GLU A 42  ? 0.5710 0.5021 0.4690 0.0235  0.0463  0.2033  42  GLU A N   
297 C CA  . GLU A 42  ? 0.6222 0.5826 0.4962 0.0045  0.0283  0.2004  42  GLU A CA  
298 C C   . GLU A 42  ? 0.6298 0.6054 0.4964 -0.0096 0.0146  0.1749  42  GLU A C   
299 O O   . GLU A 42  ? 0.6557 0.6581 0.5039 -0.0261 0.0003  0.1722  42  GLU A O   
300 C CB  . GLU A 42  ? 0.6223 0.5587 0.4737 -0.0069 0.0358  0.1894  42  GLU A CB  
301 C CG  . GLU A 42  ? 0.7022 0.6260 0.5581 0.0046  0.0486  0.2184  42  GLU A CG  
302 C CD  . GLU A 42  ? 0.7910 0.7549 0.6600 0.0128  0.0358  0.2454  42  GLU A CD  
303 O OE1 . GLU A 42  ? 0.7396 0.7404 0.5926 -0.0011 0.0186  0.2472  42  GLU A OE1 
304 O OE2 . GLU A 42  ? 0.8531 0.8135 0.7502 0.0326  0.0443  0.2620  42  GLU A OE2 
305 N N   . MET A 43  ? 0.5422 0.5006 0.4210 -0.0050 0.0198  0.1560  43  MET A N   
306 C CA  . MET A 43  ? 0.4746 0.4447 0.3483 -0.0167 0.0086  0.1346  43  MET A CA  
307 C C   . MET A 43  ? 0.4919 0.4743 0.3891 -0.0051 0.0072  0.1412  43  MET A C   
308 O O   . MET A 43  ? 0.4848 0.4439 0.3944 0.0043  0.0190  0.1313  43  MET A O   
309 C CB  . MET A 43  ? 0.4744 0.4155 0.3379 -0.0246 0.0153  0.1040  43  MET A CB  
310 C CG  . MET A 43  ? 0.4690 0.4204 0.3271 -0.0358 0.0052  0.0853  43  MET A CG  
311 S SD  . MET A 43  ? 0.5393 0.4644 0.3868 -0.0438 0.0128  0.0558  43  MET A SD  
312 C CE  . MET A 43  ? 0.5738 0.5002 0.3967 -0.0569 0.0126  0.0559  43  MET A CE  
313 N N   . GLU A 44  ? 0.4999 0.5212 0.4020 -0.0078 -0.0067 0.1572  44  GLU A N   
314 C CA  . GLU A 44  ? 0.4196 0.4597 0.3443 0.0009  -0.0095 0.1642  44  GLU A CA  
315 C C   . GLU A 44  ? 0.4333 0.4865 0.3472 -0.0172 -0.0222 0.1446  44  GLU A C   
316 O O   . GLU A 44  ? 0.4643 0.5492 0.3679 -0.0322 -0.0361 0.1500  44  GLU A O   
317 C CB  . GLU A 44  ? 0.5491 0.6280 0.4918 0.0117  -0.0147 0.2000  44  GLU A CB  
318 C CG  . GLU A 44  ? 0.7191 0.7800 0.6752 0.0323  0.0012  0.2221  44  GLU A CG  
319 C CD  . GLU A 44  ? 0.9078 1.0087 0.8866 0.0437  -0.0033 0.2527  44  GLU A CD  
320 O OE1 . GLU A 44  ? 0.9530 1.0990 0.9398 0.0360  -0.0185 0.2579  44  GLU A OE1 
321 O OE2 . GLU A 44  ? 0.9828 1.0703 0.9739 0.0589  0.0095  0.2676  44  GLU A OE2 
322 N N   . LEU A 45  ? 0.3973 0.4259 0.3123 -0.0176 -0.0163 0.1218  45  LEU A N   
323 C CA  . LEU A 45  ? 0.3733 0.4075 0.2792 -0.0331 -0.0251 0.1040  45  LEU A CA  
324 C C   . LEU A 45  ? 0.4542 0.5193 0.3772 -0.0320 -0.0327 0.1154  45  LEU A C   
325 O O   . LEU A 45  ? 0.4007 0.4741 0.3458 -0.0157 -0.0274 0.1308  45  LEU A O   
326 C CB  . LEU A 45  ? 0.3548 0.3569 0.2581 -0.0325 -0.0167 0.0802  45  LEU A CB  
327 C CG  . LEU A 45  ? 0.3973 0.3725 0.2867 -0.0341 -0.0085 0.0679  45  LEU A CG  
328 C CD1 . LEU A 45  ? 0.3902 0.3437 0.2815 -0.0327 -0.0014 0.0484  45  LEU A CD1 
329 C CD2 . LEU A 45  ? 0.5144 0.4945 0.3826 -0.0499 -0.0149 0.0621  45  LEU A CD2 
330 N N   . ASN A 46  ? 0.4981 0.5788 0.4109 -0.0505 -0.0433 0.1069  46  ASN A N   
331 C CA  . ASN A 46  ? 0.4529 0.5651 0.3785 -0.0554 -0.0517 0.1149  46  ASN A CA  
332 C C   . ASN A 46  ? 0.3398 0.4330 0.2716 -0.0550 -0.0469 0.0983  46  ASN A C   
333 O O   . ASN A 46  ? 0.3743 0.4389 0.2922 -0.0619 -0.0431 0.0781  46  ASN A O   
334 C CB  . ASN A 46  ? 0.5880 0.7276 0.4956 -0.0805 -0.0647 0.1136  46  ASN A CB  
335 C CG  . ASN A 46  ? 0.6995 0.8796 0.6206 -0.0887 -0.0745 0.1249  46  ASN A CG  
336 O OD1 . ASN A 46  ? 0.7277 0.9016 0.6490 -0.0988 -0.0747 0.1111  46  ASN A OD1 
337 N ND2 . ASN A 46  ? 0.7420 0.9666 0.6762 -0.0844 -0.0823 0.1520  46  ASN A ND2 
338 N N   . GLU A 47  ? 0.3094 0.4207 0.2631 -0.0460 -0.0464 0.1089  47  GLU A N   
339 C CA  . GLU A 47  ? 0.3681 0.4686 0.3277 -0.0471 -0.0431 0.0969  47  GLU A CA  
340 C C   . GLU A 47  ? 0.3368 0.4268 0.2786 -0.0680 -0.0479 0.0794  47  GLU A C   
341 O O   . GLU A 47  ? 0.3286 0.3899 0.2652 -0.0676 -0.0417 0.0642  47  GLU A O   
342 C CB  . GLU A 47  ? 0.4871 0.6217 0.4702 -0.0417 -0.0454 0.1133  47  GLU A CB  
343 C CG  . GLU A 47  ? 0.5072 0.6312 0.5039 -0.0312 -0.0360 0.1086  47  GLU A CG  
344 C CD  . GLU A 47  ? 0.4653 0.6254 0.4818 -0.0328 -0.0400 0.1211  47  GLU A CD  
345 O OE1 . GLU A 47  ? 0.5773 0.7734 0.5978 -0.0430 -0.0509 0.1340  47  GLU A OE1 
346 O OE2 . GLU A 47  ? 0.5542 0.7095 0.5814 -0.0257 -0.0320 0.1180  47  GLU A OE2 
347 N N   . ALA A 48  ? 0.2991 0.4131 0.2318 -0.0870 -0.0579 0.0822  48  ALA A N   
348 C CA  . ALA A 48  ? 0.3833 0.4839 0.2990 -0.1089 -0.0592 0.0646  48  ALA A CA  
349 C C   . ALA A 48  ? 0.4566 0.5193 0.3527 -0.1113 -0.0519 0.0465  48  ALA A C   
350 O O   . ALA A 48  ? 0.4369 0.4731 0.3267 -0.1180 -0.0459 0.0312  48  ALA A O   
351 C CB  . ALA A 48  ? 0.3997 0.5358 0.3065 -0.1328 -0.0703 0.0692  48  ALA A CB  
352 N N   . THR A 49  ? 0.4452 0.5052 0.3332 -0.1055 -0.0513 0.0495  49  THR A N   
353 C CA  . THR A 49  ? 0.4324 0.4589 0.3051 -0.1057 -0.0431 0.0332  49  THR A CA  
354 C C   . THR A 49  ? 0.4175 0.4170 0.3009 -0.0903 -0.0339 0.0258  49  THR A C   
355 O O   . THR A 49  ? 0.4124 0.3869 0.2889 -0.0937 -0.0271 0.0113  49  THR A O   
356 C CB  . THR A 49  ? 0.4797 0.5107 0.3443 -0.1007 -0.0435 0.0406  49  THR A CB  
357 O OG1 . THR A 49  ? 0.4402 0.5010 0.2921 -0.1177 -0.0531 0.0484  49  THR A OG1 
358 C CG2 . THR A 49  ? 0.5542 0.5536 0.4050 -0.1007 -0.0342 0.0242  49  THR A CG2 
359 N N   . LEU A 50  ? 0.3306 0.3362 0.2312 -0.0734 -0.0324 0.0362  50  LEU A N   
360 C CA  . LEU A 50  ? 0.3152 0.3017 0.2239 -0.0619 -0.0246 0.0294  50  LEU A CA  
361 C C   . LEU A 50  ? 0.3241 0.3060 0.2369 -0.0674 -0.0244 0.0244  50  LEU A C   
362 O O   . LEU A 50  ? 0.3436 0.3070 0.2561 -0.0643 -0.0185 0.0160  50  LEU A O   
363 C CB  . LEU A 50  ? 0.3399 0.3337 0.2634 -0.0464 -0.0211 0.0392  50  LEU A CB  
364 C CG  . LEU A 50  ? 0.4334 0.4142 0.3539 -0.0372 -0.0140 0.0384  50  LEU A CG  
365 C CD1 . LEU A 50  ? 0.4525 0.4399 0.3635 -0.0415 -0.0178 0.0457  50  LEU A CD1 
366 C CD2 . LEU A 50  ? 0.4366 0.4191 0.3712 -0.0238 -0.0065 0.0450  50  LEU A CD2 
367 N N   A TYR A 51  ? 0.3201 0.3210 0.2385 -0.0755 -0.0302 0.0312  51  TYR A N   
368 N N   B TYR A 51  ? 0.3210 0.3216 0.2389 -0.0759 -0.0302 0.0309  51  TYR A N   
369 C CA  A TYR A 51  ? 0.3176 0.3116 0.2392 -0.0821 -0.0285 0.0273  51  TYR A CA  
370 C CA  B TYR A 51  ? 0.3184 0.3113 0.2402 -0.0815 -0.0282 0.0271  51  TYR A CA  
371 C C   A TYR A 51  ? 0.3227 0.2908 0.2304 -0.0934 -0.0235 0.0136  51  TYR A C   
372 C C   B TYR A 51  ? 0.3290 0.2985 0.2369 -0.0951 -0.0240 0.0139  51  TYR A C   
373 O O   A TYR A 51  ? 0.3358 0.2843 0.2469 -0.0899 -0.0166 0.0093  51  TYR A O   
374 O O   B TYR A 51  ? 0.3758 0.3276 0.2870 -0.0946 -0.0179 0.0101  51  TYR A O   
375 C CB  A TYR A 51  ? 0.3088 0.3295 0.2374 -0.0926 -0.0354 0.0361  51  TYR A CB  
376 C CB  B TYR A 51  ? 0.3159 0.3358 0.2482 -0.0878 -0.0342 0.0374  51  TYR A CB  
377 C CG  A TYR A 51  ? 0.3152 0.3607 0.2617 -0.0791 -0.0372 0.0503  51  TYR A CG  
378 C CG  B TYR A 51  ? 0.2949 0.3293 0.2446 -0.0716 -0.0324 0.0478  51  TYR A CG  
379 C CD1 A TYR A 51  ? 0.3253 0.3623 0.2810 -0.0633 -0.0302 0.0508  51  TYR A CD1 
380 C CD1 B TYR A 51  ? 0.2952 0.3164 0.2498 -0.0618 -0.0258 0.0448  51  TYR A CD1 
381 C CD2 A TYR A 51  ? 0.3004 0.3800 0.2550 -0.0828 -0.0444 0.0635  51  TYR A CD2 
382 C CD2 B TYR A 51  ? 0.3086 0.3713 0.2701 -0.0659 -0.0360 0.0613  51  TYR A CD2 
383 C CE1 A TYR A 51  ? 0.3131 0.3689 0.2844 -0.0513 -0.0280 0.0615  51  TYR A CE1 
384 C CE1 B TYR A 51  ? 0.2847 0.3176 0.2516 -0.0498 -0.0219 0.0512  51  TYR A CE1 
385 C CE2 A TYR A 51  ? 0.3504 0.4513 0.3247 -0.0679 -0.0428 0.0774  51  TYR A CE2 
386 C CE2 B TYR A 51  ? 0.3185 0.3902 0.2959 -0.0507 -0.0304 0.0689  51  TYR A CE2 
387 C CZ  A TYR A 51  ? 0.3493 0.4350 0.3310 -0.0521 -0.0333 0.0749  51  TYR A CZ  
388 C CZ  B TYR A 51  ? 0.3154 0.3709 0.2936 -0.0441 -0.0230 0.0619  51  TYR A CZ  
389 O OH  A TYR A 51  ? 0.4360 0.5390 0.4364 -0.0379 -0.0281 0.0864  51  TYR A OH  
390 O OH  B TYR A 51  ? 0.3553 0.4183 0.3457 -0.0318 -0.0154 0.0664  51  TYR A OH  
391 N N   . THR A 52  ? 0.3062 0.2743 0.1982 -0.1067 -0.0254 0.0075  52  THR A N   
392 C CA  . THR A 52  ? 0.3977 0.3384 0.2752 -0.1184 -0.0171 -0.0079 52  THR A CA  
393 C C   . THR A 52  ? 0.4138 0.3307 0.2945 -0.1031 -0.0078 -0.0133 52  THR A C   
394 O O   . THR A 52  ? 0.4174 0.3106 0.3005 -0.1019 0.0019  -0.0195 52  THR A O   
395 C CB  . THR A 52  ? 0.3799 0.3284 0.2373 -0.1357 -0.0204 -0.0141 52  THR A CB  
396 O OG1 . THR A 52  ? 0.4073 0.3833 0.2621 -0.1533 -0.0296 -0.0089 52  THR A OG1 
397 C CG2 . THR A 52  ? 0.4504 0.3663 0.2914 -0.1470 -0.0079 -0.0330 52  THR A CG2 
398 N N   . ILE A 53  ? 0.3272 0.2513 0.2089 -0.0914 -0.0097 -0.0097 53  ILE A N   
399 C CA  . ILE A 53  ? 0.3360 0.2445 0.2210 -0.0791 -0.0018 -0.0146 53  ILE A CA  
400 C C   . ILE A 53  ? 0.3654 0.2732 0.2669 -0.0666 0.0005  -0.0089 53  ILE A C   
401 O O   . ILE A 53  ? 0.3699 0.2638 0.2766 -0.0606 0.0083  -0.0119 53  ILE A O   
402 C CB  . ILE A 53  ? 0.3200 0.2374 0.2016 -0.0726 -0.0040 -0.0120 53  ILE A CB  
403 C CG1 . ILE A 53  ? 0.3996 0.3175 0.2626 -0.0860 -0.0053 -0.0169 53  ILE A CG1 
404 C CG2 . ILE A 53  ? 0.4083 0.3165 0.2962 -0.0609 0.0030  -0.0158 53  ILE A CG2 
405 C CD1 . ILE A 53  ? 0.3980 0.3240 0.2567 -0.0810 -0.0070 -0.0116 53  ILE A CD1 
406 N N   . PHE A 54  ? 0.3536 0.2789 0.2643 -0.0623 -0.0055 0.0007  54  PHE A N   
407 C CA  . PHE A 54  ? 0.3557 0.2843 0.2790 -0.0521 -0.0035 0.0062  54  PHE A CA  
408 C C   . PHE A 54  ? 0.3690 0.2865 0.2971 -0.0555 0.0003  0.0080  54  PHE A C   
409 O O   . PHE A 54  ? 0.3329 0.2483 0.2699 -0.0467 0.0044  0.0126  54  PHE A O   
410 C CB  . PHE A 54  ? 0.3807 0.3295 0.3110 -0.0475 -0.0082 0.0142  54  PHE A CB  
411 C CG  . PHE A 54  ? 0.3370 0.2908 0.2661 -0.0405 -0.0070 0.0130  54  PHE A CG  
412 C CD1 . PHE A 54  ? 0.4117 0.3550 0.3344 -0.0389 -0.0033 0.0059  54  PHE A CD1 
413 C CD2 . PHE A 54  ? 0.3388 0.3053 0.2738 -0.0357 -0.0073 0.0188  54  PHE A CD2 
414 C CE1 . PHE A 54  ? 0.3583 0.3030 0.2789 -0.0346 -0.0005 0.0044  54  PHE A CE1 
415 C CE2 . PHE A 54  ? 0.3850 0.3496 0.3184 -0.0298 -0.0027 0.0169  54  PHE A CE2 
416 C CZ  . PHE A 54  ? 0.3362 0.2894 0.2620 -0.0302 0.0003  0.0096  54  PHE A CZ  
417 N N   . LYS A 55  ? 0.3397 0.2505 0.2618 -0.0692 -0.0002 0.0054  55  LYS A N   
418 C CA  . LYS A 55  ? 0.3654 0.2576 0.2908 -0.0740 0.0071  0.0057  55  LYS A CA  
419 C C   . LYS A 55  ? 0.4341 0.3017 0.3607 -0.0672 0.0187  0.0006  55  LYS A C   
420 O O   . LYS A 55  ? 0.3788 0.2375 0.3171 -0.0581 0.0255  0.0083  55  LYS A O   
421 C CB  . LYS A 55  ? 0.3812 0.2686 0.2967 -0.0945 0.0064  -0.0002 55  LYS A CB  
422 C CG  . LYS A 55  ? 0.4024 0.2627 0.3198 -0.1018 0.0175  -0.0018 55  LYS A CG  
423 C CD  . LYS A 55  ? 0.4696 0.3271 0.3755 -0.1267 0.0172  -0.0097 55  LYS A CD  
424 C CE  . LYS A 55  ? 0.5616 0.3853 0.4693 -0.1346 0.0319  -0.0122 55  LYS A CE  
425 N NZ  . LYS A 55  ? 0.6244 0.4124 0.5298 -0.1273 0.0478  -0.0208 55  LYS A NZ  
426 N N   . ARG A 56  ? 0.3928 0.2514 0.3084 -0.0706 0.0219  -0.0106 56  ARG A N   
427 C CA  . ARG A 56  ? 0.4041 0.2411 0.3225 -0.0632 0.0348  -0.0159 56  ARG A CA  
428 C C   . ARG A 56  ? 0.3600 0.2118 0.2939 -0.0443 0.0342  -0.0060 56  ARG A C   
429 O O   . ARG A 56  ? 0.4372 0.2796 0.3843 -0.0337 0.0436  0.0002  56  ARG A O   
430 C CB  . ARG A 56  ? 0.4284 0.2567 0.3304 -0.0721 0.0384  -0.0304 56  ARG A CB  
431 C CG  . ARG A 56  ? 0.5688 0.3794 0.4759 -0.0624 0.0527  -0.0358 56  ARG A CG  
432 C CD  . ARG A 56  ? 0.7441 0.5193 0.6499 -0.0685 0.0704  -0.0439 56  ARG A CD  
433 N NE  . ARG A 56  ? 1.0190 0.7812 0.9009 -0.0925 0.0723  -0.0601 56  ARG A NE  
434 C CZ  . ARG A 56  ? 1.1681 0.9189 1.0329 -0.1024 0.0806  -0.0760 56  ARG A CZ  
435 N NH1 . ARG A 56  ? 1.2104 0.9595 1.0817 -0.0886 0.0882  -0.0775 56  ARG A NH1 
436 N NH2 . ARG A 56  ? 1.2046 0.9497 1.0457 -0.1272 0.0811  -0.0900 56  ARG A NH2 
437 N N   . LEU A 57  ? 0.3409 0.2170 0.2737 -0.0407 0.0241  -0.0037 57  LEU A N   
438 C CA  . LEU A 57  ? 0.3459 0.2393 0.2903 -0.0276 0.0235  0.0031  57  LEU A CA  
439 C C   . LEU A 57  ? 0.3168 0.2217 0.2748 -0.0203 0.0222  0.0173  57  LEU A C   
440 O O   . LEU A 57  ? 0.3353 0.2496 0.3060 -0.0095 0.0258  0.0259  57  LEU A O   
441 C CB  . LEU A 57  ? 0.3347 0.2466 0.2729 -0.0285 0.0157  0.0004  57  LEU A CB  
442 C CG  . LEU A 57  ? 0.3439 0.2485 0.2698 -0.0337 0.0171  -0.0101 57  LEU A CG  
443 C CD1 . LEU A 57  ? 0.4528 0.3717 0.3747 -0.0335 0.0118  -0.0100 57  LEU A CD1 
444 C CD2 . LEU A 57  ? 0.4517 0.3495 0.3819 -0.0284 0.0262  -0.0144 57  LEU A CD2 
445 N N   . GLU A 58  ? 0.3354 0.2430 0.2915 -0.0262 0.0172  0.0216  58  GLU A N   
446 C CA  . GLU A 58  ? 0.3415 0.2593 0.3085 -0.0210 0.0168  0.0358  58  GLU A CA  
447 C C   . GLU A 58  ? 0.3949 0.2907 0.3718 -0.0162 0.0277  0.0429  58  GLU A C   
448 O O   . GLU A 58  ? 0.3513 0.2577 0.3415 -0.0050 0.0302  0.0578  58  GLU A O   
449 C CB  . GLU A 58  ? 0.4057 0.3305 0.3688 -0.0295 0.0107  0.0380  58  GLU A CB  
450 C CG  . GLU A 58  ? 0.5293 0.4803 0.4908 -0.0283 0.0035  0.0393  58  GLU A CG  
451 C CD  . GLU A 58  ? 0.5877 0.5478 0.5505 -0.0339 0.0003  0.0451  58  GLU A CD  
452 O OE1 . GLU A 58  ? 0.6067 0.5602 0.5660 -0.0429 -0.0014 0.0414  58  GLU A OE1 
453 O OE2 . GLU A 58  ? 0.5696 0.5468 0.5370 -0.0305 -0.0004 0.0540  58  GLU A OE2 
454 N N   . LYS A 59  ? 0.3410 0.2065 0.3109 -0.0253 0.0355  0.0332  59  LYS A N   
455 C CA  . LYS A 59  ? 0.4216 0.2574 0.4002 -0.0212 0.0507  0.0375  59  LYS A CA  
456 C C   . LYS A 59  ? 0.4701 0.3092 0.4633 -0.0038 0.0584  0.0443  59  LYS A C   
457 O O   . LYS A 59  ? 0.5185 0.3526 0.5292 0.0089  0.0675  0.0605  59  LYS A O   
458 C CB  . LYS A 59  ? 0.5062 0.3083 0.4704 -0.0373 0.0598  0.0197  59  LYS A CB  
459 C CG  . LYS A 59  ? 0.6952 0.4592 0.6670 -0.0324 0.0810  0.0185  59  LYS A CG  
460 C CD  . LYS A 59  ? 0.7845 0.5139 0.7377 -0.0536 0.0919  -0.0022 59  LYS A CD  
461 C CE  . LYS A 59  ? 0.8432 0.5756 0.7801 -0.0611 0.0899  -0.0204 59  LYS A CE  
462 N NZ  . LYS A 59  ? 0.8819 0.6084 0.8302 -0.0434 0.1014  -0.0197 59  LYS A NZ  
463 N N   . ASP A 60  ? 0.4065 0.2572 0.3946 -0.0026 0.0551  0.0342  60  ASP A N   
464 C CA  . ASP A 60  ? 0.4526 0.3106 0.4547 0.0118  0.0624  0.0386  60  ASP A CA  
465 C C   . ASP A 60  ? 0.4670 0.3670 0.4823 0.0227  0.0528  0.0548  60  ASP A C   
466 O O   . ASP A 60  ? 0.4667 0.3824 0.4963 0.0344  0.0570  0.0615  60  ASP A O   
467 C CB  . ASP A 60  ? 0.4186 0.2710 0.4078 0.0054  0.0639  0.0200  60  ASP A CB  
468 C CG  . ASP A 60  ? 0.5664 0.3785 0.5450 -0.0035 0.0786  0.0047  60  ASP A CG  
469 O OD1 . ASP A 60  ? 0.6305 0.4161 0.6148 -0.0031 0.0903  0.0086  60  ASP A OD1 
470 O OD2 . ASP A 60  ? 0.6208 0.4273 0.5841 -0.0125 0.0796  -0.0113 60  ASP A OD2 
471 N N   . GLY A 61  ? 0.3938 0.3146 0.4042 0.0178  0.0407  0.0609  61  GLY A N   
472 C CA  . GLY A 61  ? 0.3494 0.3119 0.3677 0.0234  0.0318  0.0739  61  GLY A CA  
473 C C   . GLY A 61  ? 0.4061 0.3920 0.4166 0.0188  0.0248  0.0627  61  GLY A C   
474 O O   . GLY A 61  ? 0.3137 0.3360 0.3310 0.0217  0.0196  0.0715  61  GLY A O   
475 N N   . ILE A 62  ? 0.3324 0.2998 0.3282 0.0101  0.0250  0.0443  62  ILE A N   
476 C CA  . ILE A 62  ? 0.3271 0.3101 0.3152 0.0051  0.0208  0.0335  62  ILE A CA  
477 C C   . ILE A 62  ? 0.3258 0.3242 0.3029 -0.0032 0.0124  0.0302  62  ILE A C   
478 O O   . ILE A 62  ? 0.3167 0.3372 0.2908 -0.0071 0.0097  0.0264  62  ILE A O   
479 C CB  . ILE A 62  ? 0.3275 0.2843 0.3043 -0.0001 0.0258  0.0180  62  ILE A CB  
480 C CG1 . ILE A 62  ? 0.4080 0.3473 0.3949 0.0075  0.0377  0.0187  62  ILE A CG1 
481 C CG2 . ILE A 62  ? 0.2698 0.2395 0.2386 -0.0055 0.0230  0.0083  62  ILE A CG2 
482 C CD1 . ILE A 62  ? 0.4276 0.3927 0.4345 0.0196  0.0413  0.0302  62  ILE A CD1 
483 N N   . ILE A 63  ? 0.2975 0.2839 0.2684 -0.0073 0.0099  0.0307  63  ILE A N   
484 C CA  . ILE A 63  ? 0.2552 0.2542 0.2184 -0.0132 0.0048  0.0286  63  ILE A CA  
485 C C   . ILE A 63  ? 0.3080 0.3119 0.2759 -0.0123 0.0029  0.0406  63  ILE A C   
486 O O   . ILE A 63  ? 0.2752 0.2656 0.2505 -0.0085 0.0059  0.0488  63  ILE A O   
487 C CB  . ILE A 63  ? 0.2691 0.2523 0.2212 -0.0192 0.0042  0.0177  63  ILE A CB  
488 C CG1 . ILE A 63  ? 0.2925 0.2559 0.2434 -0.0218 0.0039  0.0189  63  ILE A CG1 
489 C CG2 . ILE A 63  ? 0.3224 0.2990 0.2688 -0.0207 0.0070  0.0075  63  ILE A CG2 
490 C CD1 . ILE A 63  ? 0.3202 0.2758 0.2620 -0.0272 0.0019  0.0122  63  ILE A CD1 
491 N N   . SER A 64  ? 0.2838 0.3054 0.2470 -0.0164 0.0001  0.0410  64  SER A N   
492 C CA  . SER A 64  ? 0.2921 0.3186 0.2580 -0.0173 -0.0013 0.0512  64  SER A CA  
493 C C   . SER A 64  ? 0.3381 0.3664 0.2963 -0.0230 -0.0015 0.0434  64  SER A C   
494 O O   . SER A 64  ? 0.3234 0.3510 0.2752 -0.0252 0.0003  0.0322  64  SER A O   
495 C CB  . SER A 64  ? 0.2935 0.3487 0.2644 -0.0149 -0.0030 0.0650  64  SER A CB  
496 O OG  . SER A 64  ? 0.3146 0.3945 0.2761 -0.0217 -0.0042 0.0590  64  SER A OG  
497 N N   . SER A 65  ? 0.2824 0.3121 0.2431 -0.0250 -0.0020 0.0503  65  SER A N   
498 C CA  . SER A 65  ? 0.2214 0.2540 0.1792 -0.0283 -0.0007 0.0451  65  SER A CA  
499 C C   . SER A 65  ? 0.2532 0.3071 0.2104 -0.0308 0.0009  0.0513  65  SER A C   
500 O O   . SER A 65  ? 0.2707 0.3344 0.2305 -0.0307 -0.0008 0.0631  65  SER A O   
501 C CB  . SER A 65  ? 0.3315 0.3499 0.2933 -0.0307 -0.0025 0.0466  65  SER A CB  
502 O OG  . SER A 65  ? 0.3224 0.3375 0.2889 -0.0331 -0.0033 0.0568  65  SER A OG  
503 N N   . TYR A 66  ? 0.2413 0.3018 0.1955 -0.0325 0.0057  0.0442  66  TYR A N   
504 C CA  . TYR A 66  ? 0.2826 0.3629 0.2344 -0.0361 0.0097  0.0473  66  TYR A CA  
505 C C   . TYR A 66  ? 0.2757 0.3546 0.2301 -0.0350 0.0172  0.0406  66  TYR A C   
506 O O   . TYR A 66  ? 0.3061 0.3714 0.2621 -0.0312 0.0202  0.0332  66  TYR A O   
507 C CB  . TYR A 66  ? 0.2453 0.3452 0.1863 -0.0409 0.0115  0.0437  66  TYR A CB  
508 C CG  . TYR A 66  ? 0.2530 0.3488 0.1851 -0.0438 0.0178  0.0268  66  TYR A CG  
509 C CD1 . TYR A 66  ? 0.2651 0.3534 0.1961 -0.0428 0.0145  0.0225  66  TYR A CD1 
510 C CD2 . TYR A 66  ? 0.2778 0.3757 0.2029 -0.0481 0.0293  0.0149  66  TYR A CD2 
511 C CE1 . TYR A 66  ? 0.3043 0.3876 0.2265 -0.0477 0.0216  0.0068  66  TYR A CE1 
512 C CE2 . TYR A 66  ? 0.2525 0.3417 0.1686 -0.0524 0.0381  -0.0014 66  TYR A CE2 
513 C CZ  . TYR A 66  ? 0.2921 0.3742 0.2064 -0.0529 0.0336  -0.0051 66  TYR A CZ  
514 O OH  . TYR A 66  ? 0.3622 0.4341 0.2671 -0.0593 0.0437  -0.0217 66  TYR A OH  
515 N N   . TRP A 67  ? 0.2960 0.3898 0.2523 -0.0374 0.0215  0.0451  67  TRP A N   
516 C CA  . TRP A 67  ? 0.3370 0.4322 0.3005 -0.0340 0.0306  0.0414  67  TRP A CA  
517 C C   . TRP A 67  ? 0.3376 0.4335 0.2920 -0.0351 0.0442  0.0270  67  TRP A C   
518 O O   . TRP A 67  ? 0.3847 0.4923 0.3252 -0.0430 0.0469  0.0216  67  TRP A O   
519 C CB  . TRP A 67  ? 0.3869 0.4985 0.3584 -0.0364 0.0315  0.0517  67  TRP A CB  
520 C CG  . TRP A 67  ? 0.4139 0.5214 0.3939 -0.0383 0.0211  0.0633  67  TRP A CG  
521 C CD1 . TRP A 67  ? 0.5165 0.6261 0.4948 -0.0437 0.0154  0.0736  67  TRP A CD1 
522 C CD2 . TRP A 67  ? 0.3775 0.4776 0.3680 -0.0366 0.0162  0.0658  67  TRP A CD2 
523 N NE1 . TRP A 67  ? 0.5070 0.6061 0.4933 -0.0467 0.0092  0.0796  67  TRP A NE1 
524 C CE2 . TRP A 67  ? 0.5248 0.6210 0.5176 -0.0437 0.0085  0.0744  67  TRP A CE2 
525 C CE3 . TRP A 67  ? 0.4161 0.5138 0.4143 -0.0303 0.0183  0.0628  67  TRP A CE3 
526 C CZ2 . TRP A 67  ? 0.5489 0.6402 0.5483 -0.0481 0.0026  0.0769  67  TRP A CZ2 
527 C CZ3 . TRP A 67  ? 0.4968 0.5948 0.5030 -0.0327 0.0103  0.0688  67  TRP A CZ3 
528 C CH2 . TRP A 67  ? 0.5650 0.6606 0.5705 -0.0432 0.0023  0.0741  67  TRP A CH2 
529 N N   . GLY A 68  ? 0.3524 0.4358 0.3139 -0.0279 0.0537  0.0214  68  GLY A N   
530 C CA  . GLY A 68  ? 0.5088 0.5872 0.4640 -0.0283 0.0719  0.0073  68  GLY A CA  
531 C C   . GLY A 68  ? 0.7092 0.8044 0.6673 -0.0297 0.0831  0.0080  68  GLY A C   
532 O O   . GLY A 68  ? 0.7361 0.8489 0.7007 -0.0311 0.0754  0.0203  68  GLY A O   
533 N N   . ASP A 69  ? 0.8468 0.9344 0.7996 -0.0303 0.1037  -0.0065 69  ASP A N   
534 C CA  . ASP A 69  ? 0.9747 1.0752 0.9278 -0.0321 0.1202  -0.0106 69  ASP A CA  
535 C C   . ASP A 69  ? 1.0128 1.1352 0.9832 -0.0273 0.1141  0.0067  69  ASP A C   
536 O O   . ASP A 69  ? 1.0401 1.1675 1.0256 -0.0193 0.1289  0.0085  69  ASP A O   
537 C CB  . ASP A 69  ? 1.0617 1.1407 1.0223 -0.0231 0.1455  -0.0220 69  ASP A CB  
538 C CG  . ASP A 69  ? 1.0996 1.1632 1.0827 -0.0058 0.1427  -0.0100 69  ASP A CG  
539 O OD1 . ASP A 69  ? 1.0834 1.1336 1.0616 -0.0063 0.1305  -0.0093 69  ASP A OD1 
540 O OD2 . ASP A 69  ? 1.1248 1.1937 1.1313 0.0081  0.1522  0.0004  69  ASP A OD2 
541 N N   . GLY A 74  ? 1.0508 1.2551 1.1765 0.0375  0.1001  0.1005  74  GLY A N   
542 C CA  . GLY A 74  ? 1.0427 1.2226 1.1568 0.0384  0.0906  0.0977  74  GLY A CA  
543 C C   . GLY A 74  ? 1.0528 1.1999 1.1361 0.0292  0.0913  0.0775  74  GLY A C   
544 O O   . GLY A 74  ? 1.0902 1.2135 1.1663 0.0350  0.1082  0.0652  74  GLY A O   
545 N N   . ARG A 75  ? 0.9947 1.1412 1.0610 0.0141  0.0741  0.0746  75  ARG A N   
546 C CA  . ARG A 75  ? 0.9294 1.0527 0.9700 0.0054  0.0711  0.0598  75  ARG A CA  
547 C C   . ARG A 75  ? 0.8131 0.9224 0.8472 0.0032  0.0556  0.0616  75  ARG A C   
548 O O   . ARG A 75  ? 0.8615 0.9822 0.9028 -0.0005 0.0418  0.0723  75  ARG A O   
549 C CB  . ARG A 75  ? 0.9500 1.0829 0.9775 -0.0077 0.0654  0.0577  75  ARG A CB  
550 C CG  . ARG A 75  ? 0.9954 1.1424 1.0295 -0.0154 0.0493  0.0707  75  ARG A CG  
551 C CD  . ARG A 75  ? 1.0302 1.1820 1.0518 -0.0269 0.0450  0.0713  75  ARG A CD  
552 N NE  . ARG A 75  ? 1.0379 1.1911 1.0623 -0.0355 0.0310  0.0811  75  ARG A NE  
553 C CZ  . ARG A 75  ? 1.0476 1.2022 1.0651 -0.0450 0.0269  0.0863  75  ARG A CZ  
554 N NH1 . ARG A 75  ? 1.0331 1.1935 1.0398 -0.0468 0.0332  0.0844  75  ARG A NH1 
555 N NH2 . ARG A 75  ? 1.0570 1.2067 1.0773 -0.0534 0.0174  0.0936  75  ARG A NH2 
556 N N   . ARG A 76  ? 0.6241 0.7099 0.6437 0.0035  0.0591  0.0499  76  ARG A N   
557 C CA  . ARG A 76  ? 0.4720 0.5437 0.4849 0.0020  0.0473  0.0501  76  ARG A CA  
558 C C   . ARG A 76  ? 0.3918 0.4578 0.3882 -0.0092 0.0363  0.0443  76  ARG A C   
559 O O   . ARG A 76  ? 0.3839 0.4516 0.3698 -0.0144 0.0401  0.0372  76  ARG A O   
560 C CB  . ARG A 76  ? 0.5073 0.5568 0.5166 0.0093  0.0585  0.0427  76  ARG A CB  
561 C CG  . ARG A 76  ? 0.5783 0.6304 0.6077 0.0241  0.0699  0.0533  76  ARG A CG  
562 C CD  . ARG A 76  ? 0.7251 0.7498 0.7506 0.0311  0.0891  0.0435  76  ARG A CD  
563 N NE  . ARG A 76  ? 0.8397 0.8562 0.8546 0.0259  0.1056  0.0266  76  ARG A NE  
564 C CZ  . ARG A 76  ? 0.9180 0.9086 0.9254 0.0268  0.1259  0.0126  76  ARG A CZ  
565 N NH1 . ARG A 76  ? 0.9247 0.8928 0.9360 0.0349  0.1327  0.0155  76  ARG A NH1 
566 N NH2 . ARG A 76  ? 0.9435 0.9305 0.9380 0.0179  0.1405  -0.0047 76  ARG A NH2 
567 N N   . LYS A 77  ? 0.3021 0.3630 0.2965 -0.0129 0.0234  0.0484  77  LYS A N   
568 C CA  . LYS A 77  ? 0.2601 0.3115 0.2421 -0.0202 0.0156  0.0440  77  LYS A CA  
569 C C   . LYS A 77  ? 0.2882 0.3230 0.2596 -0.0183 0.0187  0.0337  77  LYS A C   
570 O O   . LYS A 77  ? 0.3295 0.3540 0.3016 -0.0149 0.0182  0.0333  77  LYS A O   
571 C CB  . LYS A 77  ? 0.3647 0.4142 0.3483 -0.0262 0.0043  0.0502  77  LYS A CB  
572 C CG  . LYS A 77  ? 0.3385 0.3767 0.3136 -0.0318 -0.0005 0.0483  77  LYS A CG  
573 C CD  . LYS A 77  ? 0.4801 0.5120 0.4558 -0.0397 -0.0075 0.0516  77  LYS A CD  
574 C CE  . LYS A 77  ? 0.5302 0.5528 0.5038 -0.0452 -0.0083 0.0544  77  LYS A CE  
575 N NZ  . LYS A 77  ? 0.4328 0.4444 0.4050 -0.0561 -0.0116 0.0543  77  LYS A NZ  
576 N N   . TYR A 78  ? 0.2717 0.3073 0.2336 -0.0218 0.0220  0.0263  78  TYR A N   
577 C CA  . TYR A 78  ? 0.2923 0.3164 0.2442 -0.0230 0.0249  0.0161  78  TYR A CA  
578 C C   . TYR A 78  ? 0.2867 0.3091 0.2349 -0.0259 0.0155  0.0178  78  TYR A C   
579 O O   . TYR A 78  ? 0.2948 0.3254 0.2457 -0.0277 0.0097  0.0255  78  TYR A O   
580 C CB  . TYR A 78  ? 0.2788 0.3093 0.2219 -0.0278 0.0354  0.0054  78  TYR A CB  
581 C CG  . TYR A 78  ? 0.2983 0.3180 0.2428 -0.0240 0.0507  -0.0019 78  TYR A CG  
582 C CD1 . TYR A 78  ? 0.3124 0.3385 0.2672 -0.0185 0.0576  0.0035  78  TYR A CD1 
583 C CD2 . TYR A 78  ? 0.3695 0.3718 0.3066 -0.0258 0.0603  -0.0135 78  TYR A CD2 
584 C CE1 . TYR A 78  ? 0.3324 0.3462 0.2920 -0.0122 0.0751  -0.0015 78  TYR A CE1 
585 C CE2 . TYR A 78  ? 0.4434 0.4299 0.3833 -0.0211 0.0781  -0.0193 78  TYR A CE2 
586 C CZ  . TYR A 78  ? 0.4394 0.4315 0.3916 -0.0131 0.0859  -0.0128 78  TYR A CZ  
587 O OH  . TYR A 78  ? 0.5311 0.5061 0.4894 -0.0057 0.1066  -0.0169 78  TYR A OH  
588 N N   . TYR A 79  ? 0.2900 0.3007 0.2334 -0.0260 0.0157  0.0114  79  TYR A N   
589 C CA  . TYR A 79  ? 0.2760 0.2843 0.2177 -0.0270 0.0097  0.0120  79  TYR A CA  
590 C C   . TYR A 79  ? 0.2916 0.3064 0.2265 -0.0309 0.0134  0.0033  79  TYR A C   
591 O O   . TYR A 79  ? 0.3056 0.3147 0.2348 -0.0335 0.0211  -0.0063 79  TYR A O   
592 C CB  . TYR A 79  ? 0.2387 0.2301 0.1804 -0.0255 0.0066  0.0120  79  TYR A CB  
593 C CG  . TYR A 79  ? 0.3126 0.3023 0.2594 -0.0261 0.0017  0.0198  79  TYR A CG  
594 C CD1 . TYR A 79  ? 0.3838 0.3768 0.3346 -0.0248 0.0022  0.0234  79  TYR A CD1 
595 C CD2 . TYR A 79  ? 0.3757 0.3616 0.3247 -0.0286 -0.0022 0.0242  79  TYR A CD2 
596 C CE1 . TYR A 79  ? 0.3451 0.3431 0.3008 -0.0284 -0.0033 0.0308  79  TYR A CE1 
597 C CE2 . TYR A 79  ? 0.3667 0.3506 0.3184 -0.0332 -0.0056 0.0292  79  TYR A CE2 
598 C CZ  . TYR A 79  ? 0.3774 0.3702 0.3321 -0.0343 -0.0072 0.0321  79  TYR A CZ  
599 O OH  . TYR A 79  ? 0.4424 0.4393 0.4000 -0.0419 -0.0116 0.0371  79  TYR A OH  
600 N N   . ARG A 80  ? 0.2571 0.2848 0.1939 -0.0316 0.0089  0.0077  80  ARG A N   
601 C CA  . ARG A 80  ? 0.2796 0.3221 0.2121 -0.0367 0.0103  0.0019  80  ARG A CA  
602 C C   . ARG A 80  ? 0.3069 0.3490 0.2468 -0.0320 0.0063  0.0071  80  ARG A C   
603 O O   . ARG A 80  ? 0.2937 0.3306 0.2419 -0.0256 0.0031  0.0174  80  ARG A O   
604 C CB  . ARG A 80  ? 0.3009 0.3735 0.2308 -0.0426 0.0093  0.0055  80  ARG A CB  
605 C CG  . ARG A 80  ? 0.2842 0.3679 0.2235 -0.0366 0.0028  0.0230  80  ARG A CG  
606 C CD  . ARG A 80  ? 0.2785 0.3975 0.2140 -0.0429 0.0009  0.0294  80  ARG A CD  
607 N NE  . ARG A 80  ? 0.3236 0.4698 0.2609 -0.0459 -0.0026 0.0325  80  ARG A NE  
608 C CZ  . ARG A 80  ? 0.3712 0.5316 0.3224 -0.0372 -0.0078 0.0503  80  ARG A CZ  
609 N NH1 . ARG A 80  ? 0.3557 0.4987 0.3177 -0.0263 -0.0086 0.0640  80  ARG A NH1 
610 N NH2 . ARG A 80  ? 0.3416 0.5337 0.2971 -0.0396 -0.0110 0.0548  80  ARG A NH2 
611 N N   . LEU A 81  ? 0.2529 0.2984 0.1901 -0.0356 0.0087  -0.0008 81  LEU A N   
612 C CA  . LEU A 81  ? 0.2937 0.3488 0.2404 -0.0312 0.0066  0.0051  81  LEU A CA  
613 C C   . LEU A 81  ? 0.2906 0.3789 0.2461 -0.0294 0.0021  0.0188  81  LEU A C   
614 O O   . LEU A 81  ? 0.3403 0.4538 0.2894 -0.0380 0.0008  0.0175  81  LEU A O   
615 C CB  . LEU A 81  ? 0.3082 0.3680 0.2509 -0.0378 0.0102  -0.0057 81  LEU A CB  
616 C CG  . LEU A 81  ? 0.4039 0.4358 0.3425 -0.0367 0.0144  -0.0137 81  LEU A CG  
617 C CD1 . LEU A 81  ? 0.4664 0.5079 0.4004 -0.0460 0.0188  -0.0240 81  LEU A CD1 
618 C CD2 . LEU A 81  ? 0.3861 0.4084 0.3345 -0.0271 0.0136  -0.0066 81  LEU A CD2 
619 N N   . THR A 82  ? 0.2617 0.3501 0.2315 -0.0186 0.0010  0.0324  82  THR A N   
620 C CA  . THR A 82  ? 0.2661 0.3892 0.2481 -0.0140 -0.0027 0.0503  82  THR A CA  
621 C C   . THR A 82  ? 0.2744 0.4292 0.2638 -0.0155 -0.0033 0.0515  82  THR A C   
622 O O   . THR A 82  ? 0.3298 0.4750 0.3159 -0.0194 0.0001  0.0382  82  THR A O   
623 C CB  . THR A 82  ? 0.2938 0.4011 0.2907 -0.0001 -0.0003 0.0668  82  THR A CB  
624 O OG1 . THR A 82  ? 0.3141 0.4011 0.3195 0.0075  0.0060  0.0635  82  THR A OG1 
625 C CG2 . THR A 82  ? 0.3012 0.3782 0.2905 -0.0016 0.0004  0.0643  82  THR A CG2 
626 N N   . GLU A 83  ? 0.3147 0.5118 0.3157 -0.0127 -0.0080 0.0698  83  GLU A N   
627 C CA  . GLU A 83  ? 0.3220 0.5580 0.3358 -0.0125 -0.0095 0.0760  83  GLU A CA  
628 C C   . GLU A 83  ? 0.3579 0.5714 0.3880 0.0017  -0.0020 0.0778  83  GLU A C   
629 O O   . GLU A 83  ? 0.3552 0.5783 0.3874 -0.0026 0.0003  0.0686  83  GLU A O   
630 C CB  . GLU A 83  ? 0.4026 0.6905 0.4297 -0.0087 -0.0163 0.1017  83  GLU A CB  
631 C CG  . GLU A 83  ? 0.5266 0.8429 0.5345 -0.0259 -0.0229 0.0988  83  GLU A CG  
632 C CD  . GLU A 83  ? 0.6668 0.9566 0.6670 -0.0223 -0.0224 0.1034  83  GLU A CD  
633 O OE1 . GLU A 83  ? 0.7001 0.9413 0.7032 -0.0121 -0.0168 0.1000  83  GLU A OE1 
634 O OE2 . GLU A 83  ? 0.7039 1.0247 0.6945 -0.0317 -0.0273 0.1100  83  GLU A OE2 
635 N N   . ILE A 84  ? 0.3891 0.5704 0.4296 0.0167  0.0035  0.0876  84  ILE A N   
636 C CA  . ILE A 84  ? 0.4016 0.5547 0.4542 0.0286  0.0139  0.0857  84  ILE A CA  
637 C C   . ILE A 84  ? 0.3762 0.4956 0.4100 0.0183  0.0171  0.0602  84  ILE A C   
638 O O   . ILE A 84  ? 0.4108 0.5273 0.4495 0.0199  0.0231  0.0532  84  ILE A O   
639 C CB  . ILE A 84  ? 0.5025 0.6220 0.5657 0.0428  0.0217  0.0982  84  ILE A CB  
640 C CG1 . ILE A 84  ? 0.5724 0.7251 0.6594 0.0570  0.0213  0.1283  84  ILE A CG1 
641 C CG2 . ILE A 84  ? 0.5368 0.6178 0.6056 0.0506  0.0353  0.0892  84  ILE A CG2 
642 C CD1 . ILE A 84  ? 0.6415 0.7592 0.7361 0.0680  0.0294  0.1414  84  ILE A CD1 
643 N N   . GLY A 85  ? 0.3407 0.4361 0.3543 0.0084  0.0137  0.0480  85  GLY A N   
644 C CA  . GLY A 85  ? 0.2967 0.3634 0.2936 -0.0002 0.0163  0.0282  85  GLY A CA  
645 C C   . GLY A 85  ? 0.3192 0.4061 0.3106 -0.0102 0.0159  0.0177  85  GLY A C   
646 O O   . GLY A 85  ? 0.3755 0.4471 0.3633 -0.0121 0.0213  0.0074  85  GLY A O   
647 N N   . HIS A 86  ? 0.3254 0.4476 0.3152 -0.0187 0.0105  0.0196  86  HIS A N   
648 C CA  . HIS A 86  ? 0.3054 0.4493 0.2904 -0.0315 0.0114  0.0090  86  HIS A CA  
649 C C   . HIS A 86  ? 0.3215 0.4861 0.3247 -0.0249 0.0147  0.0151  86  HIS A C   
650 O O   . HIS A 86  ? 0.3489 0.5086 0.3479 -0.0317 0.0195  0.0033  86  HIS A O   
651 C CB  . HIS A 86  ? 0.3268 0.5096 0.3059 -0.0446 0.0057  0.0097  86  HIS A CB  
652 C CG  . HIS A 86  ? 0.4366 0.5986 0.3943 -0.0566 0.0074  -0.0048 86  HIS A CG  
653 N ND1 . HIS A 86  ? 0.4649 0.6081 0.4076 -0.0693 0.0142  -0.0234 86  HIS A ND1 
654 C CD2 . HIS A 86  ? 0.4807 0.6376 0.4308 -0.0570 0.0053  -0.0026 86  HIS A CD2 
655 C CE1 . HIS A 86  ? 0.4900 0.6161 0.4186 -0.0755 0.0172  -0.0316 86  HIS A CE1 
656 N NE2 . HIS A 86  ? 0.4556 0.5909 0.3884 -0.0684 0.0117  -0.0199 86  HIS A NE2 
657 N N   . GLU A 87  ? 0.3168 0.5060 0.3421 -0.0110 0.0134  0.0351  87  GLU A N   
658 C CA  . GLU A 87  ? 0.3202 0.5332 0.3675 -0.0022 0.0183  0.0433  87  GLU A CA  
659 C C   . GLU A 87  ? 0.4048 0.5745 0.4519 0.0056  0.0295  0.0338  87  GLU A C   
660 O O   . GLU A 87  ? 0.4213 0.5996 0.4736 0.0034  0.0352  0.0276  87  GLU A O   
661 C CB  . GLU A 87  ? 0.3692 0.6160 0.4433 0.0144  0.0166  0.0707  87  GLU A CB  
662 C CG  . GLU A 87  ? 0.4895 0.7671 0.5927 0.0272  0.0231  0.0836  87  GLU A CG  
663 C CD  . GLU A 87  ? 0.5902 0.9240 0.6967 0.0119  0.0173  0.0811  87  GLU A CD  
664 O OE1 . GLU A 87  ? 0.6144 0.9532 0.6967 -0.0108 0.0110  0.0640  87  GLU A OE1 
665 O OE2 . GLU A 87  ? 0.6515 1.0251 0.7859 0.0223  0.0206  0.0967  87  GLU A OE2 
666 N N   . ASN A 88  ? 0.4135 0.5389 0.4535 0.0124  0.0331  0.0318  88  ASN A N   
667 C CA  . ASN A 88  ? 0.4069 0.4919 0.4413 0.0155  0.0437  0.0204  88  ASN A CA  
668 C C   . ASN A 88  ? 0.4461 0.5185 0.4595 0.0004  0.0436  0.0015  88  ASN A C   
669 O O   . ASN A 88  ? 0.4257 0.4884 0.4389 0.0003  0.0522  -0.0063 88  ASN A O   
670 C CB  . ASN A 88  ? 0.4787 0.5226 0.5050 0.0197  0.0460  0.0200  88  ASN A CB  
671 C CG  . ASN A 88  ? 0.5679 0.6112 0.6164 0.0364  0.0527  0.0376  88  ASN A CG  
672 O OD1 . ASN A 88  ? 0.5907 0.6683 0.6630 0.0474  0.0546  0.0533  88  ASN A OD1 
673 N ND2 . ASN A 88  ? 0.6571 0.6631 0.6992 0.0382  0.0571  0.0363  88  ASN A ND2 
674 N N   . MET A 89  ? 0.3871 0.4576 0.3827 -0.0121 0.0359  -0.0056 89  MET A N   
675 C CA  . MET A 89  ? 0.4147 0.4707 0.3920 -0.0251 0.0378  -0.0208 89  MET A CA  
676 C C   . MET A 89  ? 0.4749 0.5596 0.4592 -0.0319 0.0412  -0.0242 89  MET A C   
677 O O   . MET A 89  ? 0.4695 0.5406 0.4469 -0.0365 0.0479  -0.0333 89  MET A O   
678 C CB  . MET A 89  ? 0.4126 0.4619 0.3738 -0.0352 0.0322  -0.0261 89  MET A CB  
679 C CG  . MET A 89  ? 0.5006 0.5215 0.4529 -0.0313 0.0293  -0.0246 89  MET A CG  
680 S SD  . MET A 89  ? 0.5545 0.5658 0.4898 -0.0423 0.0280  -0.0326 89  MET A SD  
681 C CE  . MET A 89  ? 0.5906 0.5788 0.5135 -0.0490 0.0354  -0.0425 89  MET A CE  
682 N N   . ARG A 90  ? 0.4271 0.5552 0.4243 -0.0343 0.0364  -0.0166 90  ARG A N   
683 C CA  . ARG A 90  ? 0.4359 0.5988 0.4403 -0.0441 0.0388  -0.0198 90  ARG A CA  
684 C C   . ARG A 90  ? 0.4058 0.5744 0.4288 -0.0323 0.0473  -0.0149 90  ARG A C   
685 O O   . ARG A 90  ? 0.4283 0.6007 0.4495 -0.0406 0.0535  -0.0238 90  ARG A O   
686 C CB  . ARG A 90  ? 0.4617 0.6776 0.4766 -0.0502 0.0306  -0.0104 90  ARG A CB  
687 C CG  . ARG A 90  ? 0.5155 0.7741 0.5360 -0.0657 0.0316  -0.0148 90  ARG A CG  
688 C CD  . ARG A 90  ? 0.5679 0.8892 0.6030 -0.0697 0.0223  -0.0007 90  ARG A CD  
689 N NE  . ARG A 90  ? 0.6418 0.9841 0.7053 -0.0455 0.0206  0.0236  90  ARG A NE  
690 C CZ  . ARG A 90  ? 0.6596 1.0338 0.7510 -0.0340 0.0250  0.0363  90  ARG A CZ  
691 N NH1 . ARG A 90  ? 0.6385 1.0305 0.7318 -0.0463 0.0298  0.0262  90  ARG A NH1 
692 N NH2 . ARG A 90  ? 0.6639 1.0515 0.7825 -0.0098 0.0264  0.0599  90  ARG A NH2 
693 N N   . LEU A 91  ? 0.3603 0.5275 0.4017 -0.0131 0.0498  -0.0011 91  LEU A N   
694 C CA  . LEU A 91  ? 0.4117 0.5787 0.4719 0.0000  0.0619  0.0028  91  LEU A CA  
695 C C   . LEU A 91  ? 0.4089 0.5302 0.4490 -0.0046 0.0711  -0.0143 91  LEU A C   
696 O O   . LEU A 91  ? 0.4070 0.5339 0.4520 -0.0060 0.0805  -0.0198 91  LEU A O   
697 C CB  . LEU A 91  ? 0.4218 0.5858 0.5039 0.0219  0.0663  0.0203  91  LEU A CB  
698 C CG  . LEU A 91  ? 0.4729 0.6879 0.5790 0.0299  0.0582  0.0430  91  LEU A CG  
699 C CD1 . LEU A 91  ? 0.4512 0.6534 0.5789 0.0532  0.0658  0.0618  91  LEU A CD1 
700 C CD2 . LEU A 91  ? 0.4863 0.7589 0.6138 0.0277  0.0585  0.0502  91  LEU A CD2 
701 N N   . ALA A 92  ? 0.4552 0.5353 0.4729 -0.0082 0.0681  -0.0217 92  ALA A N   
702 C CA  . ALA A 92  ? 0.4157 0.4576 0.4120 -0.0146 0.0747  -0.0356 92  ALA A CA  
703 C C   . ALA A 92  ? 0.4813 0.5281 0.4635 -0.0304 0.0746  -0.0457 92  ALA A C   
704 O O   . ALA A 92  ? 0.4690 0.5044 0.4440 -0.0343 0.0836  -0.0536 92  ALA A O   
705 C CB  . ALA A 92  ? 0.4477 0.4546 0.4247 -0.0164 0.0691  -0.0383 92  ALA A CB  
706 N N   . PHE A 93  ? 0.4086 0.4705 0.3854 -0.0408 0.0662  -0.0462 93  PHE A N   
707 C CA  . PHE A 93  ? 0.4475 0.5094 0.4107 -0.0571 0.0686  -0.0560 93  PHE A CA  
708 C C   . PHE A 93  ? 0.4484 0.5424 0.4268 -0.0606 0.0756  -0.0569 93  PHE A C   
709 O O   . PHE A 93  ? 0.5088 0.5928 0.4772 -0.0699 0.0832  -0.0650 93  PHE A O   
710 C CB  . PHE A 93  ? 0.5330 0.6035 0.4886 -0.0686 0.0616  -0.0581 93  PHE A CB  
711 C CG  . PHE A 93  ? 0.5774 0.6387 0.5176 -0.0861 0.0672  -0.0690 93  PHE A CG  
712 C CD1 . PHE A 93  ? 0.6254 0.6466 0.5453 -0.0895 0.0701  -0.0733 93  PHE A CD1 
713 C CD2 . PHE A 93  ? 0.6257 0.7195 0.5726 -0.0998 0.0703  -0.0736 93  PHE A CD2 
714 C CE1 . PHE A 93  ? 0.6431 0.6514 0.5503 -0.1044 0.0778  -0.0813 93  PHE A CE1 
715 C CE2 . PHE A 93  ? 0.6296 0.7104 0.5616 -0.1178 0.0778  -0.0845 93  PHE A CE2 
716 C CZ  . PHE A 93  ? 0.6251 0.6603 0.5373 -0.1193 0.0824  -0.0880 93  PHE A CZ  
717 N N   . GLU A 94  ? 0.4127 0.5484 0.4165 -0.0531 0.0734  -0.0465 94  GLU A N   
718 C CA  . GLU A 94  ? 0.4407 0.6155 0.4634 -0.0558 0.0797  -0.0450 94  GLU A CA  
719 C C   . GLU A 94  ? 0.4585 0.6172 0.4875 -0.0450 0.0930  -0.0467 94  GLU A C   
720 O O   . GLU A 94  ? 0.4946 0.6635 0.5242 -0.0535 0.1013  -0.0530 94  GLU A O   
721 C CB  . GLU A 94  ? 0.5024 0.7319 0.5534 -0.0486 0.0734  -0.0292 94  GLU A CB  
722 C CG  . GLU A 94  ? 0.5565 0.8097 0.5989 -0.0641 0.0614  -0.0297 94  GLU A CG  
723 C CD  . GLU A 94  ? 0.6414 0.9539 0.7106 -0.0573 0.0536  -0.0111 94  GLU A CD  
724 O OE1 . GLU A 94  ? 0.6819 1.0217 0.7802 -0.0407 0.0587  0.0031  94  GLU A OE1 
725 O OE2 . GLU A 94  ? 0.6465 0.9792 0.7081 -0.0681 0.0435  -0.0097 94  GLU A OE2 
726 N N   . SER A 95  ? 0.4564 0.5885 0.4885 -0.0281 0.0970  -0.0425 95  SER A N   
727 C CA  . SER A 95  ? 0.4205 0.5358 0.4573 -0.0192 0.1127  -0.0466 95  SER A CA  
728 C C   . SER A 95  ? 0.4660 0.5429 0.4711 -0.0325 0.1173  -0.0618 95  SER A C   
729 O O   . SER A 95  ? 0.4915 0.5683 0.4962 -0.0351 0.1298  -0.0684 95  SER A O   
730 C CB  . SER A 95  ? 0.3893 0.4844 0.4377 0.0001  0.1187  -0.0395 95  SER A CB  
731 O OG  . SER A 95  ? 0.5153 0.5736 0.5409 -0.0032 0.1106  -0.0433 95  SER A OG  
732 N N   . TRP A 96  ? 0.4151 0.4619 0.3945 -0.0405 0.1080  -0.0660 96  TRP A N   
733 C CA  . TRP A 96  ? 0.4407 0.4583 0.3916 -0.0532 0.1112  -0.0760 96  TRP A CA  
734 C C   . TRP A 96  ? 0.4940 0.5275 0.4406 -0.0681 0.1132  -0.0798 96  TRP A C   
735 O O   . TRP A 96  ? 0.4715 0.4922 0.4032 -0.0765 0.1215  -0.0862 96  TRP A O   
736 C CB  . TRP A 96  ? 0.4870 0.4746 0.4157 -0.0567 0.1010  -0.0759 96  TRP A CB  
737 C CG  . TRP A 96  ? 0.4990 0.4623 0.4221 -0.0487 0.1027  -0.0767 96  TRP A CG  
738 C CD1 . TRP A 96  ? 0.4785 0.4376 0.4101 -0.0395 0.0967  -0.0707 96  TRP A CD1 
739 C CD2 . TRP A 96  ? 0.5268 0.4674 0.4332 -0.0523 0.1125  -0.0851 96  TRP A CD2 
740 N NE1 . TRP A 96  ? 0.4868 0.4198 0.4083 -0.0378 0.1024  -0.0756 96  TRP A NE1 
741 C CE2 . TRP A 96  ? 0.4806 0.4026 0.3857 -0.0463 0.1122  -0.0853 96  TRP A CE2 
742 C CE3 . TRP A 96  ? 0.5439 0.4785 0.4346 -0.0618 0.1220  -0.0929 96  TRP A CE3 
743 C CZ2 . TRP A 96  ? 0.4576 0.3553 0.3447 -0.0514 0.1214  -0.0951 96  TRP A CZ2 
744 C CZ3 . TRP A 96  ? 0.5143 0.4268 0.3867 -0.0658 0.1306  -0.1015 96  TRP A CZ3 
745 C CH2 . TRP A 96  ? 0.4542 0.3488 0.3247 -0.0615 0.1304  -0.1035 96  TRP A CH2 
746 N N   . SER A 97  ? 0.4717 0.5342 0.4302 -0.0736 0.1067  -0.0766 97  SER A N   
747 C CA  . SER A 97  ? 0.5127 0.5914 0.4685 -0.0905 0.1108  -0.0820 97  SER A CA  
748 C C   . SER A 97  ? 0.5080 0.6121 0.4800 -0.0893 0.1227  -0.0831 97  SER A C   
749 O O   . SER A 97  ? 0.5232 0.6233 0.4845 -0.1024 0.1309  -0.0896 97  SER A O   
750 C CB  . SER A 97  ? 0.5683 0.6769 0.5328 -0.0997 0.1026  -0.0804 97  SER A CB  
751 O OG  . SER A 97  ? 0.6765 0.7999 0.6374 -0.1194 0.1083  -0.0876 97  SER A OG  
752 N N   . ARG A 98  ? 0.4488 0.5788 0.4482 -0.0727 0.1255  -0.0756 98  ARG A N   
753 C CA  . ARG A 98  ? 0.4380 0.5916 0.4563 -0.0681 0.1396  -0.0757 98  ARG A CA  
754 C C   . ARG A 98  ? 0.4537 0.5689 0.4513 -0.0683 0.1522  -0.0852 98  ARG A C   
755 O O   . ARG A 98  ? 0.4351 0.5598 0.4332 -0.0752 0.1643  -0.0905 98  ARG A O   
756 C CB  . ARG A 98  ? 0.4936 0.6786 0.5479 -0.0465 0.1423  -0.0627 98  ARG A CB  
757 C CG  . ARG A 98  ? 0.5274 0.7643 0.6050 -0.0474 0.1301  -0.0504 98  ARG A CG  
758 C CD  . ARG A 98  ? 0.5966 0.8712 0.7146 -0.0238 0.1351  -0.0328 98  ARG A CD  
759 N NE  . ARG A 98  ? 0.6776 0.9227 0.7976 -0.0048 0.1337  -0.0253 98  ARG A NE  
760 C CZ  . ARG A 98  ? 0.7254 0.9820 0.8491 -0.0015 0.1194  -0.0143 98  ARG A CZ  
761 N NH1 . ARG A 98  ? 0.7433 1.0404 0.8672 -0.0166 0.1056  -0.0110 98  ARG A NH1 
762 N NH2 . ARG A 98  ? 0.7350 0.9623 0.8605 0.0150  0.1201  -0.0076 98  ARG A NH2 
763 N N   . VAL A 99  ? 0.4465 0.5210 0.4248 -0.0627 0.1497  -0.0876 99  VAL A N   
764 C CA  . VAL A 99  ? 0.4295 0.4696 0.3825 -0.0672 0.1597  -0.0972 99  VAL A CA  
765 C C   . VAL A 99  ? 0.4443 0.4752 0.3721 -0.0867 0.1590  -0.1018 99  VAL A C   
766 O O   . VAL A 99  ? 0.4479 0.4755 0.3655 -0.0938 0.1714  -0.1080 99  VAL A O   
767 C CB  . VAL A 99  ? 0.4831 0.4870 0.4186 -0.0619 0.1539  -0.0983 99  VAL A CB  
768 C CG1 . VAL A 99  ? 0.5232 0.4963 0.4263 -0.0723 0.1609  -0.1080 99  VAL A CG1 
769 C CG2 . VAL A 99  ? 0.4892 0.4952 0.4486 -0.0430 0.1595  -0.0944 99  VAL A CG2 
770 N N   . ASP A 100 ? 0.4928 0.5178 0.4105 -0.0953 0.1464  -0.0983 100 ASP A N   
771 C CA  . ASP A 100 ? 0.5380 0.5499 0.4336 -0.1125 0.1478  -0.1003 100 ASP A CA  
772 C C   . ASP A 100 ? 0.5192 0.5581 0.4255 -0.1230 0.1589  -0.1039 100 ASP A C   
773 O O   . ASP A 100 ? 0.5124 0.5381 0.4045 -0.1319 0.1634  -0.1050 100 ASP A O   
774 C CB  . ASP A 100 ? 0.6523 0.6549 0.5416 -0.1185 0.1364  -0.0964 100 ASP A CB  
775 C CG  . ASP A 100 ? 0.7377 0.7088 0.6095 -0.1123 0.1273  -0.0919 100 ASP A CG  
776 O OD1 . ASP A 100 ? 0.8092 0.7644 0.6678 -0.1086 0.1294  -0.0924 100 ASP A OD1 
777 O OD2 . ASP A 100 ? 0.7868 0.7514 0.6581 -0.1126 0.1187  -0.0884 100 ASP A OD2 
778 N N   . LYS A 101 ? 0.4867 0.5657 0.4220 -0.1207 0.1581  -0.1022 101 LYS A N   
779 C CA  . LYS A 101 ? 0.4916 0.6019 0.4399 -0.1314 0.1668  -0.1044 101 LYS A CA  
780 C C   . LYS A 101 ? 0.4532 0.5675 0.4091 -0.1222 0.1791  -0.1060 101 LYS A C   
781 O O   . LYS A 101 ? 0.4380 0.5575 0.3915 -0.1319 0.1849  -0.1082 101 LYS A O   
782 C CB  . LYS A 101 ? 0.5172 0.6786 0.4955 -0.1329 0.1623  -0.1006 101 LYS A CB  
783 C CG  . LYS A 101 ? 0.5482 0.7055 0.5174 -0.1446 0.1497  -0.1011 101 LYS A CG  
784 C CD  . LYS A 101 ? 0.6079 0.8217 0.6021 -0.1535 0.1450  -0.0988 101 LYS A CD  
785 C CE  . LYS A 101 ? 0.6700 0.8864 0.6618 -0.1553 0.1311  -0.0968 101 LYS A CE  
786 N NZ  . LYS A 101 ? 0.7096 0.8722 0.6699 -0.1635 0.1294  -0.1034 101 LYS A NZ  
787 N N   . ILE A 102 ? 0.3830 0.4924 0.3473 -0.1043 0.1847  -0.1058 102 ILE A N   
788 C CA  . ILE A 102 ? 0.3911 0.4951 0.3584 -0.0962 0.1984  -0.1095 102 ILE A CA  
789 C C   . ILE A 102 ? 0.4132 0.4805 0.3454 -0.1086 0.1978  -0.1143 102 ILE A C   
790 O O   . ILE A 102 ? 0.4299 0.5020 0.3603 -0.1140 0.2065  -0.1172 102 ILE A O   
791 C CB  . ILE A 102 ? 0.3920 0.4859 0.3710 -0.0758 0.2055  -0.1098 102 ILE A CB  
792 C CG1 . ILE A 102 ? 0.3974 0.5357 0.4205 -0.0595 0.2091  -0.1002 102 ILE A CG1 
793 C CG2 . ILE A 102 ? 0.4201 0.4912 0.3888 -0.0719 0.2187  -0.1170 102 ILE A CG2 
794 C CD1 . ILE A 102 ? 0.3889 0.5118 0.4264 -0.0372 0.2124  -0.0956 102 ILE A CD1 
795 N N   . ILE A 103 ? 0.4705 0.5042 0.3761 -0.1129 0.1873  -0.1138 103 ILE A N   
796 C CA  . ILE A 103 ? 0.5010 0.5061 0.3758 -0.1237 0.1855  -0.1144 103 ILE A CA  
797 C C   . ILE A 103 ? 0.5501 0.5604 0.4185 -0.1393 0.1859  -0.1119 103 ILE A C   
798 O O   . ILE A 103 ? 0.5542 0.5581 0.4093 -0.1473 0.1919  -0.1131 103 ILE A O   
799 C CB  . ILE A 103 ? 0.5252 0.5015 0.3782 -0.1237 0.1733  -0.1105 103 ILE A CB  
800 C CG1 . ILE A 103 ? 0.5060 0.4733 0.3626 -0.1112 0.1746  -0.1147 103 ILE A CG1 
801 C CG2 . ILE A 103 ? 0.5067 0.4623 0.3307 -0.1360 0.1700  -0.1065 103 ILE A CG2 
802 C CD1 . ILE A 103 ? 0.5786 0.5249 0.4198 -0.1100 0.1616  -0.1106 103 ILE A CD1 
803 N N   . GLU A 104 ? 0.5237 0.5450 0.4010 -0.1451 0.1805  -0.1091 104 GLU A N   
804 C CA  . GLU A 104 ? 0.5966 0.6226 0.4709 -0.1612 0.1829  -0.1085 104 GLU A CA  
805 C C   . GLU A 104 ? 0.5857 0.6375 0.4737 -0.1637 0.1940  -0.1123 104 GLU A C   
806 O O   . GLU A 104 ? 0.6298 0.6732 0.5046 -0.1751 0.1990  -0.1122 104 GLU A O   
807 C CB  . GLU A 104 ? 0.6626 0.7027 0.5493 -0.1675 0.1770  -0.1083 104 GLU A CB  
808 C CG  . GLU A 104 ? 0.8716 0.9156 0.7563 -0.1860 0.1801  -0.1102 104 GLU A CG  
809 C CD  . GLU A 104 ? 1.0395 1.0424 0.8984 -0.1954 0.1788  -0.1065 104 GLU A CD  
810 O OE1 . GLU A 104 ? 1.0630 1.0404 0.9085 -0.1872 0.1735  -0.1012 104 GLU A OE1 
811 O OE2 . GLU A 104 ? 1.1083 1.1044 0.9611 -0.2104 0.1839  -0.1081 104 GLU A OE2 
812 N N   . ASN A 105 ? 0.4877 0.5725 0.4039 -0.1519 0.1990  -0.1140 105 ASN A N   
813 C CA  . ASN A 105 ? 0.4771 0.5902 0.4105 -0.1515 0.2108  -0.1160 105 ASN A CA  
814 C C   . ASN A 105 ? 0.5821 0.6740 0.4984 -0.1490 0.2203  -0.1199 105 ASN A C   
815 O O   . ASN A 105 ? 0.6069 0.7094 0.5237 -0.1560 0.2295  -0.1218 105 ASN A O   
816 C CB  . ASN A 105 ? 0.4911 0.6461 0.4621 -0.1359 0.2152  -0.1132 105 ASN A CB  
817 C CG  . ASN A 105 ? 0.5721 0.7667 0.5645 -0.1447 0.2079  -0.1092 105 ASN A CG  
818 O OD1 . ASN A 105 ? 0.6451 0.8441 0.6303 -0.1631 0.2062  -0.1112 105 ASN A OD1 
819 N ND2 . ASN A 105 ? 0.5632 0.7876 0.5815 -0.1326 0.2035  -0.1033 105 ASN A ND2 
820 N N   . LEU A 106 ? 0.4744 0.5377 0.3745 -0.1409 0.2182  -0.1217 106 LEU A N   
821 C CA  . LEU A 106 ? 0.4999 0.5449 0.3820 -0.1412 0.2264  -0.1268 106 LEU A CA  
822 C C   . LEU A 106 ? 0.6650 0.6912 0.5170 -0.1587 0.2234  -0.1243 106 LEU A C   
823 O O   . LEU A 106 ? 0.6070 0.6298 0.4471 -0.1637 0.2322  -0.1282 106 LEU A O   
824 C CB  . LEU A 106 ? 0.5013 0.5221 0.3733 -0.1314 0.2237  -0.1299 106 LEU A CB  
825 C CG  . LEU A 106 ? 0.4911 0.5222 0.3901 -0.1122 0.2306  -0.1323 106 LEU A CG  
826 C CD1 . LEU A 106 ? 0.4937 0.4945 0.3765 -0.1078 0.2244  -0.1348 106 LEU A CD1 
827 C CD2 . LEU A 106 ? 0.5097 0.5554 0.4268 -0.1032 0.2495  -0.1377 106 LEU A CD2 
828 N N   . GLU A 107 ? 0.6864 0.7001 0.5264 -0.1676 0.2125  -0.1174 107 GLU A N   
829 C CA  . GLU A 107 ? 0.7787 0.7748 0.5926 -0.1821 0.2114  -0.1119 107 GLU A CA  
830 C C   . GLU A 107 ? 0.8398 0.8529 0.6622 -0.1932 0.2194  -0.1123 107 GLU A C   
831 O O   . GLU A 107 ? 0.9225 0.9417 0.7395 -0.1982 0.2290  -0.1151 107 GLU A O   
832 C CB  . GLU A 107 ? 0.7952 0.7681 0.5936 -0.1852 0.1997  -0.1027 107 GLU A CB  
833 C CG  . GLU A 107 ? 0.8791 0.8332 0.6586 -0.1797 0.1919  -0.0992 107 GLU A CG  
834 C CD  . GLU A 107 ? 0.9496 0.8948 0.7338 -0.1719 0.1813  -0.0955 107 GLU A CD  
835 O OE1 . GLU A 107 ? 0.9698 0.9193 0.7673 -0.1732 0.1800  -0.0946 107 GLU A OE1 
836 O OE2 . GLU A 107 ? 0.9892 0.9243 0.7635 -0.1660 0.1746  -0.0944 107 GLU A OE2 
837 N N   . ALA A 108 ? 0.8654 0.8863 0.7002 -0.1988 0.2159  -0.1106 108 ALA A N   
838 C CA  . ALA A 108 ? 0.9684 1.0065 0.8119 -0.2117 0.2227  -0.1121 108 ALA A CA  
839 C C   . ALA A 108 ? 0.9898 1.0608 0.8632 -0.2111 0.2207  -0.1157 108 ALA A C   
840 O O   . ALA A 108 ? 1.0357 1.1292 0.9209 -0.2222 0.2253  -0.1179 108 ALA A O   
841 C CB  . ALA A 108 ? 1.0002 1.0101 0.8210 -0.2263 0.2217  -0.1055 108 ALA A CB  
# 
